data_3RHP
#
_entry.id   3RHP
#
_cell.length_a   261.400
_cell.length_b   194.900
_cell.length_c   97.110
_cell.angle_alpha   90.00
_cell.angle_beta   108.70
_cell.angle_gamma   90.00
#
_symmetry.space_group_name_H-M   'C 1 2 1'
#
loop_
_entity.id
_entity.type
_entity.pdbx_description
1 polymer 'Aldehyde dehydrogenase 1 family, member L1'
2 non-polymer 'SULFATE ION'
3 non-polymer GLYCEROL
4 water water
#
_entity_poly.entity_id   1
_entity_poly.type   'polypeptide(L)'
_entity_poly.pdbx_seq_one_letter_code
;MRGSHHHHHTTGEDDESECVINYVEKAVNKLTLQMPYQLFIGGEFVDAEGSKTYNTINPTDGSVICQVSLAQVSDVDKAV
AAAKEAFENGLWGKINARDRGRLLYRLADVMEQHQEELATIEALDAGAVYTLALKTHVGMSIQTFRYFAGWCDKIQGATI
PINQARPNRNLTLTKKEPVGVCGIVIPWNYPLMMLSWKTAACLAAGNTVVIKPAQVTPLTALKFAELTLKAGIPKGVVNI
LPGSGSLVGQRLSDHPDVRKIGFTGSTEVGKHIMKSCALSNVKKVSLELGGKSPLIIFADCDLNKAVQMGMSSVFFNKGE
NAIAAGRLFVEESIHNQFVQKVVEEVEKMKIGNPLERDTNHGPQNHEAHLRKLVEYCQRGVKEGATLVCGGNQVPRPGFF
FQPTVFTDVEDHMYIAKEESFGPIMIISRFADGDVDAVLSRANATEFGLASGVFTRDINKALYVSDKLQAGTVFINTYNK
TDVAAPFGGFKQSGFGKDLGEAALNEYLRIKTVTFEY
;
_entity_poly.pdbx_strand_id   A,B,C,D
#
# COMPACT_ATOMS: atom_id res chain seq x y z
N VAL A 20 7.56 -23.72 -39.53
CA VAL A 20 8.73 -24.67 -39.25
C VAL A 20 10.03 -23.94 -38.81
N ILE A 21 10.69 -24.50 -37.80
CA ILE A 21 11.86 -23.90 -37.21
C ILE A 21 13.07 -24.80 -37.42
N ASN A 22 14.21 -24.21 -37.77
CA ASN A 22 15.44 -24.97 -37.75
C ASN A 22 15.98 -25.22 -36.34
N TYR A 23 16.35 -26.45 -36.04
CA TYR A 23 16.91 -26.83 -34.73
C TYR A 23 18.36 -27.40 -34.81
N VAL A 24 19.07 -27.41 -33.70
CA VAL A 24 20.20 -28.25 -33.58
C VAL A 24 19.70 -29.35 -32.70
N GLU A 25 19.75 -30.56 -33.21
CA GLU A 25 19.28 -31.74 -32.48
C GLU A 25 20.40 -32.43 -31.67
N LYS A 26 20.11 -32.90 -30.48
CA LYS A 26 21.12 -33.65 -29.73
C LYS A 26 20.48 -34.64 -28.75
N ALA A 27 21.00 -35.86 -28.74
CA ALA A 27 20.44 -36.87 -27.89
C ALA A 27 21.31 -36.84 -26.69
N VAL A 28 20.77 -36.35 -25.58
CA VAL A 28 21.56 -36.34 -24.37
C VAL A 28 20.67 -36.37 -23.18
N ASN A 29 21.14 -36.91 -22.09
CA ASN A 29 20.34 -36.94 -20.86
C ASN A 29 18.97 -37.63 -20.98
N LYS A 30 18.86 -38.72 -21.72
CA LYS A 30 17.58 -39.37 -21.86
C LYS A 30 16.57 -38.47 -22.54
N LEU A 31 16.97 -37.39 -23.21
CA LEU A 31 15.94 -36.72 -23.98
C LEU A 31 16.50 -36.35 -25.31
N THR A 32 15.71 -35.67 -26.15
CA THR A 32 16.20 -35.17 -27.42
C THR A 32 16.05 -33.66 -27.37
N LEU A 33 17.13 -32.92 -27.07
CA LEU A 33 17.11 -31.47 -27.20
C LEU A 33 16.89 -31.14 -28.66
N GLN A 34 15.96 -30.23 -28.91
CA GLN A 34 15.79 -29.56 -30.18
C GLN A 34 16.03 -28.03 -29.95
N MET A 35 17.22 -27.52 -30.27
CA MET A 35 17.66 -26.15 -29.90
C MET A 35 17.55 -25.11 -31.01
N PRO A 36 16.75 -24.04 -30.83
CA PRO A 36 16.84 -23.05 -31.92
C PRO A 36 18.19 -22.36 -31.74
N TYR A 37 18.77 -21.79 -32.79
CA TYR A 37 20.14 -21.28 -32.74
C TYR A 37 20.28 -19.88 -33.37
N GLN A 38 19.14 -19.37 -33.84
CA GLN A 38 19.02 -18.16 -34.59
C GLN A 38 18.50 -16.92 -33.81
N LEU A 39 18.35 -15.79 -34.49
CA LEU A 39 17.71 -14.65 -33.87
C LEU A 39 16.20 -14.81 -33.78
N PHE A 40 15.65 -14.39 -32.66
CA PHE A 40 14.19 -14.34 -32.60
C PHE A 40 13.79 -12.90 -32.81
N ILE A 41 13.11 -12.64 -33.92
CA ILE A 41 12.65 -11.30 -34.19
C ILE A 41 11.21 -11.31 -34.68
N GLY A 42 10.30 -10.67 -33.95
CA GLY A 42 8.96 -10.50 -34.47
C GLY A 42 8.32 -11.84 -34.81
N GLY A 43 8.53 -12.84 -33.97
CA GLY A 43 7.77 -14.03 -34.08
C GLY A 43 8.43 -15.08 -34.90
N GLU A 44 9.44 -14.74 -35.67
CA GLU A 44 10.22 -15.80 -36.40
C GLU A 44 11.69 -15.90 -36.01
N PHE A 45 12.28 -17.09 -36.14
CA PHE A 45 13.75 -17.28 -36.05
C PHE A 45 14.40 -16.93 -37.39
N VAL A 46 15.29 -15.96 -37.40
CA VAL A 46 15.86 -15.54 -38.67
C VAL A 46 17.34 -15.49 -38.48
N ASP A 47 18.05 -15.51 -39.60
CA ASP A 47 19.49 -15.41 -39.60
C ASP A 47 19.87 -13.96 -39.32
N ALA A 48 21.07 -13.68 -38.80
CA ALA A 48 21.56 -12.29 -38.68
C ALA A 48 21.86 -11.65 -40.05
N GLU A 49 22.18 -10.35 -40.08
CA GLU A 49 22.71 -9.74 -41.34
C GLU A 49 23.98 -10.49 -41.81
N GLY A 50 23.98 -10.80 -43.10
CA GLY A 50 25.10 -11.45 -43.74
C GLY A 50 25.31 -12.86 -43.25
N SER A 51 24.23 -13.48 -42.75
CA SER A 51 24.32 -14.77 -42.10
C SER A 51 25.48 -14.99 -41.10
N LYS A 52 26.03 -13.95 -40.49
CA LYS A 52 27.12 -14.14 -39.54
C LYS A 52 26.69 -14.96 -38.31
N THR A 53 27.67 -15.67 -37.75
CA THR A 53 27.45 -16.53 -36.62
C THR A 53 28.69 -16.59 -35.77
N TYR A 54 28.56 -17.11 -34.55
CA TYR A 54 29.71 -17.39 -33.66
C TYR A 54 29.53 -18.74 -32.99
N ASN A 55 30.58 -19.26 -32.36
CA ASN A 55 30.44 -20.58 -31.81
C ASN A 55 29.98 -20.49 -30.36
N THR A 56 29.20 -21.43 -29.82
CA THR A 56 29.00 -21.45 -28.33
C THR A 56 29.67 -22.67 -27.72
N ILE A 57 30.29 -22.56 -26.57
CA ILE A 57 31.16 -23.66 -26.15
C ILE A 57 30.64 -24.40 -24.91
N ASN A 58 30.83 -25.73 -24.85
CA ASN A 58 30.38 -26.55 -23.77
C ASN A 58 31.47 -26.58 -22.73
N PRO A 59 31.26 -25.98 -21.53
CA PRO A 59 32.40 -26.00 -20.55
C PRO A 59 32.74 -27.32 -19.87
N THR A 60 32.04 -28.39 -20.19
CA THR A 60 32.31 -29.66 -19.54
C THR A 60 33.45 -30.35 -20.32
N ASP A 61 33.45 -30.17 -21.67
CA ASP A 61 34.46 -30.85 -22.48
C ASP A 61 35.27 -29.93 -23.40
N GLY A 62 35.01 -28.64 -23.38
CA GLY A 62 35.73 -27.79 -24.30
C GLY A 62 35.20 -27.70 -25.70
N SER A 63 34.20 -28.49 -26.09
CA SER A 63 33.75 -28.56 -27.51
C SER A 63 32.69 -27.52 -27.99
N VAL A 64 32.44 -27.50 -29.28
CA VAL A 64 31.56 -26.48 -29.85
C VAL A 64 30.16 -27.07 -29.87
N ILE A 65 29.25 -26.55 -29.04
CA ILE A 65 27.89 -27.08 -29.04
C ILE A 65 27.32 -26.84 -30.42
N CYS A 66 27.32 -25.59 -30.87
CA CYS A 66 26.79 -25.27 -32.19
C CYS A 66 27.09 -23.85 -32.68
N GLN A 67 26.65 -23.58 -33.89
CA GLN A 67 26.78 -22.23 -34.44
C GLN A 67 25.52 -21.36 -34.07
N VAL A 68 25.74 -20.11 -33.62
CA VAL A 68 24.66 -19.24 -33.11
C VAL A 68 24.69 -17.92 -33.84
N SER A 69 23.55 -17.42 -34.34
CA SER A 69 23.63 -16.16 -35.11
C SER A 69 24.25 -15.03 -34.28
N LEU A 70 24.98 -14.14 -34.96
CA LEU A 70 25.75 -13.05 -34.32
C LEU A 70 25.14 -11.70 -34.74
N ALA A 71 24.47 -11.01 -33.82
CA ALA A 71 23.48 -10.04 -34.22
C ALA A 71 24.15 -8.78 -34.64
N GLN A 72 23.64 -8.18 -35.72
CA GLN A 72 24.24 -6.98 -36.28
C GLN A 72 23.38 -5.70 -35.96
N VAL A 73 24.01 -4.53 -35.97
CA VAL A 73 23.25 -3.30 -35.78
C VAL A 73 21.88 -3.25 -36.51
N SER A 74 21.81 -3.67 -37.74
CA SER A 74 20.57 -3.53 -38.42
C SER A 74 19.56 -4.53 -37.87
N ASP A 75 20.04 -5.56 -37.17
CA ASP A 75 19.11 -6.52 -36.57
C ASP A 75 18.51 -5.96 -35.29
N VAL A 76 19.35 -5.30 -34.49
CA VAL A 76 18.90 -4.63 -33.28
C VAL A 76 17.77 -3.71 -33.61
N ASP A 77 17.88 -2.98 -34.71
CA ASP A 77 16.87 -2.05 -35.12
C ASP A 77 15.61 -2.77 -35.51
N LYS A 78 15.76 -3.91 -36.17
CA LYS A 78 14.58 -4.64 -36.63
C LYS A 78 13.86 -5.23 -35.40
N ALA A 79 14.67 -5.62 -34.39
CA ALA A 79 14.14 -6.17 -33.16
C ALA A 79 13.40 -5.07 -32.44
N VAL A 80 14.02 -3.89 -32.27
CA VAL A 80 13.34 -2.70 -31.74
C VAL A 80 12.07 -2.34 -32.49
N ALA A 81 12.07 -2.39 -33.82
CA ALA A 81 10.84 -1.93 -34.60
C ALA A 81 9.69 -2.86 -34.34
N ALA A 82 10.02 -4.14 -34.08
CA ALA A 82 9.00 -5.15 -33.89
C ALA A 82 8.48 -5.09 -32.45
N ALA A 83 9.40 -4.93 -31.49
CA ALA A 83 8.94 -4.61 -30.13
C ALA A 83 8.02 -3.38 -30.13
N LYS A 84 8.33 -2.36 -30.95
CA LYS A 84 7.54 -1.13 -31.00
C LYS A 84 6.16 -1.32 -31.62
N GLU A 85 6.08 -2.17 -32.65
CA GLU A 85 4.84 -2.36 -33.35
C GLU A 85 3.91 -3.10 -32.42
N ALA A 86 4.47 -4.12 -31.76
CA ALA A 86 3.72 -5.00 -30.88
C ALA A 86 3.16 -4.22 -29.70
N PHE A 87 3.98 -3.36 -29.07
CA PHE A 87 3.47 -2.46 -28.06
C PHE A 87 2.35 -1.51 -28.55
N GLU A 88 2.61 -0.76 -29.62
CA GLU A 88 1.64 0.21 -30.10
C GLU A 88 0.48 -0.33 -30.87
N ASN A 89 0.62 -1.34 -31.69
CA ASN A 89 -0.53 -1.75 -32.51
C ASN A 89 -0.96 -3.20 -32.40
N GLY A 90 -0.13 -3.97 -31.71
CA GLY A 90 -0.37 -5.37 -31.41
C GLY A 90 -1.40 -5.65 -30.33
N LEU A 91 -1.81 -6.90 -30.26
CA LEU A 91 -2.83 -7.38 -29.34
C LEU A 91 -2.47 -7.21 -27.89
N TRP A 92 -1.19 -7.34 -27.57
CA TRP A 92 -0.64 -7.26 -26.21
C TRP A 92 -1.00 -5.96 -25.59
N GLY A 93 -1.03 -4.92 -26.39
CA GLY A 93 -1.34 -3.62 -25.83
C GLY A 93 -2.84 -3.41 -25.72
N LYS A 94 -3.64 -4.29 -26.31
CA LYS A 94 -5.07 -4.13 -26.29
C LYS A 94 -5.70 -4.97 -25.20
N ILE A 95 -5.07 -6.07 -24.78
CA ILE A 95 -5.80 -7.12 -24.02
C ILE A 95 -5.98 -6.68 -22.59
N ASN A 96 -6.86 -7.28 -21.82
CA ASN A 96 -7.00 -7.00 -20.43
C ASN A 96 -5.82 -7.41 -19.65
N ALA A 97 -5.62 -6.72 -18.54
CA ALA A 97 -4.51 -7.06 -17.67
C ALA A 97 -4.71 -8.51 -17.22
N ARG A 98 -5.93 -8.89 -16.84
CA ARG A 98 -6.18 -10.27 -16.47
C ARG A 98 -5.65 -11.31 -17.52
N ASP A 99 -5.92 -11.00 -18.80
CA ASP A 99 -5.62 -11.93 -19.91
C ASP A 99 -4.12 -11.90 -20.20
N ARG A 100 -3.47 -10.79 -19.92
CA ARG A 100 -2.04 -10.75 -20.06
C ARG A 100 -1.47 -11.70 -19.04
N GLY A 101 -1.93 -11.60 -17.80
CA GLY A 101 -1.61 -12.54 -16.75
C GLY A 101 -1.83 -13.96 -17.20
N ARG A 102 -2.97 -14.24 -17.84
CA ARG A 102 -3.26 -15.58 -18.31
C ARG A 102 -2.18 -16.14 -19.20
N LEU A 103 -1.80 -15.34 -20.19
CA LEU A 103 -0.80 -15.68 -21.15
C LEU A 103 0.56 -15.96 -20.43
N LEU A 104 0.83 -15.23 -19.35
CA LEU A 104 2.08 -15.40 -18.68
C LEU A 104 2.04 -16.66 -17.82
N TYR A 105 0.91 -16.95 -17.19
CA TYR A 105 0.78 -18.24 -16.53
C TYR A 105 0.93 -19.43 -17.53
C TYR A 105 0.98 -19.40 -17.54
N ARG A 106 0.38 -19.28 -18.75
CA ARG A 106 0.51 -20.32 -19.79
C ARG A 106 2.01 -20.57 -20.12
N LEU A 107 2.74 -19.45 -20.28
CA LEU A 107 4.14 -19.51 -20.60
C LEU A 107 4.79 -20.28 -19.48
N ALA A 108 4.40 -19.97 -18.26
CA ALA A 108 5.04 -20.66 -17.17
C ALA A 108 4.67 -22.13 -17.27
N ASP A 109 3.46 -22.49 -17.73
CA ASP A 109 3.11 -23.94 -17.77
C ASP A 109 3.98 -24.66 -18.80
N VAL A 110 4.16 -23.99 -19.94
CA VAL A 110 4.98 -24.49 -21.06
C VAL A 110 6.41 -24.67 -20.61
N MET A 111 6.94 -23.65 -19.93
CA MET A 111 8.28 -23.80 -19.35
C MET A 111 8.35 -25.04 -18.49
N GLU A 112 7.34 -25.31 -17.68
CA GLU A 112 7.39 -26.46 -16.79
C GLU A 112 7.38 -27.76 -17.61
N GLN A 113 6.44 -27.80 -18.58
CA GLN A 113 6.27 -28.95 -19.43
C GLN A 113 7.58 -29.25 -20.10
N HIS A 114 8.42 -28.22 -20.35
CA HIS A 114 9.71 -28.48 -20.95
C HIS A 114 10.89 -28.44 -19.92
N GLN A 115 10.62 -28.77 -18.66
CA GLN A 115 11.63 -28.43 -17.61
C GLN A 115 12.97 -29.19 -17.79
N GLU A 116 12.88 -30.47 -18.17
CA GLU A 116 14.07 -31.28 -18.31
C GLU A 116 14.90 -30.80 -19.47
N GLU A 117 14.27 -30.55 -20.62
CA GLU A 117 14.98 -29.99 -21.76
C GLU A 117 15.70 -28.67 -21.42
N LEU A 118 14.98 -27.71 -20.80
CA LEU A 118 15.61 -26.46 -20.40
C LEU A 118 16.75 -26.64 -19.43
N ALA A 119 16.63 -27.50 -18.42
CA ALA A 119 17.73 -27.65 -17.50
C ALA A 119 18.83 -28.35 -18.20
N THR A 120 18.52 -29.15 -19.23
CA THR A 120 19.56 -29.91 -19.92
C THR A 120 20.38 -28.96 -20.79
N ILE A 121 19.65 -28.15 -21.55
CA ILE A 121 20.26 -27.09 -22.30
C ILE A 121 21.13 -26.29 -21.34
N GLU A 122 20.63 -25.92 -20.16
CA GLU A 122 21.42 -25.05 -19.31
C GLU A 122 22.70 -25.71 -18.76
N ALA A 123 22.60 -27.02 -18.49
CA ALA A 123 23.79 -27.79 -18.13
C ALA A 123 24.90 -27.69 -19.22
N LEU A 124 24.54 -27.89 -20.50
CA LEU A 124 25.47 -27.85 -21.58
C LEU A 124 26.10 -26.47 -21.76
N ASP A 125 25.24 -25.44 -21.79
CA ASP A 125 25.60 -24.09 -22.22
C ASP A 125 26.33 -23.33 -21.15
N ALA A 126 26.05 -23.67 -19.90
CA ALA A 126 26.52 -22.87 -18.80
C ALA A 126 27.23 -23.64 -17.73
N GLY A 127 27.11 -24.97 -17.79
CA GLY A 127 27.84 -25.79 -16.86
C GLY A 127 27.09 -25.93 -15.59
N ALA A 128 25.81 -25.55 -15.57
CA ALA A 128 25.00 -25.68 -14.37
C ALA A 128 24.80 -27.18 -14.10
N VAL A 129 25.20 -27.69 -12.93
CA VAL A 129 24.83 -29.02 -12.50
C VAL A 129 23.31 -29.33 -12.67
N TYR A 130 22.97 -30.45 -13.33
CA TYR A 130 21.58 -30.68 -13.77
C TYR A 130 20.57 -30.59 -12.61
N THR A 131 20.76 -31.38 -11.56
CA THR A 131 19.93 -31.25 -10.38
C THR A 131 19.74 -29.79 -9.92
N LEU A 132 20.82 -29.05 -9.66
CA LEU A 132 20.67 -27.63 -9.29
C LEU A 132 19.89 -26.84 -10.35
N ALA A 133 20.30 -26.99 -11.60
CA ALA A 133 19.59 -26.37 -12.73
C ALA A 133 18.10 -26.62 -12.72
N LEU A 134 17.72 -27.86 -12.42
CA LEU A 134 16.32 -28.27 -12.53
C LEU A 134 15.58 -27.61 -11.37
N LYS A 135 16.12 -27.72 -10.15
CA LYS A 135 15.53 -27.12 -8.96
C LYS A 135 15.62 -25.58 -8.92
N THR A 136 16.75 -24.98 -9.30
CA THR A 136 16.95 -23.53 -9.12
C THR A 136 16.90 -22.78 -10.47
N HIS A 137 17.89 -23.00 -11.32
CA HIS A 137 17.93 -22.22 -12.54
C HIS A 137 16.55 -22.20 -13.14
N VAL A 138 15.98 -23.39 -13.48
CA VAL A 138 14.66 -23.50 -14.12
C VAL A 138 13.43 -23.37 -13.14
N GLY A 139 13.56 -24.04 -11.98
CA GLY A 139 12.58 -24.00 -10.97
C GLY A 139 12.22 -22.58 -10.65
N MET A 140 13.22 -21.82 -10.20
CA MET A 140 12.95 -20.43 -9.87
C MET A 140 12.42 -19.71 -11.10
N SER A 141 12.96 -20.00 -12.29
CA SER A 141 12.51 -19.32 -13.49
C SER A 141 11.00 -19.40 -13.62
N ILE A 142 10.48 -20.65 -13.53
CA ILE A 142 9.06 -20.98 -13.60
C ILE A 142 8.32 -20.25 -12.47
N GLN A 143 8.85 -20.33 -11.26
CA GLN A 143 8.22 -19.54 -10.17
C GLN A 143 8.05 -18.03 -10.48
N THR A 144 9.03 -17.44 -11.18
CA THR A 144 8.98 -16.03 -11.50
C THR A 144 7.81 -15.67 -12.39
N PHE A 145 7.71 -16.35 -13.51
CA PHE A 145 6.64 -16.08 -14.39
C PHE A 145 5.30 -16.31 -13.69
N ARG A 146 5.20 -17.42 -12.96
CA ARG A 146 4.03 -17.56 -12.11
C ARG A 146 3.79 -16.36 -11.14
N TYR A 147 4.82 -15.96 -10.41
CA TYR A 147 4.63 -14.88 -9.46
C TYR A 147 4.12 -13.64 -10.17
N PHE A 148 4.89 -13.16 -11.16
CA PHE A 148 4.51 -11.93 -11.87
C PHE A 148 3.19 -11.98 -12.65
N ALA A 149 2.88 -13.15 -13.23
CA ALA A 149 1.52 -13.38 -13.79
C ALA A 149 0.42 -12.87 -12.90
N GLY A 150 0.50 -13.17 -11.61
CA GLY A 150 -0.61 -12.80 -10.73
C GLY A 150 -0.59 -11.33 -10.38
N TRP A 151 0.54 -10.63 -10.65
CA TRP A 151 0.58 -9.20 -10.44
C TRP A 151 -0.18 -8.39 -11.49
N CYS A 152 -0.17 -8.76 -12.77
CA CYS A 152 -0.87 -7.98 -13.83
C CYS A 152 -2.13 -7.33 -13.33
N ASP A 153 -3.16 -8.10 -13.01
CA ASP A 153 -4.42 -7.45 -12.65
C ASP A 153 -4.56 -6.98 -11.21
N LYS A 154 -3.47 -6.86 -10.49
CA LYS A 154 -3.39 -6.27 -9.12
C LYS A 154 -2.45 -5.06 -9.09
N ILE A 155 -1.97 -4.60 -10.24
CA ILE A 155 -1.21 -3.39 -10.28
C ILE A 155 -2.19 -2.19 -10.26
N GLN A 156 -2.26 -1.50 -9.13
CA GLN A 156 -3.20 -0.36 -8.89
C GLN A 156 -2.57 1.03 -8.67
N GLY A 157 -3.33 2.07 -9.01
CA GLY A 157 -2.88 3.42 -8.82
C GLY A 157 -3.55 3.89 -7.56
N ALA A 158 -3.85 5.19 -7.51
CA ALA A 158 -4.25 5.88 -6.27
C ALA A 158 -5.33 6.89 -6.57
N THR A 159 -6.11 7.22 -5.57
CA THR A 159 -6.88 8.46 -5.66
C THR A 159 -6.43 9.28 -4.46
N ILE A 160 -6.20 10.58 -4.68
CA ILE A 160 -5.49 11.45 -3.72
C ILE A 160 -6.36 12.66 -3.28
N PRO A 161 -6.51 12.85 -1.97
CA PRO A 161 -7.39 13.96 -1.56
C PRO A 161 -6.63 15.32 -1.59
N ILE A 162 -6.61 15.99 -2.74
CA ILE A 162 -5.87 17.24 -2.86
C ILE A 162 -6.69 18.38 -2.28
N ASN A 163 -6.03 19.52 -1.91
CA ASN A 163 -6.78 20.74 -1.57
C ASN A 163 -7.73 21.08 -2.73
N GLN A 164 -8.95 21.57 -2.45
CA GLN A 164 -10.03 21.75 -3.42
C GLN A 164 -10.11 23.18 -3.88
N ALA A 165 -10.30 23.39 -5.16
CA ALA A 165 -10.41 24.76 -5.68
C ALA A 165 -11.88 25.35 -5.60
N ARG A 166 -12.26 25.50 -4.33
CA ARG A 166 -13.54 26.01 -3.88
C ARG A 166 -13.79 27.29 -4.65
N PRO A 167 -15.06 27.56 -5.04
CA PRO A 167 -16.21 26.71 -4.82
C PRO A 167 -16.19 25.43 -5.64
N ASN A 168 -15.17 25.15 -6.45
CA ASN A 168 -15.29 23.94 -7.26
C ASN A 168 -14.80 22.65 -6.56
N ARG A 169 -14.90 21.49 -7.25
CA ARG A 169 -14.40 20.24 -6.68
C ARG A 169 -13.22 19.66 -7.44
N ASN A 170 -12.28 18.94 -6.81
CA ASN A 170 -11.26 18.23 -7.60
C ASN A 170 -11.17 16.74 -7.37
N LEU A 171 -11.12 15.95 -8.41
CA LEU A 171 -10.72 14.58 -8.26
C LEU A 171 -9.25 14.45 -8.79
N THR A 172 -8.35 13.86 -8.01
CA THR A 172 -7.05 13.47 -8.51
C THR A 172 -6.79 12.00 -8.38
N LEU A 173 -6.38 11.38 -9.46
CA LEU A 173 -6.08 9.94 -9.43
C LEU A 173 -4.74 9.67 -10.12
N THR A 174 -4.21 8.46 -9.95
CA THR A 174 -3.04 8.06 -10.77
C THR A 174 -3.35 6.82 -11.66
N LYS A 175 -2.72 6.74 -12.84
CA LYS A 175 -2.68 5.52 -13.62
C LYS A 175 -1.27 5.05 -13.72
N LYS A 176 -1.11 3.81 -13.35
CA LYS A 176 0.14 3.11 -13.59
C LYS A 176 0.07 2.62 -15.03
N GLU A 177 1.11 2.89 -15.81
CA GLU A 177 1.11 2.54 -17.23
C GLU A 177 2.46 1.89 -17.59
N PRO A 178 2.48 1.07 -18.67
CA PRO A 178 3.73 0.53 -19.11
C PRO A 178 4.63 1.66 -19.57
N VAL A 179 5.95 1.54 -19.37
CA VAL A 179 6.96 2.45 -19.96
C VAL A 179 7.16 2.32 -21.48
N GLY A 180 6.95 1.12 -22.01
CA GLY A 180 7.06 0.91 -23.46
C GLY A 180 8.12 -0.11 -23.87
N VAL A 181 8.67 0.06 -25.06
CA VAL A 181 9.75 -0.83 -25.49
C VAL A 181 10.93 -0.82 -24.50
N CYS A 182 11.29 -1.98 -23.96
CA CYS A 182 12.46 -2.07 -23.04
C CYS A 182 13.57 -2.91 -23.60
N GLY A 183 14.80 -2.66 -23.17
CA GLY A 183 15.87 -3.55 -23.56
C GLY A 183 16.56 -4.07 -22.36
N ILE A 184 16.71 -5.40 -22.23
CA ILE A 184 17.37 -5.96 -21.03
C ILE A 184 18.59 -6.82 -21.38
N VAL A 185 19.62 -6.75 -20.57
CA VAL A 185 20.91 -7.28 -20.91
C VAL A 185 21.20 -8.28 -19.79
N ILE A 186 21.35 -9.55 -20.13
CA ILE A 186 21.37 -10.64 -19.16
C ILE A 186 22.77 -11.13 -18.96
N PRO A 187 23.19 -11.41 -17.72
CA PRO A 187 24.54 -12.00 -17.52
C PRO A 187 24.56 -13.49 -17.80
N TRP A 188 25.72 -14.11 -17.59
CA TRP A 188 25.89 -15.55 -17.95
C TRP A 188 25.83 -16.53 -16.77
N ASN A 189 25.80 -16.00 -15.54
CA ASN A 189 25.85 -16.89 -14.41
C ASN A 189 24.57 -17.75 -14.24
N TYR A 190 23.38 -17.17 -14.44
CA TYR A 190 22.14 -17.95 -14.47
C TYR A 190 21.32 -17.55 -15.71
N PRO A 191 21.79 -17.97 -16.88
CA PRO A 191 21.20 -17.41 -18.13
C PRO A 191 19.69 -17.36 -18.08
N LEU A 192 19.01 -18.52 -17.92
CA LEU A 192 17.58 -18.45 -18.05
C LEU A 192 17.02 -17.75 -16.83
N MET A 193 17.60 -18.03 -15.65
CA MET A 193 16.96 -17.49 -14.46
C MET A 193 17.02 -15.97 -14.48
N MET A 194 18.23 -15.42 -14.66
CA MET A 194 18.38 -13.97 -14.79
C MET A 194 17.45 -13.39 -15.84
N LEU A 195 17.27 -14.08 -16.97
CA LEU A 195 16.41 -13.62 -18.05
C LEU A 195 15.04 -13.49 -17.46
N SER A 196 14.60 -14.53 -16.72
CA SER A 196 13.21 -14.58 -16.29
C SER A 196 12.98 -13.59 -15.16
N TRP A 197 13.90 -13.51 -14.18
CA TRP A 197 13.77 -12.42 -13.21
C TRP A 197 13.43 -11.11 -13.92
N LYS A 198 14.13 -10.76 -14.99
CA LYS A 198 13.86 -9.47 -15.58
C LYS A 198 12.71 -9.38 -16.55
N THR A 199 12.50 -10.40 -17.36
CA THR A 199 11.47 -10.35 -18.36
C THR A 199 10.07 -10.44 -17.76
N ALA A 200 9.90 -11.28 -16.73
CA ALA A 200 8.56 -11.56 -16.20
C ALA A 200 7.99 -10.24 -15.64
N ALA A 201 8.86 -9.50 -14.94
CA ALA A 201 8.44 -8.24 -14.36
C ALA A 201 8.10 -7.29 -15.50
N CYS A 202 9.04 -7.11 -16.46
CA CYS A 202 8.84 -6.25 -17.62
C CYS A 202 7.54 -6.63 -18.35
N LEU A 203 7.47 -7.91 -18.75
CA LEU A 203 6.26 -8.37 -19.48
C LEU A 203 4.96 -8.14 -18.70
N ALA A 204 5.03 -8.30 -17.39
CA ALA A 204 3.83 -8.27 -16.55
C ALA A 204 3.23 -6.86 -16.45
N ALA A 205 4.11 -5.87 -16.58
CA ALA A 205 3.76 -4.48 -16.48
C ALA A 205 3.14 -4.03 -17.79
N GLY A 206 3.15 -4.89 -18.83
CA GLY A 206 2.59 -4.56 -20.12
C GLY A 206 3.56 -4.03 -21.14
N ASN A 207 4.89 -4.07 -20.87
CA ASN A 207 5.88 -3.72 -21.91
C ASN A 207 6.10 -4.78 -23.01
N THR A 208 6.96 -4.45 -23.98
CA THR A 208 7.58 -5.41 -24.89
C THR A 208 9.10 -5.36 -24.69
N VAL A 209 9.82 -6.40 -25.11
CA VAL A 209 11.21 -6.50 -24.71
C VAL A 209 12.11 -6.91 -25.85
N VAL A 210 13.34 -6.43 -25.79
CA VAL A 210 14.43 -6.97 -26.59
C VAL A 210 15.52 -7.46 -25.62
N ILE A 211 15.89 -8.72 -25.74
CA ILE A 211 16.71 -9.33 -24.73
C ILE A 211 18.06 -9.66 -25.31
N LYS A 212 19.10 -9.27 -24.60
CA LYS A 212 20.42 -9.60 -25.06
C LYS A 212 21.02 -10.51 -24.01
N PRO A 213 21.10 -11.78 -24.35
CA PRO A 213 21.71 -12.74 -23.45
C PRO A 213 23.25 -12.65 -23.60
N ALA A 214 24.02 -13.16 -22.64
CA ALA A 214 25.48 -13.13 -22.85
C ALA A 214 25.90 -13.95 -24.10
N GLN A 215 26.84 -13.38 -24.87
CA GLN A 215 27.53 -14.08 -25.95
C GLN A 215 27.85 -15.51 -25.52
N VAL A 216 28.50 -15.67 -24.36
CA VAL A 216 28.88 -16.99 -23.95
C VAL A 216 27.77 -17.96 -23.54
N THR A 217 26.53 -17.50 -23.32
CA THR A 217 25.40 -18.38 -22.97
C THR A 217 24.08 -17.97 -23.68
N PRO A 218 23.96 -18.23 -24.99
CA PRO A 218 22.67 -17.87 -25.69
C PRO A 218 21.51 -18.87 -25.70
N LEU A 219 21.71 -20.06 -25.13
CA LEU A 219 20.90 -21.21 -25.60
C LEU A 219 19.52 -21.35 -24.98
N THR A 220 19.47 -21.34 -23.64
CA THR A 220 18.14 -21.37 -22.97
C THR A 220 17.30 -20.14 -23.33
N ALA A 221 17.95 -19.04 -23.65
CA ALA A 221 17.22 -17.88 -24.10
C ALA A 221 16.52 -18.08 -25.47
N LEU A 222 17.19 -18.73 -26.42
CA LEU A 222 16.48 -19.08 -27.65
C LEU A 222 15.46 -20.22 -27.48
N LYS A 223 15.74 -21.13 -26.54
CA LYS A 223 14.72 -22.17 -26.35
C LYS A 223 13.46 -21.49 -25.79
N PHE A 224 13.73 -20.54 -24.90
CA PHE A 224 12.68 -19.82 -24.21
C PHE A 224 11.78 -19.13 -25.22
N ALA A 225 12.43 -18.39 -26.13
CA ALA A 225 11.73 -17.76 -27.24
C ALA A 225 10.77 -18.74 -27.98
N GLU A 226 11.24 -19.96 -28.25
CA GLU A 226 10.37 -20.91 -28.96
C GLU A 226 9.18 -21.15 -28.08
N LEU A 227 9.42 -21.13 -26.76
CA LEU A 227 8.34 -21.47 -25.84
C LEU A 227 7.26 -20.37 -25.80
N THR A 228 7.65 -19.13 -26.05
CA THR A 228 6.70 -18.02 -26.02
C THR A 228 5.75 -18.16 -27.15
N LEU A 229 6.26 -18.77 -28.22
CA LEU A 229 5.40 -19.18 -29.33
C LEU A 229 4.46 -20.26 -28.86
N LYS A 230 4.98 -21.36 -28.31
CA LYS A 230 4.03 -22.40 -27.82
C LYS A 230 2.93 -21.84 -26.95
N ALA A 231 3.30 -20.88 -26.10
CA ALA A 231 2.38 -20.18 -25.18
C ALA A 231 1.35 -19.21 -25.76
N GLY A 232 1.49 -18.83 -27.02
CA GLY A 232 0.62 -17.79 -27.61
C GLY A 232 0.89 -16.30 -27.30
N ILE A 233 2.12 -15.98 -26.83
CA ILE A 233 2.51 -14.60 -26.59
C ILE A 233 2.58 -13.98 -27.98
N PRO A 234 1.80 -12.90 -28.24
CA PRO A 234 1.68 -12.29 -29.55
C PRO A 234 3.03 -11.92 -30.17
N LYS A 235 3.10 -12.01 -31.48
CA LYS A 235 4.33 -11.79 -32.21
C LYS A 235 4.95 -10.40 -31.86
N GLY A 236 6.24 -10.40 -31.54
CA GLY A 236 6.92 -9.13 -31.32
C GLY A 236 7.00 -8.66 -29.87
N VAL A 237 6.33 -9.35 -28.95
CA VAL A 237 6.43 -8.97 -27.58
C VAL A 237 7.78 -9.40 -27.05
N VAL A 238 8.19 -10.64 -27.27
CA VAL A 238 9.57 -11.02 -26.95
C VAL A 238 10.38 -11.02 -28.25
N ASN A 239 11.63 -10.53 -28.18
CA ASN A 239 12.61 -10.67 -29.26
C ASN A 239 13.94 -10.88 -28.63
N ILE A 240 14.78 -11.74 -29.19
CA ILE A 240 16.01 -12.08 -28.48
C ILE A 240 17.15 -11.92 -29.43
N LEU A 241 18.31 -11.44 -28.95
CA LEU A 241 19.41 -11.16 -29.87
C LEU A 241 20.81 -11.57 -29.37
N PRO A 242 21.16 -12.84 -29.60
CA PRO A 242 22.50 -13.30 -29.23
C PRO A 242 23.50 -12.58 -30.10
N GLY A 243 24.71 -12.41 -29.59
CA GLY A 243 25.65 -11.59 -30.26
C GLY A 243 26.64 -11.06 -29.28
N SER A 244 27.38 -10.04 -29.74
CA SER A 244 28.30 -9.23 -28.96
C SER A 244 27.69 -8.21 -27.97
N GLY A 245 28.29 -8.22 -26.77
CA GLY A 245 27.87 -7.36 -25.65
C GLY A 245 27.90 -5.89 -25.95
N SER A 246 29.00 -5.44 -26.53
CA SER A 246 29.03 -4.02 -26.83
C SER A 246 28.18 -3.77 -28.05
N LEU A 247 28.37 -4.52 -29.13
CA LEU A 247 27.55 -4.18 -30.29
C LEU A 247 26.08 -3.88 -29.97
N VAL A 248 25.39 -4.85 -29.30
CA VAL A 248 23.94 -4.84 -29.12
C VAL A 248 23.58 -4.00 -27.92
N GLY A 249 24.45 -4.04 -26.91
CA GLY A 249 24.10 -3.30 -25.66
C GLY A 249 24.09 -1.81 -25.96
N GLN A 250 25.19 -1.38 -26.62
CA GLN A 250 25.43 0.00 -26.98
C GLN A 250 24.28 0.47 -27.89
N ARG A 251 23.98 -0.29 -28.93
CA ARG A 251 22.87 0.11 -29.78
C ARG A 251 21.51 0.22 -29.03
N LEU A 252 21.25 -0.68 -28.07
CA LEU A 252 19.96 -0.60 -27.38
C LEU A 252 19.90 0.64 -26.51
N SER A 253 21.05 0.94 -25.90
CA SER A 253 21.24 2.11 -25.07
C SER A 253 21.02 3.39 -25.82
N ASP A 254 21.38 3.43 -27.11
CA ASP A 254 21.33 4.66 -27.91
C ASP A 254 20.03 4.77 -28.60
N HIS A 255 19.26 3.70 -28.73
CA HIS A 255 18.17 3.74 -29.70
C HIS A 255 17.05 4.66 -29.23
N PRO A 256 16.62 5.62 -30.08
CA PRO A 256 15.66 6.59 -29.55
C PRO A 256 14.24 6.03 -29.35
N ASP A 257 13.92 4.82 -29.81
CA ASP A 257 12.65 4.14 -29.44
C ASP A 257 12.64 3.28 -28.15
N VAL A 258 13.81 2.89 -27.65
CA VAL A 258 13.89 2.21 -26.37
C VAL A 258 13.67 3.23 -25.21
N ARG A 259 12.85 2.89 -24.18
CA ARG A 259 12.67 3.82 -23.05
C ARG A 259 13.16 3.35 -21.69
N LYS A 260 13.57 2.09 -21.53
CA LYS A 260 14.15 1.63 -20.28
C LYS A 260 15.30 0.65 -20.58
N ILE A 261 16.39 0.70 -19.82
CA ILE A 261 17.37 -0.36 -19.95
C ILE A 261 17.37 -0.97 -18.57
N GLY A 262 17.29 -2.29 -18.52
CA GLY A 262 17.68 -3.06 -17.35
C GLY A 262 19.02 -3.75 -17.64
N PHE A 263 19.96 -3.57 -16.73
CA PHE A 263 21.26 -4.11 -16.91
C PHE A 263 21.80 -4.75 -15.61
N THR A 264 22.40 -5.94 -15.75
CA THR A 264 23.16 -6.62 -14.69
C THR A 264 24.49 -6.98 -15.37
N GLY A 265 25.63 -6.76 -14.74
CA GLY A 265 26.92 -6.98 -15.39
C GLY A 265 28.09 -6.39 -14.62
N SER A 266 29.14 -5.95 -15.32
CA SER A 266 30.36 -5.47 -14.63
C SER A 266 30.28 -3.97 -14.46
N THR A 267 30.98 -3.46 -13.44
CA THR A 267 31.00 -2.02 -13.15
C THR A 267 31.20 -1.12 -14.37
N GLU A 268 32.37 -1.20 -15.01
CA GLU A 268 32.69 -0.36 -16.17
C GLU A 268 31.70 -0.48 -17.32
N VAL A 269 31.19 -1.67 -17.62
CA VAL A 269 30.22 -1.74 -18.69
C VAL A 269 28.93 -0.90 -18.34
N GLY A 270 28.54 -0.99 -17.06
CA GLY A 270 27.28 -0.44 -16.51
C GLY A 270 27.30 1.06 -16.55
N LYS A 271 28.32 1.64 -15.93
CA LYS A 271 28.64 3.04 -16.06
C LYS A 271 28.46 3.52 -17.50
N HIS A 272 29.13 2.86 -18.45
N HIS A 272 29.10 2.87 -18.45
CA HIS A 272 29.00 3.17 -19.90
CA HIS A 272 28.99 3.31 -19.85
C HIS A 272 27.55 3.12 -20.35
C HIS A 272 27.61 3.02 -20.51
N ILE A 273 26.87 2.04 -19.99
CA ILE A 273 25.44 1.89 -20.33
C ILE A 273 24.68 3.11 -19.79
N MET A 274 24.99 3.50 -18.55
CA MET A 274 24.24 4.58 -17.94
C MET A 274 24.60 5.88 -18.64
N LYS A 275 25.88 6.04 -18.98
CA LYS A 275 26.31 7.18 -19.81
C LYS A 275 25.45 7.29 -21.11
N SER A 276 25.46 6.26 -21.94
CA SER A 276 24.74 6.31 -23.23
C SER A 276 23.24 6.57 -23.10
N CYS A 277 22.66 6.11 -22.00
CA CYS A 277 21.26 6.36 -21.70
C CYS A 277 20.98 7.87 -21.50
N ALA A 278 21.87 8.48 -20.73
CA ALA A 278 21.88 9.92 -20.56
C ALA A 278 22.05 10.69 -21.87
N LEU A 279 23.09 10.37 -22.64
CA LEU A 279 23.36 11.13 -23.85
C LEU A 279 22.39 10.97 -25.01
N SER A 280 21.51 9.98 -25.00
CA SER A 280 20.51 9.80 -26.11
C SER A 280 19.13 10.43 -25.85
N ASN A 281 18.31 9.82 -24.98
CA ASN A 281 16.93 10.33 -24.74
C ASN A 281 16.43 10.24 -23.31
N VAL A 282 17.41 10.31 -22.39
CA VAL A 282 17.16 10.17 -20.96
C VAL A 282 16.31 8.94 -20.62
N LYS A 283 16.52 7.82 -21.33
CA LYS A 283 15.84 6.58 -21.00
C LYS A 283 16.11 6.15 -19.56
N LYS A 284 15.11 5.58 -18.89
CA LYS A 284 15.28 5.13 -17.50
C LYS A 284 16.24 3.95 -17.52
N VAL A 285 17.02 3.76 -16.46
CA VAL A 285 17.97 2.63 -16.38
C VAL A 285 18.01 1.87 -14.99
N SER A 286 18.51 0.65 -14.98
CA SER A 286 18.76 -0.12 -13.77
C SER A 286 20.14 -0.71 -13.83
N LEU A 287 20.79 -0.86 -12.66
CA LEU A 287 22.13 -1.37 -12.65
C LEU A 287 22.21 -2.28 -11.49
N GLU A 288 22.67 -3.49 -11.80
CA GLU A 288 23.10 -4.51 -10.83
C GLU A 288 24.57 -4.85 -11.21
N LEU A 289 25.48 -4.51 -10.30
CA LEU A 289 26.89 -4.50 -10.64
C LEU A 289 27.81 -5.44 -9.79
N GLY A 290 27.19 -6.49 -9.20
CA GLY A 290 27.87 -7.44 -8.34
C GLY A 290 28.38 -6.78 -7.05
N GLY A 291 28.99 -7.56 -6.16
CA GLY A 291 29.52 -7.03 -4.91
C GLY A 291 30.75 -7.75 -4.35
N LYS A 292 31.07 -7.42 -3.11
CA LYS A 292 32.11 -8.03 -2.38
C LYS A 292 31.48 -8.29 -1.02
N SER A 293 30.54 -9.23 -0.96
CA SER A 293 29.60 -9.31 0.13
C SER A 293 30.17 -9.87 1.44
N PRO A 294 30.08 -9.13 2.56
CA PRO A 294 30.74 -9.69 3.75
C PRO A 294 29.83 -10.63 4.50
N LEU A 295 30.41 -11.70 5.09
CA LEU A 295 29.66 -12.63 5.90
C LEU A 295 30.35 -12.72 7.21
N ILE A 296 29.65 -12.32 8.28
CA ILE A 296 30.21 -12.27 9.64
C ILE A 296 29.74 -13.37 10.56
N ILE A 297 30.69 -14.16 11.04
CA ILE A 297 30.40 -15.38 11.80
C ILE A 297 30.91 -15.28 13.24
N PHE A 298 29.98 -15.36 14.19
CA PHE A 298 30.23 -15.11 15.58
C PHE A 298 30.37 -16.43 16.32
N ALA A 299 31.22 -16.45 17.36
CA ALA A 299 31.55 -17.66 18.11
C ALA A 299 30.32 -18.33 18.69
N ASP A 300 29.23 -17.59 18.88
CA ASP A 300 28.00 -18.18 19.41
C ASP A 300 26.98 -18.77 18.40
N CYS A 301 27.34 -18.87 17.13
CA CYS A 301 26.48 -19.53 16.15
C CYS A 301 26.58 -21.04 16.35
N ASP A 302 25.65 -21.81 15.76
CA ASP A 302 25.78 -23.27 15.66
C ASP A 302 26.87 -23.61 14.59
N LEU A 303 28.04 -24.09 15.06
CA LEU A 303 29.23 -24.11 14.22
C LEU A 303 29.18 -25.07 13.05
N ASN A 304 28.56 -26.23 13.24
CA ASN A 304 28.45 -27.17 12.14
C ASN A 304 27.64 -26.58 10.99
N LYS A 305 26.45 -26.07 11.33
CA LYS A 305 25.55 -25.34 10.41
C LYS A 305 26.27 -24.16 9.71
N ALA A 306 27.12 -23.46 10.45
CA ALA A 306 27.94 -22.38 9.86
C ALA A 306 28.95 -22.86 8.79
N VAL A 307 29.56 -24.03 8.98
CA VAL A 307 30.37 -24.58 7.93
C VAL A 307 29.50 -24.86 6.71
N GLN A 308 28.40 -25.62 6.86
CA GLN A 308 27.51 -25.91 5.71
C GLN A 308 27.14 -24.61 5.00
N MET A 309 26.47 -23.69 5.74
CA MET A 309 25.94 -22.47 5.13
C MET A 309 27.07 -21.58 4.66
N GLY A 310 28.17 -21.55 5.42
CA GLY A 310 29.34 -20.78 5.03
C GLY A 310 29.93 -21.27 3.72
N MET A 311 30.06 -22.58 3.59
CA MET A 311 30.60 -23.14 2.40
C MET A 311 29.73 -22.78 1.24
N SER A 312 28.45 -22.97 1.44
CA SER A 312 27.48 -22.65 0.40
C SER A 312 27.49 -21.19 -0.01
N SER A 313 27.70 -20.35 0.99
CA SER A 313 27.67 -18.94 0.75
C SER A 313 28.68 -18.60 -0.32
N VAL A 314 29.73 -19.41 -0.45
CA VAL A 314 30.75 -19.25 -1.47
C VAL A 314 30.60 -20.12 -2.71
N PHE A 315 30.61 -21.42 -2.49
CA PHE A 315 30.66 -22.40 -3.56
C PHE A 315 29.35 -22.57 -4.36
N PHE A 316 28.18 -22.02 -3.93
CA PHE A 316 26.89 -22.26 -4.65
C PHE A 316 27.06 -21.90 -6.12
N ASN A 317 26.61 -22.75 -7.05
CA ASN A 317 26.69 -22.46 -8.54
C ASN A 317 28.10 -22.17 -8.95
N LYS A 318 29.02 -23.01 -8.43
CA LYS A 318 30.45 -22.81 -8.64
C LYS A 318 30.94 -21.33 -8.43
N GLY A 319 30.26 -20.58 -7.56
CA GLY A 319 30.64 -19.18 -7.21
C GLY A 319 30.22 -18.10 -8.19
N GLU A 320 29.67 -18.52 -9.33
CA GLU A 320 29.22 -17.59 -10.36
C GLU A 320 27.85 -17.07 -9.89
N ASN A 321 27.94 -16.12 -8.96
CA ASN A 321 26.84 -15.74 -8.14
C ASN A 321 27.09 -14.34 -7.62
N ALA A 322 26.20 -13.42 -7.98
CA ALA A 322 26.43 -12.01 -7.76
C ALA A 322 26.41 -11.64 -6.28
N ILE A 323 25.70 -12.42 -5.45
CA ILE A 323 25.70 -12.17 -3.98
C ILE A 323 26.47 -13.20 -3.13
N ALA A 324 27.39 -13.93 -3.80
CA ALA A 324 28.28 -14.87 -3.11
C ALA A 324 29.00 -14.10 -2.02
N ALA A 325 29.34 -14.78 -0.95
CA ALA A 325 29.99 -14.13 0.14
C ALA A 325 31.44 -13.78 -0.30
N GLY A 326 31.72 -12.50 -0.57
CA GLY A 326 33.10 -12.06 -0.90
C GLY A 326 34.17 -12.18 0.21
N ARG A 327 33.79 -12.12 1.48
CA ARG A 327 34.73 -12.15 2.57
C ARG A 327 34.02 -12.81 3.75
N LEU A 328 34.71 -13.73 4.45
CA LEU A 328 34.19 -14.27 5.69
C LEU A 328 34.94 -13.75 6.87
N PHE A 329 34.28 -13.10 7.84
CA PHE A 329 34.98 -12.64 9.02
C PHE A 329 34.58 -13.58 10.11
N VAL A 330 35.55 -14.26 10.73
CA VAL A 330 35.26 -15.30 11.70
C VAL A 330 35.94 -14.96 13.01
N GLU A 331 35.22 -15.18 14.11
CA GLU A 331 35.64 -14.69 15.43
C GLU A 331 36.88 -15.48 15.85
N GLU A 332 37.86 -14.79 16.47
CA GLU A 332 39.13 -15.37 17.02
C GLU A 332 38.90 -16.77 17.59
N SER A 333 38.09 -16.84 18.63
CA SER A 333 37.83 -18.06 19.35
C SER A 333 37.38 -19.22 18.44
N ILE A 334 36.83 -18.97 17.25
CA ILE A 334 36.44 -20.14 16.44
C ILE A 334 37.07 -20.20 15.06
N HIS A 335 37.83 -19.18 14.71
CA HIS A 335 38.51 -19.15 13.42
C HIS A 335 39.15 -20.47 12.97
N ASN A 336 39.84 -21.17 13.88
CA ASN A 336 40.67 -22.32 13.47
C ASN A 336 39.81 -23.55 13.35
N GLN A 337 38.97 -23.80 14.35
CA GLN A 337 38.07 -24.93 14.26
C GLN A 337 37.17 -24.75 12.99
N PHE A 338 36.89 -23.49 12.61
CA PHE A 338 35.99 -23.23 11.45
C PHE A 338 36.70 -23.57 10.13
N VAL A 339 37.94 -23.08 10.00
CA VAL A 339 38.74 -23.43 8.85
C VAL A 339 38.91 -24.95 8.75
N GLN A 340 39.46 -25.60 9.80
CA GLN A 340 39.73 -27.06 9.79
C GLN A 340 38.52 -27.83 9.15
N LYS A 341 37.32 -27.42 9.56
CA LYS A 341 36.08 -28.09 9.21
C LYS A 341 35.69 -27.80 7.77
N VAL A 342 35.91 -26.58 7.31
CA VAL A 342 35.69 -26.29 5.89
C VAL A 342 36.57 -27.20 5.02
N VAL A 343 37.89 -27.20 5.28
CA VAL A 343 38.88 -28.09 4.59
C VAL A 343 38.40 -29.55 4.58
N GLU A 344 38.02 -30.04 5.77
CA GLU A 344 37.44 -31.41 5.93
C GLU A 344 36.30 -31.65 4.93
N GLU A 345 35.40 -30.67 4.80
CA GLU A 345 34.20 -30.80 3.96
C GLU A 345 34.44 -30.55 2.49
N VAL A 346 35.52 -29.85 2.12
CA VAL A 346 35.84 -29.59 0.72
C VAL A 346 36.33 -30.87 0.04
N GLU A 347 37.07 -31.66 0.83
CA GLU A 347 37.66 -32.94 0.37
C GLU A 347 36.56 -33.82 -0.19
N LYS A 348 35.36 -33.61 0.36
CA LYS A 348 34.23 -34.46 0.07
C LYS A 348 33.43 -34.07 -1.18
N MET A 349 33.77 -32.95 -1.84
CA MET A 349 32.93 -32.53 -2.95
C MET A 349 33.33 -33.30 -4.18
N LYS A 350 32.34 -33.87 -4.86
CA LYS A 350 32.59 -34.53 -6.12
C LYS A 350 32.49 -33.49 -7.23
N ILE A 351 33.62 -33.23 -7.88
CA ILE A 351 33.72 -32.31 -8.99
C ILE A 351 33.56 -33.14 -10.23
N GLY A 352 32.91 -32.69 -11.28
CA GLY A 352 32.72 -33.53 -12.43
C GLY A 352 31.56 -33.15 -13.33
N ASN A 353 31.20 -34.04 -14.24
CA ASN A 353 30.31 -33.70 -15.31
C ASN A 353 28.91 -33.26 -14.79
N PRO A 354 28.48 -32.05 -15.19
CA PRO A 354 27.30 -31.51 -14.55
C PRO A 354 26.05 -32.39 -14.74
N LEU A 355 26.09 -33.23 -15.79
CA LEU A 355 25.00 -34.12 -16.13
C LEU A 355 24.90 -35.34 -15.25
N GLU A 356 25.97 -35.69 -14.54
CA GLU A 356 25.98 -36.87 -13.70
C GLU A 356 25.42 -36.59 -12.29
N ARG A 357 24.51 -37.48 -11.85
CA ARG A 357 23.74 -37.31 -10.59
C ARG A 357 24.54 -37.05 -9.31
N ASP A 358 25.72 -37.65 -9.26
CA ASP A 358 26.69 -37.63 -8.15
C ASP A 358 27.36 -36.27 -7.92
N THR A 359 27.48 -35.53 -9.02
CA THR A 359 28.27 -34.34 -9.10
C THR A 359 27.68 -33.29 -8.19
N ASN A 360 28.53 -32.76 -7.31
CA ASN A 360 28.10 -31.51 -6.75
C ASN A 360 28.89 -30.27 -7.12
N HIS A 361 29.73 -30.28 -8.16
CA HIS A 361 30.47 -29.02 -8.51
C HIS A 361 30.71 -28.93 -10.00
N GLY A 362 30.02 -28.05 -10.71
CA GLY A 362 30.19 -28.00 -12.18
C GLY A 362 31.51 -27.38 -12.65
N PRO A 363 31.71 -27.27 -13.97
CA PRO A 363 32.88 -26.55 -14.43
C PRO A 363 32.58 -25.03 -14.35
N GLN A 364 33.58 -24.15 -14.38
CA GLN A 364 33.26 -22.75 -14.60
C GLN A 364 32.68 -22.44 -15.97
N ASN A 365 32.02 -21.30 -16.12
CA ASN A 365 31.16 -20.98 -17.26
C ASN A 365 31.84 -21.04 -18.60
N HIS A 366 33.10 -20.57 -18.63
CA HIS A 366 33.85 -20.39 -19.86
C HIS A 366 35.31 -20.19 -19.57
N GLU A 367 36.08 -20.31 -20.66
CA GLU A 367 37.52 -20.39 -20.57
C GLU A 367 38.21 -19.14 -19.97
N ALA A 368 37.76 -17.96 -20.44
CA ALA A 368 38.33 -16.69 -20.00
C ALA A 368 38.10 -16.47 -18.48
N HIS A 369 36.97 -16.95 -17.96
CA HIS A 369 36.70 -16.75 -16.55
C HIS A 369 37.53 -17.70 -15.67
N LEU A 370 37.77 -18.89 -16.18
CA LEU A 370 38.71 -19.80 -15.55
C LEU A 370 40.20 -19.27 -15.46
N ARG A 371 40.77 -18.86 -16.62
CA ARG A 371 42.10 -18.25 -16.61
C ARG A 371 42.07 -17.10 -15.56
N LYS A 372 40.98 -16.28 -15.53
CA LYS A 372 40.81 -15.13 -14.59
C LYS A 372 40.86 -15.53 -13.11
N LEU A 373 40.21 -16.65 -12.76
CA LEU A 373 40.25 -17.19 -11.40
C LEU A 373 41.63 -17.70 -10.99
N VAL A 374 42.36 -18.20 -11.99
CA VAL A 374 43.75 -18.67 -11.78
C VAL A 374 44.65 -17.46 -11.45
N GLU A 375 44.56 -16.38 -12.24
CA GLU A 375 45.36 -15.18 -11.97
C GLU A 375 44.98 -14.65 -10.60
N TYR A 376 43.67 -14.58 -10.37
CA TYR A 376 43.12 -14.15 -9.09
C TYR A 376 43.76 -14.81 -7.84
N CYS A 377 44.00 -16.13 -7.87
CA CYS A 377 44.50 -16.77 -6.67
C CYS A 377 46.03 -16.66 -6.55
N GLN A 378 46.75 -16.66 -7.68
CA GLN A 378 48.19 -16.39 -7.70
C GLN A 378 48.46 -15.07 -6.99
N ARG A 379 47.66 -14.06 -7.41
CA ARG A 379 47.69 -12.69 -6.88
C ARG A 379 47.47 -12.65 -5.37
N GLY A 380 46.54 -13.45 -4.87
CA GLY A 380 46.35 -13.55 -3.44
C GLY A 380 47.58 -14.10 -2.73
N VAL A 381 48.30 -15.02 -3.39
CA VAL A 381 49.47 -15.65 -2.75
C VAL A 381 50.66 -14.67 -2.77
N LYS A 382 50.90 -14.08 -3.93
CA LYS A 382 51.99 -13.14 -4.06
C LYS A 382 51.94 -12.07 -2.96
N GLU A 383 50.74 -11.56 -2.67
CA GLU A 383 50.47 -10.52 -1.63
C GLU A 383 50.44 -10.99 -0.16
N GLY A 384 50.54 -12.29 0.13
CA GLY A 384 50.75 -12.71 1.53
C GLY A 384 49.69 -13.59 2.18
N ALA A 385 48.56 -13.80 1.50
CA ALA A 385 47.52 -14.63 2.10
C ALA A 385 47.89 -16.11 2.11
N THR A 386 47.58 -16.81 3.17
CA THR A 386 47.71 -18.26 3.19
C THR A 386 46.73 -18.98 2.24
N LEU A 387 47.26 -19.87 1.40
CA LEU A 387 46.45 -20.68 0.52
C LEU A 387 46.25 -22.05 1.09
N VAL A 388 45.24 -22.20 1.91
CA VAL A 388 44.89 -23.47 2.54
C VAL A 388 44.30 -24.59 1.65
N CYS A 389 43.94 -24.32 0.42
CA CYS A 389 43.59 -25.42 -0.47
C CYS A 389 42.98 -24.94 -1.74
N GLY A 390 43.06 -25.80 -2.76
CA GLY A 390 42.60 -25.40 -4.08
C GLY A 390 43.52 -24.33 -4.60
N GLY A 391 43.02 -23.57 -5.56
CA GLY A 391 43.81 -22.57 -6.19
C GLY A 391 43.97 -22.86 -7.67
N ASN A 392 43.76 -24.09 -8.13
CA ASN A 392 44.20 -24.38 -9.51
C ASN A 392 43.12 -24.92 -10.39
N GLN A 393 43.36 -24.97 -11.70
CA GLN A 393 42.48 -25.76 -12.57
C GLN A 393 42.52 -27.24 -12.14
N VAL A 394 41.36 -27.88 -12.03
CA VAL A 394 41.29 -29.34 -11.87
C VAL A 394 41.80 -29.98 -13.18
N PRO A 395 42.75 -30.92 -13.06
CA PRO A 395 43.31 -31.58 -14.24
C PRO A 395 42.36 -32.62 -14.86
N ARG A 396 41.30 -32.11 -15.53
CA ARG A 396 40.43 -32.94 -16.34
C ARG A 396 39.94 -32.13 -17.48
N PRO A 397 39.21 -32.75 -18.44
CA PRO A 397 38.69 -31.94 -19.56
C PRO A 397 37.73 -30.83 -19.08
N GLY A 398 37.39 -29.91 -19.97
CA GLY A 398 36.63 -28.70 -19.63
C GLY A 398 37.35 -27.69 -18.71
N PHE A 399 36.58 -26.80 -18.10
CA PHE A 399 37.19 -25.65 -17.50
C PHE A 399 36.85 -25.64 -16.05
N PHE A 400 37.37 -26.62 -15.33
CA PHE A 400 36.91 -26.82 -13.96
C PHE A 400 37.88 -26.15 -12.99
N PHE A 401 37.38 -25.52 -11.91
CA PHE A 401 38.24 -24.91 -10.88
C PHE A 401 38.08 -25.50 -9.50
N GLN A 402 39.22 -25.71 -8.81
CA GLN A 402 39.23 -26.16 -7.42
C GLN A 402 38.56 -25.24 -6.37
N PRO A 403 37.67 -25.82 -5.60
CA PRO A 403 37.25 -25.01 -4.49
C PRO A 403 38.45 -24.65 -3.65
N THR A 404 38.67 -23.36 -3.50
CA THR A 404 39.81 -22.75 -2.84
C THR A 404 39.48 -22.09 -1.52
N VAL A 405 40.43 -22.11 -0.58
CA VAL A 405 40.22 -21.41 0.66
C VAL A 405 41.47 -20.61 1.04
N PHE A 406 41.33 -19.31 1.25
CA PHE A 406 42.37 -18.44 1.83
C PHE A 406 42.18 -18.05 3.30
N THR A 407 43.28 -18.00 4.05
CA THR A 407 43.25 -17.45 5.41
C THR A 407 44.29 -16.33 5.57
N ASP A 408 44.43 -15.77 6.77
CA ASP A 408 45.40 -14.68 7.05
C ASP A 408 45.26 -13.53 6.02
N VAL A 409 44.01 -13.14 5.76
CA VAL A 409 43.67 -12.14 4.75
C VAL A 409 43.51 -10.71 5.36
N GLU A 410 44.35 -9.78 4.93
CA GLU A 410 44.41 -8.46 5.58
C GLU A 410 43.57 -7.48 4.74
N ASP A 411 42.87 -6.59 5.46
CA ASP A 411 41.91 -5.59 4.91
C ASP A 411 42.39 -4.83 3.71
N HIS A 412 43.71 -4.73 3.52
CA HIS A 412 44.34 -3.93 2.46
C HIS A 412 44.66 -4.77 1.21
N MET A 413 44.59 -6.11 1.35
CA MET A 413 44.90 -7.03 0.25
C MET A 413 43.94 -6.91 -0.91
N TYR A 414 44.47 -7.20 -2.09
CA TYR A 414 43.70 -7.11 -3.32
C TYR A 414 42.51 -8.05 -3.21
N ILE A 415 42.72 -9.24 -2.66
CA ILE A 415 41.64 -10.22 -2.62
C ILE A 415 40.57 -9.91 -1.56
N ALA A 416 40.77 -8.85 -0.76
CA ALA A 416 39.78 -8.36 0.21
C ALA A 416 38.90 -7.29 -0.40
N LYS A 417 39.31 -6.76 -1.54
CA LYS A 417 38.62 -5.66 -2.18
C LYS A 417 37.93 -6.10 -3.46
N GLU A 418 38.48 -7.07 -4.18
CA GLU A 418 37.98 -7.40 -5.55
C GLU A 418 37.05 -8.63 -5.63
N GLU A 419 36.06 -8.53 -6.51
CA GLU A 419 35.03 -9.59 -6.71
C GLU A 419 35.57 -10.71 -7.58
N SER A 420 35.64 -11.93 -7.04
CA SER A 420 36.23 -13.03 -7.81
C SER A 420 35.26 -13.65 -8.82
N PHE A 421 34.03 -13.86 -8.35
CA PHE A 421 32.98 -14.59 -9.06
C PHE A 421 33.31 -16.05 -9.20
N GLY A 422 34.05 -16.65 -8.25
CA GLY A 422 34.35 -18.10 -8.28
C GLY A 422 34.34 -18.79 -6.90
N PRO A 423 34.69 -20.08 -6.83
CA PRO A 423 34.65 -20.83 -5.57
C PRO A 423 35.83 -20.55 -4.58
N ILE A 424 35.99 -19.30 -4.17
CA ILE A 424 37.19 -18.93 -3.39
C ILE A 424 36.77 -18.34 -2.07
N MET A 425 36.62 -19.17 -1.04
CA MET A 425 36.31 -18.66 0.30
C MET A 425 37.54 -17.84 0.86
N ILE A 426 37.34 -16.56 1.18
CA ILE A 426 38.39 -15.62 1.64
C ILE A 426 38.27 -15.17 3.12
N ILE A 427 39.02 -15.77 4.04
CA ILE A 427 38.72 -15.65 5.47
C ILE A 427 39.59 -14.67 6.31
N SER A 428 39.00 -13.70 7.03
CA SER A 428 39.78 -12.97 8.06
C SER A 428 39.27 -13.23 9.49
N ARG A 429 40.12 -12.87 10.46
CA ARG A 429 39.79 -13.00 11.89
C ARG A 429 39.20 -11.71 12.41
N PHE A 430 38.46 -11.77 13.51
CA PHE A 430 38.28 -10.57 14.31
C PHE A 430 38.31 -10.86 15.79
N ALA A 431 38.56 -9.80 16.56
CA ALA A 431 38.75 -9.92 18.01
C ALA A 431 37.49 -10.37 18.75
N ASP A 432 37.63 -11.35 19.64
CA ASP A 432 36.54 -11.69 20.57
C ASP A 432 35.90 -10.42 21.16
N GLY A 433 34.58 -10.34 21.16
CA GLY A 433 33.85 -9.15 21.60
C GLY A 433 33.63 -8.04 20.58
N ASP A 434 34.58 -7.85 19.66
CA ASP A 434 34.75 -6.59 18.86
C ASP A 434 33.72 -6.28 17.77
N VAL A 435 32.43 -6.14 18.13
CA VAL A 435 31.30 -5.87 17.17
C VAL A 435 31.44 -4.68 16.22
N ASP A 436 31.62 -3.47 16.77
CA ASP A 436 31.63 -2.28 15.89
C ASP A 436 32.80 -2.29 14.92
N ALA A 437 33.88 -2.96 15.33
CA ALA A 437 35.14 -2.87 14.60
C ALA A 437 34.96 -3.65 13.33
N VAL A 438 34.48 -4.88 13.48
CA VAL A 438 34.26 -5.77 12.34
C VAL A 438 33.25 -5.16 11.32
N LEU A 439 32.14 -4.59 11.80
CA LEU A 439 31.13 -3.96 10.92
C LEU A 439 31.79 -2.97 10.00
N SER A 440 32.77 -2.28 10.56
CA SER A 440 33.38 -1.19 9.88
C SER A 440 34.25 -1.72 8.76
N ARG A 441 35.05 -2.75 9.05
CA ARG A 441 35.83 -3.44 7.99
C ARG A 441 34.89 -4.10 6.91
N ALA A 442 33.78 -4.69 7.35
CA ALA A 442 32.77 -5.27 6.43
C ALA A 442 32.12 -4.21 5.53
N ASN A 443 32.07 -2.96 6.06
CA ASN A 443 31.45 -1.84 5.32
C ASN A 443 32.39 -1.05 4.45
N ALA A 444 33.70 -1.31 4.65
N ALA A 444 33.71 -1.19 4.58
CA ALA A 444 34.82 -0.77 3.86
CA ALA A 444 34.68 -0.31 3.85
C ALA A 444 34.96 -1.42 2.47
C ALA A 444 34.61 -0.25 2.28
N THR A 445 33.95 -1.21 1.67
CA THR A 445 33.97 -1.46 0.25
C THR A 445 32.99 -0.49 -0.39
N GLU A 446 33.16 -0.21 -1.69
CA GLU A 446 32.21 0.63 -2.43
C GLU A 446 31.14 -0.23 -3.09
N PHE A 447 31.21 -1.55 -2.83
CA PHE A 447 30.12 -2.47 -3.15
C PHE A 447 29.06 -2.41 -2.05
N GLY A 448 27.85 -2.85 -2.36
CA GLY A 448 26.84 -3.06 -1.34
C GLY A 448 25.64 -3.90 -1.81
N LEU A 449 25.93 -5.14 -2.21
CA LEU A 449 24.90 -6.06 -2.73
C LEU A 449 24.30 -6.99 -1.67
N ALA A 450 25.14 -7.56 -0.83
CA ALA A 450 24.57 -8.53 0.06
C ALA A 450 25.48 -8.68 1.28
N SER A 451 25.02 -9.45 2.26
CA SER A 451 25.78 -9.61 3.49
C SER A 451 25.04 -10.64 4.27
N GLY A 452 25.63 -11.09 5.37
CA GLY A 452 24.93 -11.98 6.26
C GLY A 452 25.68 -12.08 7.54
N VAL A 453 25.00 -12.53 8.60
CA VAL A 453 25.64 -12.66 9.90
C VAL A 453 25.16 -13.99 10.45
N PHE A 454 26.06 -14.76 11.06
CA PHE A 454 25.59 -15.92 11.81
C PHE A 454 25.84 -15.64 13.29
N THR A 455 24.84 -15.96 14.09
CA THR A 455 24.92 -15.92 15.52
C THR A 455 23.61 -16.39 16.12
N ARG A 456 23.63 -16.89 17.35
CA ARG A 456 22.42 -17.24 18.07
C ARG A 456 21.88 -16.04 18.82
N ASP A 457 22.71 -15.01 19.08
CA ASP A 457 22.27 -13.77 19.85
C ASP A 457 21.34 -12.76 19.13
N ILE A 458 20.06 -12.74 19.54
CA ILE A 458 19.07 -11.83 18.99
C ILE A 458 19.59 -10.40 18.90
N ASN A 459 20.35 -9.98 19.91
CA ASN A 459 20.83 -8.59 19.92
C ASN A 459 21.87 -8.21 18.90
N LYS A 460 22.89 -9.06 18.73
CA LYS A 460 23.86 -8.88 17.65
C LYS A 460 23.16 -9.04 16.31
N ALA A 461 22.29 -10.04 16.14
CA ALA A 461 21.65 -10.15 14.81
C ALA A 461 20.90 -8.89 14.41
N LEU A 462 20.02 -8.37 15.25
CA LEU A 462 19.31 -7.14 14.83
C LEU A 462 20.26 -5.95 14.65
N TYR A 463 21.21 -5.81 15.57
CA TYR A 463 22.14 -4.70 15.44
C TYR A 463 23.02 -4.77 14.22
N VAL A 464 23.66 -5.92 13.97
CA VAL A 464 24.53 -6.06 12.80
C VAL A 464 23.74 -5.81 11.50
N SER A 465 22.50 -6.31 11.45
CA SER A 465 21.69 -6.13 10.24
C SER A 465 21.38 -4.65 9.99
N ASP A 466 21.09 -3.87 11.04
CA ASP A 466 21.03 -2.40 10.86
C ASP A 466 22.30 -1.82 10.28
N LYS A 467 23.41 -2.17 10.87
CA LYS A 467 24.65 -1.50 10.50
C LYS A 467 25.32 -1.88 9.17
N LEU A 468 25.04 -3.09 8.66
CA LEU A 468 25.59 -3.52 7.37
C LEU A 468 25.01 -2.69 6.25
N GLN A 469 25.90 -2.19 5.40
CA GLN A 469 25.59 -1.35 4.23
C GLN A 469 25.36 -2.17 2.94
N ALA A 470 24.28 -2.95 2.88
CA ALA A 470 23.99 -3.79 1.71
C ALA A 470 22.50 -3.98 1.43
N GLY A 471 22.16 -4.18 0.16
CA GLY A 471 20.76 -4.42 -0.25
C GLY A 471 20.04 -5.60 0.43
N THR A 472 20.74 -6.71 0.62
CA THR A 472 20.20 -7.83 1.35
C THR A 472 21.07 -8.19 2.53
N VAL A 473 20.42 -8.49 3.63
CA VAL A 473 21.13 -9.01 4.79
C VAL A 473 20.56 -10.38 5.15
N PHE A 474 21.37 -11.44 5.07
CA PHE A 474 20.91 -12.78 5.46
C PHE A 474 21.34 -13.00 6.93
N ILE A 475 20.42 -13.43 7.77
CA ILE A 475 20.72 -13.71 9.14
C ILE A 475 20.50 -15.21 9.31
N ASN A 476 21.57 -15.91 9.71
CA ASN A 476 21.60 -17.36 9.87
C ASN A 476 21.13 -18.18 8.65
N THR A 477 21.45 -17.74 7.44
CA THR A 477 21.21 -18.49 6.24
C THR A 477 21.91 -17.68 5.23
N TYR A 478 21.97 -18.18 4.01
CA TYR A 478 22.60 -17.38 2.95
C TYR A 478 22.09 -17.83 1.59
N ASN A 479 22.09 -16.94 0.59
CA ASN A 479 21.58 -17.31 -0.74
C ASN A 479 20.08 -17.58 -0.79
N LYS A 480 19.37 -17.26 0.28
CA LYS A 480 17.95 -17.49 0.31
C LYS A 480 17.28 -16.29 -0.34
N THR A 481 17.29 -16.30 -1.66
CA THR A 481 16.47 -15.38 -2.44
C THR A 481 15.07 -16.01 -2.62
N ASP A 482 14.08 -15.19 -3.02
CA ASP A 482 12.73 -15.68 -3.24
C ASP A 482 12.12 -14.69 -4.19
N VAL A 483 11.19 -15.15 -5.08
CA VAL A 483 10.65 -14.36 -6.19
C VAL A 483 9.85 -13.19 -5.64
N ALA A 484 9.36 -13.31 -4.40
CA ALA A 484 8.64 -12.19 -3.77
C ALA A 484 9.54 -11.20 -2.96
N ALA A 485 10.81 -11.55 -2.71
CA ALA A 485 11.71 -10.63 -1.97
C ALA A 485 12.60 -9.76 -2.87
N PRO A 486 12.40 -8.41 -2.86
CA PRO A 486 13.21 -7.47 -3.68
C PRO A 486 14.75 -7.66 -3.51
N PHE A 487 15.46 -7.59 -4.65
CA PHE A 487 16.92 -7.86 -4.89
C PHE A 487 17.55 -6.70 -5.68
N GLY A 488 18.54 -6.08 -5.04
CA GLY A 488 19.21 -4.93 -5.61
C GLY A 488 20.26 -4.35 -4.65
N GLY A 489 21.21 -3.60 -5.19
CA GLY A 489 22.31 -3.03 -4.42
C GLY A 489 22.19 -1.60 -3.93
N PHE A 490 23.17 -1.20 -3.13
CA PHE A 490 23.36 0.17 -2.64
C PHE A 490 24.81 0.51 -3.07
N LYS A 491 25.22 1.80 -2.96
CA LYS A 491 26.53 2.30 -3.41
C LYS A 491 26.81 1.88 -4.85
N GLN A 492 28.04 1.45 -5.12
CA GLN A 492 28.44 1.10 -6.48
C GLN A 492 27.99 -0.27 -7.03
N SER A 493 27.19 -1.04 -6.28
CA SER A 493 26.49 -2.18 -6.86
C SER A 493 25.30 -1.72 -7.71
N GLY A 494 24.92 -0.44 -7.64
CA GLY A 494 23.94 0.09 -8.59
C GLY A 494 22.65 0.47 -7.94
N PHE A 495 21.53 0.20 -8.62
CA PHE A 495 20.20 0.56 -8.05
C PHE A 495 19.01 -0.04 -8.86
N GLY A 496 17.81 0.06 -8.30
CA GLY A 496 16.67 -0.63 -8.92
C GLY A 496 16.62 -2.03 -8.33
N LYS A 497 15.42 -2.61 -8.36
CA LYS A 497 15.23 -3.94 -7.78
C LYS A 497 14.73 -4.91 -8.81
N ASP A 498 15.29 -6.12 -8.69
CA ASP A 498 14.73 -7.31 -9.35
C ASP A 498 13.90 -8.11 -8.32
N LEU A 499 12.74 -8.65 -8.75
CA LEU A 499 11.88 -9.43 -7.86
C LEU A 499 11.03 -8.64 -6.83
N GLY A 500 10.03 -9.30 -6.28
CA GLY A 500 9.08 -8.64 -5.40
C GLY A 500 8.20 -7.67 -6.13
N GLU A 501 7.35 -7.07 -5.34
CA GLU A 501 6.56 -5.99 -5.83
C GLU A 501 7.42 -4.86 -6.30
N ALA A 502 8.53 -4.58 -5.63
CA ALA A 502 9.33 -3.39 -6.02
C ALA A 502 9.77 -3.48 -7.44
N ALA A 503 10.17 -4.67 -7.89
CA ALA A 503 10.57 -4.84 -9.30
C ALA A 503 9.66 -4.20 -10.34
N LEU A 504 8.34 -4.25 -10.16
CA LEU A 504 7.41 -3.61 -11.07
C LEU A 504 7.57 -2.06 -11.23
N ASN A 505 8.09 -1.37 -10.21
CA ASN A 505 8.06 0.09 -10.25
C ASN A 505 9.12 0.58 -11.25
N GLU A 506 10.08 -0.30 -11.48
CA GLU A 506 11.06 -0.18 -12.55
C GLU A 506 10.52 -0.24 -13.96
N TYR A 507 9.34 -0.82 -14.15
CA TYR A 507 8.82 -0.97 -15.50
C TYR A 507 7.44 -0.38 -15.64
N LEU A 508 7.07 0.50 -14.70
CA LEU A 508 5.82 1.22 -14.82
C LEU A 508 6.16 2.71 -14.74
N ARG A 509 5.22 3.55 -15.20
CA ARG A 509 5.26 5.02 -15.07
C ARG A 509 3.95 5.53 -14.42
N ILE A 510 3.97 6.68 -13.74
CA ILE A 510 2.74 7.15 -13.05
C ILE A 510 2.19 8.41 -13.71
N LYS A 511 1.00 8.34 -14.30
CA LYS A 511 0.38 9.53 -14.81
C LYS A 511 -0.62 10.10 -13.81
N THR A 512 -0.56 11.40 -13.55
CA THR A 512 -1.46 11.98 -12.58
C THR A 512 -2.58 12.57 -13.40
N VAL A 513 -3.82 12.16 -13.15
CA VAL A 513 -4.94 12.85 -13.73
C VAL A 513 -5.59 13.71 -12.71
N THR A 514 -5.74 14.99 -12.95
CA THR A 514 -6.45 15.84 -11.98
C THR A 514 -7.62 16.56 -12.64
N PHE A 515 -8.85 16.27 -12.22
CA PHE A 515 -10.05 16.84 -12.85
C PHE A 515 -10.48 17.99 -11.98
N GLU A 516 -11.10 19.01 -12.56
CA GLU A 516 -11.89 19.93 -11.74
C GLU A 516 -13.32 19.83 -12.19
N TYR A 517 -14.28 19.88 -11.27
CA TYR A 517 -15.68 19.73 -11.63
C TYR A 517 -16.65 20.53 -10.76
N VAL B 20 27.15 36.28 15.26
CA VAL B 20 26.11 37.05 14.48
C VAL B 20 26.30 36.91 12.97
N ILE B 21 25.22 37.16 12.23
CA ILE B 21 25.16 36.92 10.79
C ILE B 21 25.18 38.26 10.07
N ASN B 22 25.97 38.42 9.02
CA ASN B 22 25.91 39.72 8.33
C ASN B 22 24.73 39.82 7.38
N TYR B 23 23.89 40.86 7.48
CA TYR B 23 22.78 40.99 6.53
C TYR B 23 22.91 42.11 5.49
N VAL B 24 22.19 42.04 4.38
CA VAL B 24 22.00 43.20 3.58
C VAL B 24 20.62 43.63 4.04
N GLU B 25 20.55 44.79 4.70
CA GLU B 25 19.32 45.41 5.14
C GLU B 25 18.78 46.21 3.93
N LYS B 26 17.47 46.32 3.83
CA LYS B 26 16.85 47.04 2.74
C LYS B 26 15.40 47.21 3.15
N ALA B 27 14.93 48.46 3.19
CA ALA B 27 13.57 48.80 3.66
C ALA B 27 12.58 48.84 2.50
N VAL B 28 11.73 47.82 2.37
CA VAL B 28 10.70 47.85 1.31
C VAL B 28 9.48 47.14 1.68
N ASN B 29 8.40 47.54 1.00
CA ASN B 29 7.09 46.93 1.14
C ASN B 29 6.61 47.03 2.58
N LYS B 30 6.94 48.13 3.26
CA LYS B 30 6.55 48.28 4.68
C LYS B 30 7.44 47.42 5.55
N LEU B 31 8.61 47.01 5.06
CA LEU B 31 9.41 46.04 5.79
C LEU B 31 10.88 46.35 5.93
N THR B 32 11.48 45.82 6.97
CA THR B 32 12.90 45.91 7.07
C THR B 32 13.39 44.51 6.80
N LEU B 33 13.86 44.29 5.57
CA LEU B 33 14.39 43.01 5.16
C LEU B 33 15.77 42.83 5.70
N GLN B 34 16.09 41.61 6.14
CA GLN B 34 17.45 41.29 6.59
C GLN B 34 17.89 40.05 5.84
N MET B 35 18.74 40.23 4.83
CA MET B 35 19.04 39.15 3.86
C MET B 35 20.48 38.59 3.91
N PRO B 36 20.66 37.31 4.16
CA PRO B 36 22.01 36.79 4.18
C PRO B 36 22.59 36.73 2.76
N TYR B 37 23.90 36.76 2.52
CA TYR B 37 24.36 36.86 1.15
C TYR B 37 25.52 35.94 0.95
N GLN B 38 25.77 35.17 1.99
CA GLN B 38 26.90 34.23 2.00
C GLN B 38 26.50 32.73 1.83
N LEU B 39 27.54 31.91 1.57
CA LEU B 39 27.53 30.46 1.65
C LEU B 39 27.04 30.04 3.05
N PHE B 40 26.22 28.98 3.10
CA PHE B 40 25.75 28.37 4.36
C PHE B 40 26.34 26.94 4.41
N ILE B 41 27.30 26.72 5.32
CA ILE B 41 28.09 25.50 5.40
C ILE B 41 28.23 25.22 6.87
N GLY B 42 27.83 24.04 7.29
CA GLY B 42 28.13 23.64 8.65
C GLY B 42 27.37 24.40 9.71
N GLY B 43 26.33 25.16 9.31
CA GLY B 43 25.50 25.89 10.27
C GLY B 43 26.03 27.30 10.51
N GLU B 44 27.00 27.73 9.70
CA GLU B 44 27.50 29.11 9.70
C GLU B 44 27.52 29.73 8.31
N PHE B 45 27.40 31.06 8.24
CA PHE B 45 27.52 31.75 6.96
C PHE B 45 28.94 32.19 6.78
N VAL B 46 29.60 31.76 5.70
CA VAL B 46 30.99 32.14 5.47
C VAL B 46 31.19 32.73 4.06
N ASP B 47 32.28 33.46 3.80
CA ASP B 47 32.51 33.86 2.43
C ASP B 47 33.06 32.70 1.70
N ALA B 48 32.85 32.70 0.40
CA ALA B 48 33.52 31.82 -0.51
C ALA B 48 35.04 31.97 -0.45
N GLU B 49 35.77 30.95 -0.91
CA GLU B 49 37.23 31.02 -1.07
C GLU B 49 37.69 32.28 -1.80
N GLY B 50 38.69 32.93 -1.19
CA GLY B 50 39.19 34.23 -1.67
C GLY B 50 38.15 35.34 -1.75
N SER B 51 37.23 35.33 -0.80
CA SER B 51 36.05 36.21 -0.76
C SER B 51 35.32 36.57 -2.08
N LYS B 52 35.34 35.69 -3.06
CA LYS B 52 34.75 36.00 -4.36
C LYS B 52 33.21 36.19 -4.32
N THR B 53 32.70 37.12 -5.12
CA THR B 53 31.28 37.43 -5.11
C THR B 53 30.73 37.66 -6.51
N TYR B 54 29.43 37.90 -6.60
CA TYR B 54 28.86 38.21 -7.90
C TYR B 54 27.54 38.98 -7.68
N ASN B 55 26.98 39.60 -8.73
CA ASN B 55 25.85 40.49 -8.46
C ASN B 55 24.47 39.85 -8.72
N THR B 56 23.57 39.93 -7.75
CA THR B 56 22.24 39.52 -8.06
C THR B 56 21.41 40.74 -8.52
N ILE B 57 20.56 40.57 -9.53
CA ILE B 57 19.98 41.69 -10.24
C ILE B 57 18.49 41.74 -10.09
N ASN B 58 17.93 42.88 -9.67
CA ASN B 58 16.50 43.06 -9.50
C ASN B 58 15.81 43.29 -10.85
N PRO B 59 14.98 42.33 -11.30
CA PRO B 59 14.40 42.46 -12.66
C PRO B 59 13.34 43.53 -12.83
N THR B 60 13.12 44.37 -11.82
CA THR B 60 12.01 45.33 -11.86
C THR B 60 12.50 46.62 -12.44
N ASP B 61 13.77 46.92 -12.14
CA ASP B 61 14.42 48.13 -12.61
C ASP B 61 15.87 47.93 -13.04
N GLY B 62 16.42 46.73 -12.95
CA GLY B 62 17.72 46.48 -13.48
C GLY B 62 18.81 46.67 -12.48
N SER B 63 18.49 47.04 -11.24
CA SER B 63 19.56 47.41 -10.30
C SER B 63 20.29 46.22 -9.68
N VAL B 64 21.45 46.45 -9.07
CA VAL B 64 22.11 45.39 -8.30
C VAL B 64 21.45 45.41 -6.93
N ILE B 65 21.02 44.27 -6.41
CA ILE B 65 20.40 44.17 -5.07
C ILE B 65 21.51 44.06 -4.06
N CYS B 66 22.52 43.25 -4.38
CA CYS B 66 23.69 43.22 -3.60
C CYS B 66 24.62 42.26 -4.22
N GLN B 67 25.64 41.96 -3.43
CA GLN B 67 26.66 41.05 -3.86
C GLN B 67 26.47 39.80 -3.02
N VAL B 68 26.60 38.64 -3.67
CA VAL B 68 26.41 37.32 -3.05
C VAL B 68 27.67 36.43 -3.23
N SER B 69 28.04 35.67 -2.19
CA SER B 69 29.21 34.80 -2.29
C SER B 69 29.12 33.88 -3.51
N LEU B 70 30.27 33.59 -4.11
CA LEU B 70 30.31 32.79 -5.31
C LEU B 70 31.09 31.53 -4.99
N ALA B 71 30.38 30.43 -4.80
CA ALA B 71 30.95 29.19 -4.25
C ALA B 71 32.15 28.68 -5.08
N GLN B 72 33.20 28.17 -4.43
CA GLN B 72 34.29 27.54 -5.19
C GLN B 72 34.37 26.01 -4.98
N VAL B 73 35.13 25.33 -5.85
CA VAL B 73 35.30 23.87 -5.69
C VAL B 73 35.62 23.45 -4.25
N SER B 74 36.46 24.19 -3.52
CA SER B 74 36.77 23.76 -2.15
C SER B 74 35.61 24.05 -1.15
N ASP B 75 34.71 24.98 -1.51
CA ASP B 75 33.51 25.23 -0.74
C ASP B 75 32.44 24.09 -0.89
N VAL B 76 32.26 23.65 -2.14
CA VAL B 76 31.47 22.48 -2.43
C VAL B 76 32.05 21.32 -1.60
N ASP B 77 33.37 21.15 -1.59
CA ASP B 77 33.92 20.08 -0.75
C ASP B 77 33.57 20.26 0.72
N LYS B 78 33.39 21.50 1.19
CA LYS B 78 33.07 21.68 2.61
C LYS B 78 31.59 21.44 2.91
N ALA B 79 30.72 21.97 2.04
CA ALA B 79 29.30 21.73 2.12
C ALA B 79 29.15 20.23 2.30
N VAL B 80 29.78 19.48 1.41
CA VAL B 80 29.61 18.07 1.41
C VAL B 80 30.21 17.41 2.68
N ALA B 81 31.40 17.83 3.12
CA ALA B 81 32.01 17.13 4.30
C ALA B 81 31.07 17.28 5.50
N ALA B 82 30.44 18.46 5.55
CA ALA B 82 29.51 18.84 6.58
C ALA B 82 28.22 18.01 6.42
N ALA B 83 27.72 17.88 5.20
CA ALA B 83 26.55 17.05 4.99
C ALA B 83 26.82 15.61 5.44
N LYS B 84 28.01 15.10 5.11
CA LYS B 84 28.38 13.74 5.46
C LYS B 84 28.50 13.57 6.99
N GLU B 85 29.07 14.55 7.66
CA GLU B 85 29.30 14.42 9.10
C GLU B 85 27.98 14.51 9.86
N ALA B 86 27.15 15.43 9.42
CA ALA B 86 25.85 15.55 10.05
C ALA B 86 25.09 14.23 9.89
N PHE B 87 25.14 13.62 8.72
CA PHE B 87 24.38 12.40 8.50
C PHE B 87 24.92 11.17 9.26
N GLU B 88 26.24 11.01 9.15
CA GLU B 88 26.93 9.89 9.79
C GLU B 88 27.05 9.92 11.30
N ASN B 89 27.32 11.09 11.88
CA ASN B 89 27.60 11.25 13.35
C ASN B 89 26.73 12.18 14.10
N GLY B 90 26.12 13.15 13.43
CA GLY B 90 25.28 14.13 14.14
C GLY B 90 23.88 13.67 14.52
N LEU B 91 23.17 14.59 15.17
CA LEU B 91 21.87 14.34 15.73
C LEU B 91 20.80 13.84 14.73
N TRP B 92 20.81 14.39 13.52
CA TRP B 92 19.84 14.08 12.47
C TRP B 92 19.68 12.60 12.24
N GLY B 93 20.80 11.88 12.24
CA GLY B 93 20.81 10.43 12.06
C GLY B 93 20.58 9.58 13.31
N LYS B 94 20.41 10.20 14.46
CA LYS B 94 20.27 9.44 15.70
C LYS B 94 18.84 9.61 16.26
N ILE B 95 18.13 10.64 15.82
CA ILE B 95 16.82 10.91 16.42
C ILE B 95 15.69 10.08 15.75
N ASN B 96 14.61 9.88 16.50
CA ASN B 96 13.34 9.23 16.07
C ASN B 96 12.70 9.87 14.83
N ALA B 97 12.13 9.02 13.98
CA ALA B 97 11.48 9.49 12.78
C ALA B 97 10.48 10.55 13.22
N ARG B 98 9.64 10.25 14.23
CA ARG B 98 8.68 11.23 14.78
C ARG B 98 9.30 12.60 15.11
N ASP B 99 10.55 12.59 15.54
CA ASP B 99 11.15 13.80 15.99
C ASP B 99 11.71 14.59 14.82
N ARG B 100 12.30 13.91 13.85
CA ARG B 100 12.56 14.53 12.58
C ARG B 100 11.29 15.19 12.05
N GLY B 101 10.15 14.53 12.16
CA GLY B 101 8.86 15.14 11.88
C GLY B 101 8.71 16.47 12.58
N ARG B 102 8.75 16.46 13.92
CA ARG B 102 8.61 17.68 14.73
C ARG B 102 9.47 18.77 14.19
N LEU B 103 10.78 18.53 14.10
CA LEU B 103 11.70 19.54 13.56
C LEU B 103 11.24 20.09 12.20
N LEU B 104 10.92 19.22 11.23
CA LEU B 104 10.43 19.68 9.93
C LEU B 104 9.12 20.48 10.10
N TYR B 105 8.24 20.11 11.02
CA TYR B 105 7.00 20.89 11.21
C TYR B 105 7.25 22.26 11.91
C TYR B 105 7.33 22.29 11.78
N ARG B 106 8.38 22.33 12.62
CA ARG B 106 8.76 23.55 13.32
C ARG B 106 9.32 24.50 12.31
N LEU B 107 10.13 23.98 11.41
CA LEU B 107 10.74 24.77 10.32
C LEU B 107 9.63 25.37 9.47
N ALA B 108 8.52 24.66 9.38
CA ALA B 108 7.40 25.14 8.64
C ALA B 108 6.69 26.30 9.38
N ASP B 109 6.61 26.23 10.71
CA ASP B 109 6.06 27.32 11.48
C ASP B 109 6.92 28.56 11.34
N VAL B 110 8.24 28.39 11.42
CA VAL B 110 9.18 29.47 11.25
C VAL B 110 8.98 30.13 9.87
N MET B 111 8.89 29.30 8.84
CA MET B 111 8.70 29.83 7.50
C MET B 111 7.41 30.67 7.47
N GLU B 112 6.38 30.26 8.18
CA GLU B 112 5.12 31.00 8.16
C GLU B 112 5.22 32.33 8.94
N GLN B 113 5.98 32.30 10.04
CA GLN B 113 6.28 33.47 10.84
C GLN B 113 7.03 34.47 9.97
N HIS B 114 7.81 34.00 9.00
CA HIS B 114 8.49 34.94 8.13
C HIS B 114 7.91 35.06 6.70
N GLN B 115 6.61 34.89 6.50
CA GLN B 115 6.15 34.76 5.13
C GLN B 115 6.15 36.04 4.29
N GLU B 116 5.63 37.13 4.86
CA GLU B 116 5.69 38.43 4.22
C GLU B 116 7.13 38.75 3.86
N GLU B 117 8.05 38.53 4.78
CA GLU B 117 9.43 38.84 4.42
C GLU B 117 9.91 37.92 3.25
N LEU B 118 9.63 36.62 3.28
CA LEU B 118 10.10 35.78 2.17
C LEU B 118 9.43 36.13 0.86
N ALA B 119 8.16 36.56 0.88
CA ALA B 119 7.55 36.82 -0.42
C ALA B 119 8.12 38.12 -1.05
N THR B 120 8.32 39.13 -0.20
CA THR B 120 9.05 40.33 -0.59
C THR B 120 10.40 39.98 -1.21
N ILE B 121 11.28 39.30 -0.48
CA ILE B 121 12.57 38.90 -1.06
C ILE B 121 12.40 38.21 -2.41
N GLU B 122 11.40 37.33 -2.55
CA GLU B 122 11.20 36.60 -3.81
C GLU B 122 10.70 37.56 -4.91
N ALA B 123 9.95 38.59 -4.50
CA ALA B 123 9.53 39.63 -5.43
C ALA B 123 10.79 40.45 -5.89
N LEU B 124 11.66 40.85 -4.99
CA LEU B 124 12.82 41.56 -5.45
C LEU B 124 13.70 40.68 -6.30
N ASP B 125 13.91 39.45 -5.86
CA ASP B 125 14.99 38.69 -6.42
C ASP B 125 14.58 38.02 -7.73
N ALA B 126 13.28 37.92 -7.99
CA ALA B 126 12.80 37.04 -9.06
C ALA B 126 11.59 37.54 -9.79
N GLY B 127 11.04 38.66 -9.34
CA GLY B 127 10.06 39.33 -10.13
C GLY B 127 8.70 38.71 -9.95
N ALA B 128 8.49 37.99 -8.83
CA ALA B 128 7.21 37.26 -8.57
C ALA B 128 6.23 38.28 -8.05
N VAL B 129 5.06 38.33 -8.65
CA VAL B 129 4.10 39.28 -8.20
C VAL B 129 3.81 38.98 -6.70
N TYR B 130 3.81 40.01 -5.86
CA TYR B 130 3.90 39.76 -4.41
C TYR B 130 2.65 38.99 -3.93
N THR B 131 1.47 39.31 -4.41
CA THR B 131 0.34 38.50 -3.95
C THR B 131 0.57 37.00 -4.25
N LEU B 132 1.02 36.65 -5.45
CA LEU B 132 1.24 35.25 -5.77
C LEU B 132 2.45 34.64 -5.04
N ALA B 133 3.44 35.45 -4.73
CA ALA B 133 4.55 34.94 -3.99
C ALA B 133 4.09 34.56 -2.56
N LEU B 134 3.10 35.25 -2.00
CA LEU B 134 2.54 34.86 -0.70
C LEU B 134 1.71 33.62 -0.80
N LYS B 135 0.63 33.64 -1.62
CA LYS B 135 -0.34 32.55 -1.72
C LYS B 135 0.28 31.24 -2.20
N THR B 136 1.21 31.31 -3.17
CA THR B 136 1.80 30.15 -3.86
C THR B 136 3.30 29.87 -3.63
N HIS B 137 4.19 30.73 -4.17
CA HIS B 137 5.63 30.51 -4.01
C HIS B 137 5.96 30.11 -2.57
N VAL B 138 5.54 30.96 -1.61
CA VAL B 138 5.77 30.73 -0.19
C VAL B 138 4.65 29.86 0.47
N GLY B 139 3.40 30.14 0.13
CA GLY B 139 2.25 29.35 0.59
C GLY B 139 2.45 27.85 0.34
N MET B 140 2.79 27.45 -0.89
CA MET B 140 3.03 26.06 -1.17
C MET B 140 4.33 25.56 -0.54
N SER B 141 5.33 26.43 -0.38
CA SER B 141 6.56 26.01 0.26
C SER B 141 6.17 25.48 1.63
N ILE B 142 5.31 26.23 2.31
CA ILE B 142 4.92 25.89 3.68
C ILE B 142 4.14 24.59 3.73
N GLN B 143 3.09 24.44 2.92
CA GLN B 143 2.38 23.16 2.78
C GLN B 143 3.35 22.01 2.52
N THR B 144 4.47 22.29 1.82
CA THR B 144 5.33 21.23 1.37
C THR B 144 6.04 20.64 2.57
N PHE B 145 6.66 21.47 3.40
CA PHE B 145 7.27 20.91 4.63
C PHE B 145 6.23 20.32 5.59
N ARG B 146 5.05 20.93 5.75
CA ARG B 146 4.09 20.40 6.64
C ARG B 146 3.61 19.03 6.20
N TYR B 147 3.18 18.87 4.93
CA TYR B 147 2.89 17.54 4.32
C TYR B 147 3.99 16.46 4.63
N PHE B 148 5.22 16.70 4.18
CA PHE B 148 6.28 15.71 4.35
C PHE B 148 6.62 15.40 5.82
N ALA B 149 6.50 16.39 6.67
CA ALA B 149 6.74 16.12 8.08
C ALA B 149 5.77 15.06 8.54
N GLY B 150 4.52 15.15 8.11
CA GLY B 150 3.55 14.06 8.28
C GLY B 150 4.03 12.66 7.92
N TRP B 151 4.85 12.54 6.87
CA TRP B 151 5.24 11.25 6.33
C TRP B 151 6.30 10.59 7.20
N CYS B 152 7.12 11.38 7.89
CA CYS B 152 8.35 10.83 8.49
C CYS B 152 8.17 9.51 9.27
N ASP B 153 7.12 9.45 10.09
CA ASP B 153 6.91 8.30 10.95
C ASP B 153 5.87 7.40 10.31
N LYS B 154 5.68 7.54 9.01
CA LYS B 154 4.66 6.78 8.32
C LYS B 154 5.22 6.09 7.10
N ILE B 155 6.53 6.16 6.93
CA ILE B 155 7.25 5.43 5.91
C ILE B 155 7.43 4.03 6.43
N GLN B 156 6.84 3.05 5.75
CA GLN B 156 6.89 1.64 6.22
C GLN B 156 7.52 0.63 5.25
N GLY B 157 8.17 -0.37 5.78
CA GLY B 157 8.60 -1.49 5.00
C GLY B 157 7.56 -2.61 4.99
N ALA B 158 8.01 -3.84 4.72
CA ALA B 158 7.06 -4.98 4.49
C ALA B 158 7.49 -6.23 5.22
N THR B 159 6.56 -7.13 5.51
CA THR B 159 6.94 -8.51 5.74
C THR B 159 6.31 -9.31 4.61
N ILE B 160 7.02 -10.30 4.11
CA ILE B 160 6.69 -10.87 2.84
C ILE B 160 6.69 -12.38 2.93
N PRO B 161 5.66 -13.01 2.39
CA PRO B 161 5.49 -14.40 2.72
C PRO B 161 6.24 -15.37 1.80
N ILE B 162 7.54 -15.38 1.90
CA ILE B 162 8.39 -16.18 1.02
C ILE B 162 8.25 -17.68 1.30
N ASN B 163 8.69 -18.51 0.34
CA ASN B 163 8.78 -20.00 0.48
C ASN B 163 9.61 -20.43 1.66
N GLN B 164 9.19 -21.49 2.37
CA GLN B 164 9.86 -21.89 3.62
C GLN B 164 10.81 -22.99 3.31
N ALA B 165 12.06 -22.80 3.74
CA ALA B 165 13.12 -23.84 3.71
C ALA B 165 12.87 -25.02 4.72
N ARG B 166 11.76 -25.73 4.47
CA ARG B 166 11.35 -26.83 5.33
C ARG B 166 12.48 -27.90 5.37
N PRO B 167 12.75 -28.51 6.54
CA PRO B 167 12.04 -28.51 7.84
C PRO B 167 12.19 -27.17 8.63
N ASN B 168 12.83 -26.17 8.04
CA ASN B 168 13.04 -24.92 8.75
C ASN B 168 11.98 -23.85 8.44
N ARG B 169 12.13 -22.65 9.01
CA ARG B 169 11.21 -21.50 8.86
C ARG B 169 11.97 -20.24 8.39
N ASN B 170 11.32 -19.36 7.63
CA ASN B 170 11.97 -18.10 7.17
C ASN B 170 11.12 -16.85 7.44
N LEU B 171 11.77 -15.76 7.89
CA LEU B 171 11.15 -14.45 7.97
C LEU B 171 11.95 -13.45 7.09
N THR B 172 11.22 -12.76 6.20
CA THR B 172 11.71 -11.75 5.30
C THR B 172 10.95 -10.44 5.55
N LEU B 173 11.71 -9.38 5.83
CA LEU B 173 11.12 -8.10 6.02
C LEU B 173 11.99 -7.10 5.25
N THR B 174 11.45 -5.91 4.94
CA THR B 174 12.23 -4.82 4.24
C THR B 174 12.25 -3.59 5.16
N LYS B 175 13.37 -2.91 5.23
CA LYS B 175 13.56 -1.66 6.04
C LYS B 175 13.75 -0.60 5.00
N LYS B 176 12.98 0.48 5.09
CA LYS B 176 13.24 1.64 4.26
C LYS B 176 14.36 2.43 4.99
N GLU B 177 15.46 2.77 4.31
CA GLU B 177 16.50 3.64 4.90
C GLU B 177 16.80 4.94 4.03
N PRO B 178 17.33 6.04 4.64
CA PRO B 178 17.84 7.18 3.83
C PRO B 178 18.93 6.78 2.85
N VAL B 179 19.06 7.44 1.70
CA VAL B 179 20.25 7.23 0.85
C VAL B 179 21.52 7.85 1.41
N GLY B 180 21.42 8.95 2.15
CA GLY B 180 22.63 9.61 2.68
C GLY B 180 22.78 11.03 2.17
N VAL B 181 24.01 11.43 1.82
CA VAL B 181 24.20 12.82 1.32
C VAL B 181 23.64 13.05 -0.08
N CYS B 182 22.81 14.09 -0.23
CA CYS B 182 22.19 14.39 -1.52
C CYS B 182 22.51 15.77 -2.07
N GLY B 183 22.77 15.90 -3.38
CA GLY B 183 22.92 17.21 -4.00
C GLY B 183 21.64 17.56 -4.74
N ILE B 184 21.02 18.67 -4.38
CA ILE B 184 19.88 19.14 -5.20
C ILE B 184 20.19 20.45 -5.86
N VAL B 185 19.74 20.62 -7.11
CA VAL B 185 20.00 21.80 -7.98
C VAL B 185 18.62 22.34 -8.37
N ILE B 186 18.38 23.62 -8.08
CA ILE B 186 17.05 24.23 -8.13
C ILE B 186 16.99 25.28 -9.24
N PRO B 187 15.83 25.39 -9.94
CA PRO B 187 15.64 26.36 -11.04
C PRO B 187 15.28 27.72 -10.54
N TRP B 188 15.27 28.69 -11.43
CA TRP B 188 15.02 30.08 -11.03
C TRP B 188 13.55 30.52 -11.17
N ASN B 189 12.71 29.66 -11.75
CA ASN B 189 11.36 30.08 -11.93
C ASN B 189 10.65 30.26 -10.65
N TYR B 190 10.70 29.32 -9.72
CA TYR B 190 10.14 29.61 -8.39
C TYR B 190 11.19 29.18 -7.40
N PRO B 191 12.11 30.07 -7.07
CA PRO B 191 13.25 29.65 -6.27
C PRO B 191 12.84 28.92 -5.01
N LEU B 192 11.97 29.48 -4.17
CA LEU B 192 11.79 28.87 -2.84
C LEU B 192 10.90 27.65 -2.92
N MET B 193 9.88 27.73 -3.76
CA MET B 193 8.90 26.67 -3.82
C MET B 193 9.70 25.45 -4.33
N MET B 194 10.51 25.61 -5.39
CA MET B 194 11.17 24.41 -5.89
C MET B 194 12.20 23.93 -4.88
N LEU B 195 12.86 24.84 -4.19
CA LEU B 195 13.74 24.41 -3.12
C LEU B 195 12.99 23.51 -2.12
N SER B 196 11.80 23.99 -1.73
CA SER B 196 10.93 23.29 -0.79
C SER B 196 10.44 21.93 -1.33
N TRP B 197 9.98 21.89 -2.57
CA TRP B 197 9.52 20.62 -3.18
C TRP B 197 10.58 19.51 -2.95
N LYS B 198 11.86 19.74 -3.35
CA LYS B 198 12.88 18.69 -3.34
C LYS B 198 13.49 18.50 -1.96
N THR B 199 13.65 19.60 -1.22
CA THR B 199 14.30 19.53 0.08
C THR B 199 13.45 18.82 1.16
N ALA B 200 12.17 19.20 1.30
CA ALA B 200 11.29 18.58 2.29
C ALA B 200 11.26 17.04 2.20
N ALA B 201 10.99 16.52 1.01
CA ALA B 201 11.00 15.09 0.77
C ALA B 201 12.39 14.51 1.11
N CYS B 202 13.45 15.06 0.54
CA CYS B 202 14.80 14.64 0.88
C CYS B 202 15.05 14.55 2.40
N LEU B 203 14.71 15.59 3.15
CA LEU B 203 14.92 15.50 4.59
C LEU B 203 13.86 14.65 5.34
N ALA B 204 12.57 14.72 4.93
CA ALA B 204 11.63 13.76 5.51
C ALA B 204 12.26 12.31 5.54
N ALA B 205 12.95 11.90 4.46
CA ALA B 205 13.49 10.54 4.36
C ALA B 205 14.76 10.33 5.20
N GLY B 206 15.20 11.39 5.86
CA GLY B 206 16.29 11.27 6.87
C GLY B 206 17.69 11.50 6.30
N ASN B 207 17.76 12.13 5.11
CA ASN B 207 19.01 12.51 4.46
C ASN B 207 19.54 13.89 4.97
N THR B 208 20.77 14.23 4.59
CA THR B 208 21.31 15.59 4.71
C THR B 208 21.55 16.03 3.27
N VAL B 209 21.78 17.33 3.04
CA VAL B 209 21.63 17.92 1.69
C VAL B 209 22.59 19.08 1.37
N VAL B 210 23.07 19.17 0.13
CA VAL B 210 23.81 20.36 -0.35
C VAL B 210 22.94 20.97 -1.45
N ILE B 211 22.45 22.20 -1.24
CA ILE B 211 21.50 22.86 -2.16
C ILE B 211 22.23 23.93 -3.05
N LYS B 212 21.91 23.94 -4.35
CA LYS B 212 22.46 24.89 -5.34
C LYS B 212 21.27 25.64 -5.90
N PRO B 213 21.04 26.88 -5.41
CA PRO B 213 19.91 27.60 -6.01
C PRO B 213 20.44 28.13 -7.32
N ALA B 214 19.58 28.58 -8.20
CA ALA B 214 20.10 29.03 -9.47
C ALA B 214 21.01 30.22 -9.21
N GLN B 215 22.06 30.41 -10.02
CA GLN B 215 22.92 31.64 -9.96
C GLN B 215 22.07 32.92 -9.95
N VAL B 216 21.06 33.04 -10.81
CA VAL B 216 20.24 34.24 -10.79
C VAL B 216 19.27 34.49 -9.65
N THR B 217 19.02 33.54 -8.76
CA THR B 217 18.03 33.73 -7.72
C THR B 217 18.48 33.07 -6.41
N PRO B 218 19.50 33.65 -5.73
CA PRO B 218 20.01 33.01 -4.50
C PRO B 218 19.32 33.41 -3.19
N LEU B 219 18.55 34.48 -3.21
CA LEU B 219 18.23 35.16 -1.93
C LEU B 219 17.25 34.44 -0.99
N THR B 220 16.12 33.93 -1.52
CA THR B 220 15.21 33.16 -0.65
C THR B 220 15.90 31.90 -0.12
N ALA B 221 16.67 31.20 -0.95
CA ALA B 221 17.48 30.10 -0.42
C ALA B 221 18.31 30.54 0.81
N LEU B 222 19.08 31.60 0.65
CA LEU B 222 19.93 32.03 1.77
C LEU B 222 19.13 32.41 3.03
N LYS B 223 17.97 33.03 2.85
CA LYS B 223 17.14 33.39 4.02
C LYS B 223 16.54 32.10 4.61
N PHE B 224 16.06 31.22 3.73
CA PHE B 224 15.66 29.89 4.20
C PHE B 224 16.77 29.19 5.02
N ALA B 225 18.02 29.22 4.53
CA ALA B 225 19.14 28.71 5.29
C ALA B 225 19.04 29.21 6.72
N GLU B 226 18.88 30.52 6.91
CA GLU B 226 18.93 31.10 8.26
C GLU B 226 17.75 30.63 9.06
N LEU B 227 16.60 30.47 8.41
CA LEU B 227 15.46 29.97 9.08
C LEU B 227 15.74 28.59 9.67
N THR B 228 16.54 27.77 9.00
CA THR B 228 16.78 26.45 9.57
C THR B 228 17.45 26.55 10.93
N LEU B 229 18.36 27.51 11.06
CA LEU B 229 18.98 27.88 12.36
C LEU B 229 17.94 28.27 13.38
N LYS B 230 17.10 29.23 13.00
CA LYS B 230 16.00 29.59 13.85
C LYS B 230 15.14 28.36 14.22
N ALA B 231 15.14 27.32 13.38
CA ALA B 231 14.25 26.17 13.63
C ALA B 231 14.91 25.02 14.40
N GLY B 232 16.21 25.13 14.71
CA GLY B 232 16.89 24.06 15.44
C GLY B 232 17.30 22.87 14.60
N ILE B 233 17.09 22.93 13.28
CA ILE B 233 17.62 21.89 12.43
C ILE B 233 19.15 21.80 12.73
N PRO B 234 19.64 20.58 13.02
CA PRO B 234 21.03 20.32 13.35
C PRO B 234 22.01 20.87 12.35
N LYS B 235 23.07 21.52 12.87
CA LYS B 235 24.25 21.97 12.09
C LYS B 235 24.68 20.87 11.13
N GLY B 236 24.86 21.22 9.85
CA GLY B 236 25.25 20.23 8.83
C GLY B 236 24.13 19.64 7.94
N VAL B 237 22.87 19.69 8.36
CA VAL B 237 21.84 18.98 7.66
C VAL B 237 21.49 19.67 6.33
N VAL B 238 21.49 20.99 6.32
CA VAL B 238 21.23 21.82 5.12
C VAL B 238 22.47 22.70 4.88
N ASN B 239 22.94 22.74 3.64
CA ASN B 239 24.10 23.52 3.21
C ASN B 239 23.84 24.18 1.89
N ILE B 240 23.82 25.50 1.83
CA ILE B 240 23.52 26.15 0.56
C ILE B 240 24.76 26.78 -0.02
N LEU B 241 24.93 26.66 -1.36
CA LEU B 241 26.10 27.11 -2.14
C LEU B 241 25.71 27.92 -3.40
N PRO B 242 25.42 29.23 -3.23
CA PRO B 242 25.04 30.00 -4.43
C PRO B 242 26.25 30.18 -5.34
N GLY B 243 26.01 30.40 -6.63
CA GLY B 243 27.10 30.59 -7.55
C GLY B 243 26.89 29.98 -8.93
N SER B 244 27.99 29.65 -9.58
CA SER B 244 27.93 29.03 -10.89
C SER B 244 27.39 27.61 -10.88
N GLY B 245 26.38 27.43 -11.75
CA GLY B 245 25.74 26.16 -11.99
C GLY B 245 26.67 25.06 -12.45
N SER B 246 27.55 25.36 -13.39
CA SER B 246 28.42 24.30 -13.89
C SER B 246 29.65 24.13 -13.04
N LEU B 247 29.88 25.00 -12.08
CA LEU B 247 30.99 24.71 -11.21
C LEU B 247 30.43 23.83 -10.11
N VAL B 248 29.32 24.24 -9.47
CA VAL B 248 28.77 23.56 -8.29
C VAL B 248 27.98 22.32 -8.69
N GLY B 249 27.09 22.44 -9.66
CA GLY B 249 26.40 21.27 -10.19
C GLY B 249 27.41 20.21 -10.68
N GLN B 250 28.37 20.60 -11.52
CA GLN B 250 29.39 19.65 -11.92
C GLN B 250 29.99 18.93 -10.69
N ARG B 251 30.74 19.60 -9.82
CA ARG B 251 31.37 18.92 -8.68
C ARG B 251 30.44 18.07 -7.73
N LEU B 252 29.17 18.51 -7.55
CA LEU B 252 28.22 17.72 -6.75
C LEU B 252 27.99 16.37 -7.44
N SER B 253 28.02 16.36 -8.77
CA SER B 253 27.91 15.14 -9.53
C SER B 253 29.09 14.22 -9.50
N ASP B 254 30.29 14.75 -9.27
CA ASP B 254 31.51 13.93 -9.39
C ASP B 254 31.85 13.39 -8.05
N HIS B 255 31.21 13.91 -7.01
CA HIS B 255 31.77 13.76 -5.70
C HIS B 255 31.53 12.35 -5.17
N PRO B 256 32.55 11.76 -4.54
CA PRO B 256 32.41 10.36 -4.07
C PRO B 256 31.49 10.13 -2.87
N ASP B 257 31.12 11.18 -2.16
CA ASP B 257 30.33 11.03 -0.94
C ASP B 257 28.87 11.42 -1.21
N VAL B 258 28.59 11.96 -2.39
CA VAL B 258 27.23 12.22 -2.79
C VAL B 258 26.61 10.93 -3.40
N ARG B 259 25.42 10.53 -2.93
CA ARG B 259 24.78 9.29 -3.37
C ARG B 259 23.54 9.50 -4.19
N LYS B 260 23.07 10.74 -4.29
CA LYS B 260 21.90 11.05 -5.11
C LYS B 260 21.98 12.50 -5.59
N ILE B 261 21.57 12.76 -6.84
CA ILE B 261 21.46 14.12 -7.35
C ILE B 261 20.01 14.34 -7.70
N GLY B 262 19.36 15.35 -7.14
CA GLY B 262 18.06 15.78 -7.68
C GLY B 262 18.37 16.93 -8.58
N PHE B 263 17.97 16.87 -9.85
CA PHE B 263 18.17 17.95 -10.82
C PHE B 263 16.85 18.33 -11.55
N THR B 264 16.43 19.60 -11.43
CA THR B 264 15.39 20.21 -12.28
C THR B 264 16.05 21.32 -13.14
N GLY B 265 15.80 21.38 -14.44
CA GLY B 265 16.41 22.45 -15.21
C GLY B 265 16.28 22.25 -16.70
N SER B 266 17.41 22.48 -17.40
CA SER B 266 17.48 22.44 -18.88
C SER B 266 17.81 21.04 -19.35
N THR B 267 17.46 20.68 -20.58
CA THR B 267 17.73 19.30 -21.06
C THR B 267 19.21 18.95 -21.20
N GLU B 268 19.94 19.73 -22.00
CA GLU B 268 21.41 19.53 -22.17
C GLU B 268 22.16 19.43 -20.85
N VAL B 269 21.81 20.25 -19.88
CA VAL B 269 22.55 20.22 -18.63
C VAL B 269 22.17 18.95 -17.87
N GLY B 270 20.91 18.59 -17.98
CA GLY B 270 20.43 17.30 -17.47
C GLY B 270 21.25 16.16 -17.99
N LYS B 271 21.26 15.97 -19.29
CA LYS B 271 22.04 14.88 -19.84
C LYS B 271 23.48 14.82 -19.21
N HIS B 272 24.18 15.97 -19.17
N HIS B 272 24.18 15.95 -19.15
CA HIS B 272 25.57 16.06 -18.64
CA HIS B 272 25.57 15.92 -18.71
C HIS B 272 25.61 15.54 -17.21
C HIS B 272 25.73 15.72 -17.17
N ILE B 273 24.65 16.00 -16.41
CA ILE B 273 24.51 15.60 -15.00
C ILE B 273 24.35 14.07 -14.87
N MET B 274 23.42 13.49 -15.63
CA MET B 274 23.25 12.06 -15.50
C MET B 274 24.55 11.37 -15.91
N LYS B 275 25.12 11.82 -17.03
CA LYS B 275 26.37 11.30 -17.53
C LYS B 275 27.42 11.34 -16.37
N SER B 276 27.53 12.46 -15.65
CA SER B 276 28.55 12.61 -14.60
C SER B 276 28.29 11.70 -13.38
N CYS B 277 27.01 11.47 -13.09
CA CYS B 277 26.57 10.56 -12.03
C CYS B 277 27.05 9.12 -12.27
N ALA B 278 26.85 8.70 -13.53
CA ALA B 278 27.34 7.42 -14.07
C ALA B 278 28.86 7.21 -13.91
N LEU B 279 29.62 8.20 -14.38
CA LEU B 279 31.13 8.16 -14.38
C LEU B 279 31.84 8.22 -13.02
N SER B 280 31.16 8.61 -11.97
CA SER B 280 31.82 8.73 -10.71
C SER B 280 31.54 7.50 -9.88
N ASN B 281 30.30 7.32 -9.44
CA ASN B 281 29.99 6.25 -8.47
C ASN B 281 28.56 5.69 -8.65
N VAL B 282 28.01 5.93 -9.84
CA VAL B 282 26.67 5.52 -10.15
C VAL B 282 25.70 5.94 -9.09
N LYS B 283 25.84 7.19 -8.63
CA LYS B 283 24.80 7.81 -7.80
C LYS B 283 23.42 7.76 -8.45
N LYS B 284 22.36 7.68 -7.66
CA LYS B 284 20.99 7.82 -8.19
C LYS B 284 20.77 9.28 -8.65
N VAL B 285 19.90 9.44 -9.65
CA VAL B 285 19.60 10.72 -10.26
C VAL B 285 18.07 10.94 -10.62
N SER B 286 17.55 12.13 -10.32
CA SER B 286 16.19 12.52 -10.74
C SER B 286 16.38 13.53 -11.85
N LEU B 287 15.49 13.64 -12.82
CA LEU B 287 15.59 14.72 -13.81
C LEU B 287 14.22 15.28 -14.25
N GLU B 288 14.00 16.62 -14.04
CA GLU B 288 12.84 17.33 -14.63
C GLU B 288 13.37 18.36 -15.60
N LEU B 289 13.17 18.11 -16.89
CA LEU B 289 13.83 18.86 -17.91
C LEU B 289 12.83 19.71 -18.72
N GLY B 290 11.83 20.27 -18.04
CA GLY B 290 10.74 21.08 -18.73
C GLY B 290 9.84 20.34 -19.78
N GLY B 291 9.12 21.09 -20.61
CA GLY B 291 8.19 20.44 -21.53
C GLY B 291 7.56 21.36 -22.54
N LYS B 292 6.67 20.78 -23.36
CA LYS B 292 5.97 21.43 -24.47
C LYS B 292 4.53 20.93 -24.38
N SER B 293 3.87 21.34 -23.33
CA SER B 293 2.67 20.65 -22.93
C SER B 293 1.44 21.03 -23.71
N PRO B 294 0.78 20.06 -24.35
CA PRO B 294 -0.41 20.27 -25.15
C PRO B 294 -1.70 20.51 -24.35
N LEU B 295 -2.60 21.34 -24.84
CA LEU B 295 -3.93 21.61 -24.22
C LEU B 295 -4.90 21.67 -25.36
N ILE B 296 -5.77 20.66 -25.40
CA ILE B 296 -6.77 20.40 -26.42
C ILE B 296 -8.12 20.95 -25.94
N ILE B 297 -8.77 21.74 -26.76
CA ILE B 297 -9.96 22.40 -26.29
C ILE B 297 -11.07 22.14 -27.26
N PHE B 298 -12.05 21.32 -26.90
CA PHE B 298 -13.12 20.92 -27.83
C PHE B 298 -14.16 21.99 -27.82
N ALA B 299 -15.03 21.94 -28.84
CA ALA B 299 -16.21 22.80 -29.01
C ALA B 299 -17.19 22.73 -27.86
N ASP B 300 -17.41 21.52 -27.35
CA ASP B 300 -18.43 21.34 -26.28
C ASP B 300 -18.01 21.68 -24.84
N CYS B 301 -16.89 22.39 -24.67
CA CYS B 301 -16.50 22.88 -23.36
C CYS B 301 -17.27 24.13 -23.04
N ASP B 302 -17.04 24.59 -21.81
CA ASP B 302 -17.62 25.83 -21.39
C ASP B 302 -16.60 26.90 -21.79
N LEU B 303 -16.99 27.76 -22.74
CA LEU B 303 -16.01 28.56 -23.49
C LEU B 303 -15.38 29.72 -22.74
N ASN B 304 -16.16 30.55 -22.05
CA ASN B 304 -15.60 31.58 -21.17
C ASN B 304 -14.61 30.96 -20.16
N LYS B 305 -14.98 29.81 -19.57
CA LYS B 305 -14.13 29.24 -18.54
C LYS B 305 -12.85 28.73 -19.21
N ALA B 306 -13.00 28.16 -20.42
CA ALA B 306 -11.86 27.72 -21.24
C ALA B 306 -10.90 28.88 -21.55
N VAL B 307 -11.46 30.07 -21.72
CA VAL B 307 -10.68 31.27 -21.94
C VAL B 307 -9.89 31.58 -20.67
N GLN B 308 -10.60 31.63 -19.53
CA GLN B 308 -10.00 32.00 -18.26
C GLN B 308 -8.89 31.02 -17.94
N MET B 309 -9.20 29.72 -18.00
CA MET B 309 -8.23 28.69 -17.61
C MET B 309 -7.14 28.50 -18.67
N GLY B 310 -7.51 28.71 -19.95
CA GLY B 310 -6.54 28.69 -21.06
C GLY B 310 -5.49 29.78 -20.90
N MET B 311 -5.94 31.00 -20.60
CA MET B 311 -5.01 32.10 -20.38
C MET B 311 -4.04 31.86 -19.28
N SER B 312 -4.58 31.46 -18.14
CA SER B 312 -3.76 31.04 -17.03
C SER B 312 -2.81 29.90 -17.35
N SER B 313 -3.22 28.94 -18.18
CA SER B 313 -2.33 27.81 -18.43
C SER B 313 -1.03 28.28 -19.04
N VAL B 314 -1.11 29.41 -19.76
CA VAL B 314 0.05 30.09 -20.38
C VAL B 314 0.69 31.16 -19.49
N PHE B 315 -0.11 32.11 -19.02
CA PHE B 315 0.42 33.32 -18.45
C PHE B 315 0.83 33.20 -16.97
N PHE B 316 0.37 32.14 -16.30
CA PHE B 316 0.57 32.03 -14.85
C PHE B 316 2.03 32.25 -14.48
N ASN B 317 2.35 33.07 -13.47
CA ASN B 317 3.79 33.33 -13.05
C ASN B 317 4.65 33.72 -14.28
N LYS B 318 4.16 34.69 -15.04
CA LYS B 318 4.78 35.15 -16.28
C LYS B 318 5.36 34.03 -17.20
N GLY B 319 4.71 32.85 -17.19
CA GLY B 319 5.00 31.75 -18.10
C GLY B 319 6.26 30.97 -17.73
N GLU B 320 6.94 31.39 -16.63
CA GLU B 320 8.15 30.77 -16.17
C GLU B 320 7.66 29.65 -15.24
N ASN B 321 7.41 28.49 -15.84
CA ASN B 321 6.51 27.42 -15.32
C ASN B 321 6.78 26.18 -16.16
N ALA B 322 7.42 25.18 -15.56
CA ALA B 322 7.88 24.03 -16.34
C ALA B 322 6.75 23.22 -16.98
N ILE B 323 5.52 23.40 -16.53
CA ILE B 323 4.34 22.73 -17.09
C ILE B 323 3.29 23.61 -17.79
N ALA B 324 3.68 24.86 -18.11
CA ALA B 324 2.76 25.75 -18.90
C ALA B 324 2.33 25.08 -20.20
N ALA B 325 1.09 25.33 -20.57
CA ALA B 325 0.65 24.93 -21.88
C ALA B 325 1.49 25.60 -22.95
N GLY B 326 2.22 24.77 -23.71
CA GLY B 326 3.13 25.23 -24.78
C GLY B 326 2.52 25.22 -26.19
N ARG B 327 1.26 24.78 -26.32
CA ARG B 327 0.52 24.58 -27.58
C ARG B 327 -0.96 24.40 -27.18
N LEU B 328 -1.88 25.20 -27.71
CA LEU B 328 -3.26 25.05 -27.43
C LEU B 328 -3.80 24.59 -28.75
N PHE B 329 -4.53 23.48 -28.81
CA PHE B 329 -5.23 23.03 -30.01
C PHE B 329 -6.70 23.31 -29.75
N VAL B 330 -7.32 24.20 -30.53
CA VAL B 330 -8.69 24.64 -30.30
C VAL B 330 -9.49 24.15 -31.48
N GLU B 331 -10.66 23.55 -31.20
CA GLU B 331 -11.49 22.84 -32.25
C GLU B 331 -11.90 23.87 -33.25
N GLU B 332 -11.98 23.48 -34.52
CA GLU B 332 -12.31 24.42 -35.59
C GLU B 332 -13.44 25.43 -35.27
N SER B 333 -14.65 24.94 -35.06
CA SER B 333 -15.78 25.82 -34.93
C SER B 333 -15.76 26.81 -33.74
N ILE B 334 -14.88 26.64 -32.77
CA ILE B 334 -14.84 27.66 -31.70
C ILE B 334 -13.55 28.45 -31.73
N HIS B 335 -12.70 28.22 -32.71
CA HIS B 335 -11.36 28.81 -32.69
C HIS B 335 -11.33 30.35 -32.67
N ASN B 336 -11.85 30.96 -33.74
CA ASN B 336 -12.04 32.40 -33.84
C ASN B 336 -12.79 33.03 -32.66
N GLN B 337 -13.94 32.47 -32.27
CA GLN B 337 -14.57 32.99 -31.06
C GLN B 337 -13.62 32.95 -29.78
N PHE B 338 -12.73 31.95 -29.68
CA PHE B 338 -11.81 31.71 -28.53
C PHE B 338 -10.69 32.78 -28.52
N VAL B 339 -10.04 32.92 -29.69
CA VAL B 339 -9.11 34.02 -29.95
C VAL B 339 -9.67 35.44 -29.72
N GLN B 340 -10.92 35.79 -30.16
CA GLN B 340 -11.53 37.14 -29.89
C GLN B 340 -11.59 37.35 -28.38
N LYS B 341 -12.18 36.34 -27.71
CA LYS B 341 -12.29 36.37 -26.26
C LYS B 341 -10.93 36.44 -25.48
N VAL B 342 -9.89 35.66 -25.84
CA VAL B 342 -8.54 35.76 -25.22
C VAL B 342 -7.91 37.17 -25.40
N VAL B 343 -8.11 37.75 -26.58
CA VAL B 343 -7.64 39.10 -26.86
C VAL B 343 -8.38 40.15 -26.01
N GLU B 344 -9.73 40.09 -25.95
CA GLU B 344 -10.51 40.92 -24.97
C GLU B 344 -9.89 40.86 -23.60
N GLU B 345 -9.59 39.67 -23.08
CA GLU B 345 -9.10 39.56 -21.69
C GLU B 345 -7.62 39.93 -21.47
N VAL B 346 -6.75 39.69 -22.46
CA VAL B 346 -5.30 40.03 -22.35
C VAL B 346 -5.09 41.56 -22.17
N GLU B 347 -5.90 42.35 -22.90
CA GLU B 347 -5.93 43.82 -22.81
C GLU B 347 -6.26 44.33 -21.38
N LYS B 348 -6.59 43.43 -20.43
CA LYS B 348 -7.04 43.91 -19.14
C LYS B 348 -6.00 43.57 -18.11
N MET B 349 -5.06 42.70 -18.45
CA MET B 349 -4.02 42.33 -17.49
C MET B 349 -3.23 43.59 -17.13
N LYS B 350 -2.91 43.79 -15.86
CA LYS B 350 -2.17 44.99 -15.50
C LYS B 350 -0.67 44.65 -15.37
N ILE B 351 0.15 45.09 -16.31
CA ILE B 351 1.62 44.89 -16.17
C ILE B 351 2.24 45.87 -15.16
N GLY B 352 3.09 45.47 -14.23
CA GLY B 352 3.62 46.48 -13.32
C GLY B 352 4.61 45.93 -12.32
N ASN B 353 5.02 46.76 -11.37
CA ASN B 353 5.94 46.36 -10.29
C ASN B 353 5.30 45.23 -9.47
N PRO B 354 6.08 44.18 -9.16
CA PRO B 354 5.57 43.05 -8.38
C PRO B 354 5.01 43.45 -6.98
N LEU B 355 5.48 44.54 -6.39
CA LEU B 355 5.03 44.99 -5.08
C LEU B 355 3.75 45.81 -5.12
N GLU B 356 3.35 46.28 -6.27
CA GLU B 356 2.10 47.03 -6.30
C GLU B 356 0.99 46.00 -6.25
N ARG B 357 0.10 46.20 -5.30
CA ARG B 357 -0.99 45.25 -5.04
C ARG B 357 -1.92 44.97 -6.23
N ASP B 358 -1.99 45.88 -7.19
CA ASP B 358 -2.93 45.73 -8.29
C ASP B 358 -2.20 45.10 -9.52
N THR B 359 -0.92 44.79 -9.38
CA THR B 359 -0.22 44.14 -10.46
C THR B 359 -0.68 42.68 -10.74
N ASN B 360 -0.91 42.38 -12.01
CA ASN B 360 -1.25 41.08 -12.56
C ASN B 360 -0.11 40.33 -13.22
N HIS B 361 0.83 41.07 -13.81
CA HIS B 361 1.82 40.50 -14.68
C HIS B 361 3.14 41.23 -14.46
N GLY B 362 4.13 40.52 -13.94
CA GLY B 362 5.38 41.14 -13.51
C GLY B 362 6.48 40.84 -14.49
N PRO B 363 7.68 41.32 -14.21
CA PRO B 363 8.86 41.12 -15.04
C PRO B 363 9.26 39.64 -15.29
N GLN B 364 9.90 39.35 -16.41
CA GLN B 364 10.69 38.16 -16.52
C GLN B 364 11.83 38.15 -15.49
N ASN B 365 12.42 36.98 -15.32
CA ASN B 365 13.24 36.70 -14.19
C ASN B 365 14.61 37.40 -14.27
N HIS B 366 15.28 37.29 -15.41
CA HIS B 366 16.54 37.97 -15.58
C HIS B 366 16.66 38.47 -17.03
N GLU B 367 17.71 39.24 -17.31
CA GLU B 367 17.89 39.87 -18.63
C GLU B 367 18.03 38.89 -19.77
N ALA B 368 18.88 37.88 -19.63
CA ALA B 368 19.13 37.01 -20.76
C ALA B 368 17.88 36.25 -21.25
N HIS B 369 16.96 36.00 -20.32
CA HIS B 369 15.74 35.26 -20.66
C HIS B 369 14.83 36.20 -21.44
N LEU B 370 14.77 37.48 -21.03
CA LEU B 370 13.99 38.40 -21.77
C LEU B 370 14.56 38.46 -23.22
N ARG B 371 15.89 38.52 -23.40
CA ARG B 371 16.41 38.47 -24.77
C ARG B 371 15.86 37.20 -25.48
N LYS B 372 15.98 36.04 -24.84
CA LYS B 372 15.54 34.81 -25.50
C LYS B 372 14.06 34.85 -25.92
N LEU B 373 13.25 35.53 -25.12
CA LEU B 373 11.86 35.68 -25.42
C LEU B 373 11.62 36.51 -26.66
N VAL B 374 12.44 37.56 -26.81
CA VAL B 374 12.31 38.45 -27.98
C VAL B 374 12.63 37.72 -29.29
N GLU B 375 13.86 37.13 -29.33
CA GLU B 375 14.36 36.27 -30.39
C GLU B 375 13.31 35.22 -30.75
N TYR B 376 12.69 34.65 -29.72
CA TYR B 376 11.68 33.63 -29.88
C TYR B 376 10.47 34.09 -30.74
N CYS B 377 9.82 35.19 -30.37
CA CYS B 377 8.65 35.66 -31.16
C CYS B 377 8.99 36.29 -32.53
N GLN B 378 10.27 36.69 -32.67
CA GLN B 378 10.85 37.25 -33.89
C GLN B 378 10.78 36.09 -34.84
N ARG B 379 11.48 35.02 -34.46
CA ARG B 379 11.45 33.78 -35.22
C ARG B 379 10.04 33.19 -35.54
N GLY B 380 9.05 33.41 -34.67
CA GLY B 380 7.71 32.86 -34.90
C GLY B 380 7.03 33.58 -36.04
N VAL B 381 7.27 34.90 -36.07
CA VAL B 381 6.77 35.77 -37.16
C VAL B 381 7.44 35.40 -38.49
N LYS B 382 8.77 35.25 -38.43
CA LYS B 382 9.53 34.92 -39.61
C LYS B 382 8.96 33.66 -40.28
N GLU B 383 8.86 32.58 -39.50
CA GLU B 383 8.50 31.28 -40.04
C GLU B 383 7.02 31.25 -40.42
N GLY B 384 6.20 32.27 -40.25
CA GLY B 384 4.91 32.19 -40.93
C GLY B 384 3.68 32.23 -40.07
N ALA B 385 3.88 32.13 -38.74
CA ALA B 385 2.74 32.16 -37.81
C ALA B 385 2.04 33.54 -37.74
N THR B 386 0.78 33.62 -37.35
CA THR B 386 0.13 34.92 -37.15
C THR B 386 0.22 35.48 -35.72
N LEU B 387 1.02 36.52 -35.54
CA LEU B 387 1.14 37.27 -34.28
C LEU B 387 -0.09 38.12 -33.97
N VAL B 388 -0.91 37.74 -32.98
CA VAL B 388 -2.18 38.47 -32.68
C VAL B 388 -2.04 39.60 -31.69
N CYS B 389 -1.14 39.46 -30.72
CA CYS B 389 -0.78 40.56 -29.83
C CYS B 389 0.56 40.25 -29.20
N GLY B 390 1.17 41.26 -28.60
CA GLY B 390 2.41 41.08 -27.88
C GLY B 390 3.57 40.73 -28.75
N GLY B 391 4.56 40.09 -28.15
CA GLY B 391 5.75 39.67 -28.86
C GLY B 391 7.01 40.45 -28.46
N ASN B 392 6.86 41.57 -27.74
CA ASN B 392 7.98 42.54 -27.48
C ASN B 392 8.28 42.86 -26.01
N GLN B 393 9.48 43.38 -25.73
CA GLN B 393 9.79 43.90 -24.40
C GLN B 393 8.79 45.02 -24.08
N VAL B 394 8.29 45.11 -22.84
CA VAL B 394 7.37 46.22 -22.58
C VAL B 394 8.25 47.47 -22.40
N PRO B 395 7.85 48.62 -23.02
CA PRO B 395 8.67 49.82 -22.87
C PRO B 395 8.51 50.48 -21.48
N ARG B 396 9.39 50.09 -20.55
CA ARG B 396 9.46 50.61 -19.19
C ARG B 396 10.75 50.02 -18.64
N PRO B 397 11.25 50.51 -17.50
CA PRO B 397 12.58 49.90 -17.13
C PRO B 397 12.46 48.41 -16.72
N GLY B 398 13.54 47.80 -16.23
CA GLY B 398 13.55 46.34 -15.98
C GLY B 398 13.32 45.45 -17.22
N PHE B 399 12.84 44.23 -17.00
CA PHE B 399 12.73 43.18 -18.05
C PHE B 399 11.32 42.64 -18.27
N PHE B 400 10.34 43.50 -18.47
CA PHE B 400 8.99 43.05 -18.70
C PHE B 400 8.79 42.67 -20.12
N PHE B 401 7.86 41.75 -20.38
CA PHE B 401 7.56 41.20 -21.73
C PHE B 401 6.04 41.13 -21.99
N GLN B 402 5.60 41.57 -23.14
CA GLN B 402 4.20 41.67 -23.36
C GLN B 402 3.46 40.29 -23.54
N PRO B 403 2.38 40.02 -22.78
CA PRO B 403 1.63 38.75 -22.99
C PRO B 403 1.25 38.55 -24.46
N THR B 404 1.69 37.45 -25.06
CA THR B 404 1.68 37.27 -26.49
C THR B 404 0.69 36.15 -26.91
N VAL B 405 0.11 36.24 -28.12
CA VAL B 405 -0.76 35.23 -28.73
C VAL B 405 -0.41 35.01 -30.22
N PHE B 406 0.00 33.80 -30.59
CA PHE B 406 0.18 33.41 -31.98
C PHE B 406 -0.99 32.51 -32.47
N THR B 407 -1.46 32.66 -33.70
CA THR B 407 -2.40 31.67 -34.27
C THR B 407 -1.83 31.18 -35.58
N ASP B 408 -2.55 30.28 -36.27
CA ASP B 408 -2.06 29.69 -37.52
C ASP B 408 -0.63 29.11 -37.29
N VAL B 409 -0.49 28.27 -36.26
CA VAL B 409 0.77 27.58 -36.02
C VAL B 409 0.62 26.21 -36.62
N GLU B 410 1.61 25.74 -37.39
CA GLU B 410 1.47 24.52 -38.17
C GLU B 410 2.52 23.67 -37.50
N ASP B 411 2.42 22.33 -37.58
CA ASP B 411 3.18 21.45 -36.64
C ASP B 411 4.68 21.48 -36.89
N HIS B 412 5.10 21.94 -38.08
CA HIS B 412 6.54 21.91 -38.40
C HIS B 412 7.29 23.16 -37.88
N MET B 413 6.54 24.20 -37.47
CA MET B 413 7.15 25.46 -37.03
C MET B 413 7.96 25.30 -35.76
N TYR B 414 9.00 26.11 -35.60
CA TYR B 414 9.84 26.04 -34.43
C TYR B 414 9.01 26.39 -33.18
N ILE B 415 8.07 27.32 -33.30
CA ILE B 415 7.31 27.65 -32.11
C ILE B 415 6.32 26.50 -31.70
N ALA B 416 6.11 25.53 -32.60
CA ALA B 416 5.42 24.28 -32.22
C ALA B 416 6.30 23.28 -31.50
N LYS B 417 7.58 23.24 -31.82
CA LYS B 417 8.44 22.32 -31.16
C LYS B 417 9.07 22.91 -29.89
N GLU B 418 9.47 24.18 -29.86
CA GLU B 418 10.32 24.65 -28.72
C GLU B 418 9.61 25.28 -27.48
N GLU B 419 10.19 25.03 -26.30
CA GLU B 419 9.69 25.56 -25.02
C GLU B 419 10.02 27.05 -24.87
N SER B 420 9.03 27.94 -24.85
CA SER B 420 9.30 29.35 -24.61
C SER B 420 9.73 29.57 -23.14
N PHE B 421 9.02 28.99 -22.17
CA PHE B 421 9.16 29.41 -20.75
C PHE B 421 8.80 30.90 -20.51
N GLY B 422 7.88 31.41 -21.34
CA GLY B 422 7.52 32.78 -21.28
C GLY B 422 6.05 32.86 -21.55
N PRO B 423 5.44 34.04 -21.41
CA PRO B 423 4.02 34.19 -21.56
C PRO B 423 3.52 34.24 -23.02
N ILE B 424 3.77 33.20 -23.82
CA ILE B 424 3.43 33.20 -25.24
C ILE B 424 2.43 32.07 -25.65
N MET B 425 1.17 32.43 -25.87
CA MET B 425 0.10 31.49 -26.22
C MET B 425 0.21 31.01 -27.68
N ILE B 426 0.68 29.79 -27.91
CA ILE B 426 0.76 29.23 -29.26
C ILE B 426 -0.43 28.32 -29.80
N ILE B 427 -1.44 28.92 -30.44
CA ILE B 427 -2.71 28.23 -30.86
C ILE B 427 -2.80 27.55 -32.25
N SER B 428 -3.27 26.29 -32.31
CA SER B 428 -3.53 25.55 -33.57
C SER B 428 -5.00 25.13 -33.73
N ARG B 429 -5.48 25.01 -34.96
CA ARG B 429 -6.83 24.55 -35.28
C ARG B 429 -6.79 23.04 -35.42
N PHE B 430 -7.92 22.39 -35.15
CA PHE B 430 -8.18 21.00 -35.58
C PHE B 430 -9.62 20.83 -35.99
N ALA B 431 -9.94 19.79 -36.78
CA ALA B 431 -11.25 19.71 -37.48
C ALA B 431 -12.39 19.27 -36.58
N ASP B 432 -13.61 19.67 -36.92
CA ASP B 432 -14.77 19.28 -36.13
C ASP B 432 -14.90 17.73 -35.97
N GLY B 433 -15.21 17.28 -34.76
CA GLY B 433 -15.05 15.87 -34.32
C GLY B 433 -13.82 15.03 -34.71
N ASP B 434 -12.60 15.52 -34.53
CA ASP B 434 -11.45 14.82 -35.14
C ASP B 434 -10.38 14.41 -34.11
N VAL B 435 -10.83 13.60 -33.11
CA VAL B 435 -10.08 13.16 -31.87
C VAL B 435 -8.69 12.48 -32.04
N ASP B 436 -8.59 11.38 -32.78
CA ASP B 436 -7.28 10.73 -32.77
C ASP B 436 -6.22 11.56 -33.50
N ALA B 437 -6.64 12.32 -34.52
CA ALA B 437 -5.68 13.08 -35.32
C ALA B 437 -5.07 14.18 -34.47
N VAL B 438 -5.92 14.88 -33.71
CA VAL B 438 -5.43 15.91 -32.82
C VAL B 438 -4.60 15.26 -31.71
N LEU B 439 -5.02 14.08 -31.29
CA LEU B 439 -4.18 13.34 -30.41
C LEU B 439 -2.75 13.13 -30.85
N SER B 440 -2.47 12.80 -32.12
CA SER B 440 -1.02 12.51 -32.36
C SER B 440 -0.29 13.78 -32.49
N ARG B 441 -1.00 14.79 -33.01
CA ARG B 441 -0.42 16.11 -33.18
C ARG B 441 0.08 16.46 -31.79
N ALA B 442 -0.76 16.23 -30.77
CA ALA B 442 -0.39 16.59 -29.44
C ALA B 442 0.68 15.70 -28.85
N ASN B 443 0.80 14.48 -29.38
CA ASN B 443 1.78 13.55 -28.82
C ASN B 443 3.11 13.59 -29.55
N ALA B 444 3.16 14.24 -30.71
N ALA B 444 3.10 14.29 -30.69
CA ALA B 444 4.37 14.25 -31.57
CA ALA B 444 4.28 14.42 -31.56
C ALA B 444 5.72 14.69 -30.93
C ALA B 444 5.39 15.32 -31.01
N THR B 445 5.66 15.24 -29.71
CA THR B 445 6.82 15.91 -29.08
C THR B 445 7.71 14.88 -28.35
N GLU B 446 8.93 15.25 -28.03
CA GLU B 446 9.76 14.35 -27.24
C GLU B 446 9.75 14.68 -25.77
N PHE B 447 9.02 15.75 -25.47
CA PHE B 447 8.62 16.07 -24.12
C PHE B 447 7.31 15.31 -23.81
N GLY B 448 6.97 15.26 -22.52
CA GLY B 448 5.75 14.68 -21.96
C GLY B 448 5.73 14.98 -20.47
N LEU B 449 5.75 16.25 -20.13
CA LEU B 449 5.69 16.66 -18.74
C LEU B 449 4.26 16.90 -18.34
N ALA B 450 3.44 17.52 -19.19
CA ALA B 450 2.04 17.74 -18.82
C ALA B 450 1.13 17.87 -19.98
N SER B 451 -0.18 18.01 -19.74
CA SER B 451 -1.11 18.15 -20.85
C SER B 451 -2.42 18.50 -20.30
N GLY B 452 -3.41 18.80 -21.12
CA GLY B 452 -4.75 19.02 -20.54
C GLY B 452 -5.80 18.95 -21.62
N VAL B 453 -7.07 18.94 -21.25
CA VAL B 453 -8.15 18.88 -22.20
C VAL B 453 -9.31 19.51 -21.51
N PHE B 454 -10.05 20.35 -22.25
CA PHE B 454 -11.30 20.90 -21.79
C PHE B 454 -12.42 20.34 -22.64
N THR B 455 -13.40 19.68 -22.02
CA THR B 455 -14.61 19.28 -22.70
C THR B 455 -15.64 19.02 -21.60
N ARG B 456 -16.93 18.90 -21.95
CA ARG B 456 -17.95 18.61 -21.00
C ARG B 456 -18.40 17.19 -21.21
N ASP B 457 -17.92 16.57 -22.28
CA ASP B 457 -18.26 15.17 -22.55
C ASP B 457 -17.29 14.17 -21.88
N ILE B 458 -17.85 13.31 -21.06
CA ILE B 458 -17.08 12.43 -20.22
C ILE B 458 -16.26 11.42 -21.03
N ASN B 459 -16.87 10.89 -22.08
CA ASN B 459 -16.21 9.92 -22.91
C ASN B 459 -14.97 10.48 -23.48
N LYS B 460 -15.12 11.60 -24.18
CA LYS B 460 -13.97 12.33 -24.68
C LYS B 460 -12.85 12.52 -23.64
N ALA B 461 -13.21 12.98 -22.44
CA ALA B 461 -12.24 13.36 -21.47
C ALA B 461 -11.43 12.17 -21.01
N LEU B 462 -12.15 11.08 -20.78
CA LEU B 462 -11.56 9.82 -20.27
C LEU B 462 -10.65 9.23 -21.35
N TYR B 463 -11.13 9.26 -22.58
CA TYR B 463 -10.42 8.66 -23.68
C TYR B 463 -9.18 9.52 -23.90
N VAL B 464 -9.38 10.83 -23.98
CA VAL B 464 -8.26 11.73 -24.24
C VAL B 464 -7.14 11.59 -23.17
N SER B 465 -7.52 11.33 -21.91
CA SER B 465 -6.52 11.26 -20.84
C SER B 465 -5.74 9.96 -20.90
N ASP B 466 -6.34 8.90 -21.48
CA ASP B 466 -5.58 7.65 -21.64
C ASP B 466 -4.55 7.84 -22.69
N LYS B 467 -4.96 8.42 -23.84
CA LYS B 467 -4.03 8.53 -24.98
C LYS B 467 -2.91 9.61 -24.85
N LEU B 468 -3.08 10.61 -24.00
CA LEU B 468 -2.12 11.66 -23.92
C LEU B 468 -0.85 11.19 -23.27
N GLN B 469 0.27 11.43 -23.90
CA GLN B 469 1.52 10.80 -23.51
C GLN B 469 2.29 11.72 -22.52
N ALA B 470 1.63 12.11 -21.42
CA ALA B 470 2.25 13.08 -20.44
C ALA B 470 2.12 12.67 -18.95
N GLY B 471 3.07 13.06 -18.10
CA GLY B 471 3.02 12.72 -16.68
C GLY B 471 1.89 13.28 -15.85
N THR B 472 1.24 14.33 -16.39
CA THR B 472 0.07 14.93 -15.77
C THR B 472 -0.97 15.17 -16.83
N VAL B 473 -2.18 14.77 -16.57
CA VAL B 473 -3.22 15.22 -17.48
C VAL B 473 -4.15 16.08 -16.67
N PHE B 474 -4.44 17.30 -17.10
CA PHE B 474 -5.40 18.08 -16.38
C PHE B 474 -6.74 18.00 -17.14
N ILE B 475 -7.83 17.77 -16.42
CA ILE B 475 -9.10 17.75 -17.13
C ILE B 475 -9.99 18.89 -16.68
N ASN B 476 -10.36 19.74 -17.63
CA ASN B 476 -11.10 20.95 -17.29
C ASN B 476 -10.50 21.90 -16.17
N THR B 477 -9.18 21.89 -15.98
CA THR B 477 -8.52 22.86 -15.08
C THR B 477 -7.11 22.91 -15.66
N TYR B 478 -6.19 23.63 -15.03
CA TYR B 478 -4.81 23.60 -15.49
C TYR B 478 -3.85 24.17 -14.44
N ASN B 479 -2.55 23.81 -14.45
CA ASN B 479 -1.65 24.23 -13.37
C ASN B 479 -2.17 23.87 -11.98
N LYS B 480 -2.97 22.83 -11.88
CA LYS B 480 -3.58 22.47 -10.58
C LYS B 480 -2.69 21.46 -9.83
N THR B 481 -1.48 21.86 -9.41
CA THR B 481 -0.59 20.90 -8.75
C THR B 481 -1.06 20.86 -7.31
N ASP B 482 -0.50 19.95 -6.52
CA ASP B 482 -0.84 19.83 -5.10
C ASP B 482 0.30 19.11 -4.44
N VAL B 483 0.55 19.37 -3.16
CA VAL B 483 1.73 18.69 -2.51
C VAL B 483 1.55 17.18 -2.36
N ALA B 484 0.32 16.69 -2.27
CA ALA B 484 0.06 15.28 -2.24
C ALA B 484 0.11 14.56 -3.60
N ALA B 485 0.04 15.31 -4.72
CA ALA B 485 0.04 14.73 -6.07
C ALA B 485 1.40 14.74 -6.78
N PRO B 486 1.90 13.53 -7.15
CA PRO B 486 3.25 13.34 -7.73
C PRO B 486 3.47 14.10 -9.07
N PHE B 487 4.70 14.55 -9.35
CA PHE B 487 4.96 15.52 -10.46
C PHE B 487 6.25 15.13 -11.19
N GLY B 488 6.16 14.85 -12.49
CA GLY B 488 7.34 14.31 -13.18
C GLY B 488 6.95 13.92 -14.57
N GLY B 489 7.93 13.83 -15.46
CA GLY B 489 7.59 13.70 -16.87
C GLY B 489 7.85 12.31 -17.36
N PHE B 490 7.39 12.03 -18.59
CA PHE B 490 7.80 10.86 -19.35
C PHE B 490 8.76 11.33 -20.48
N LYS B 491 9.37 10.35 -21.20
CA LYS B 491 10.16 10.60 -22.44
C LYS B 491 11.28 11.56 -22.08
N GLN B 492 11.52 12.57 -22.92
CA GLN B 492 12.69 13.41 -22.73
C GLN B 492 12.51 14.54 -21.67
N SER B 493 11.32 14.60 -21.05
CA SER B 493 11.16 15.41 -19.86
C SER B 493 11.91 14.83 -18.63
N GLY B 494 12.40 13.58 -18.75
CA GLY B 494 13.06 12.89 -17.62
C GLY B 494 12.19 11.84 -16.88
N PHE B 495 12.37 11.73 -15.56
CA PHE B 495 11.79 10.64 -14.73
C PHE B 495 12.01 10.95 -13.24
N GLY B 496 11.27 10.24 -12.40
CA GLY B 496 11.22 10.55 -10.98
C GLY B 496 10.10 11.52 -10.57
N LYS B 497 9.65 11.52 -9.33
CA LYS B 497 8.60 12.46 -8.98
C LYS B 497 9.02 13.46 -7.91
N ASP B 498 8.41 14.65 -8.00
CA ASP B 498 8.38 15.58 -6.85
C ASP B 498 6.96 15.57 -6.28
N LEU B 499 6.82 15.83 -4.98
CA LEU B 499 5.50 15.82 -4.32
C LEU B 499 4.88 14.40 -4.20
N GLY B 500 4.04 14.18 -3.20
CA GLY B 500 3.32 12.91 -3.01
C GLY B 500 4.14 11.81 -2.35
N GLU B 501 3.47 10.73 -1.97
CA GLU B 501 4.18 9.55 -1.47
C GLU B 501 5.32 9.18 -2.42
N ALA B 502 5.02 9.17 -3.72
CA ALA B 502 6.01 8.79 -4.73
C ALA B 502 7.33 9.52 -4.62
N ALA B 503 7.30 10.81 -4.29
CA ALA B 503 8.49 11.60 -4.09
C ALA B 503 9.43 10.92 -3.13
N LEU B 504 8.87 10.31 -2.08
CA LEU B 504 9.71 9.75 -1.05
C LEU B 504 10.67 8.71 -1.59
N ASN B 505 10.24 7.93 -2.57
CA ASN B 505 11.03 6.81 -3.06
C ASN B 505 12.36 7.14 -3.71
N GLU B 506 12.47 8.32 -4.29
CA GLU B 506 13.75 8.78 -4.78
C GLU B 506 14.74 8.98 -3.63
N TYR B 507 14.29 9.23 -2.40
CA TYR B 507 15.24 9.57 -1.35
C TYR B 507 15.38 8.43 -0.36
N LEU B 508 14.76 7.30 -0.71
CA LEU B 508 14.87 6.11 0.14
C LEU B 508 15.55 4.96 -0.58
N ARG B 509 16.20 4.07 0.19
CA ARG B 509 16.71 2.84 -0.35
C ARG B 509 16.02 1.69 0.42
N ILE B 510 15.87 0.52 -0.18
CA ILE B 510 15.15 -0.61 0.46
C ILE B 510 16.06 -1.77 0.78
N LYS B 511 16.11 -2.21 2.02
CA LYS B 511 16.97 -3.31 2.41
C LYS B 511 16.17 -4.59 2.72
N THR B 512 16.52 -5.71 2.10
CA THR B 512 15.81 -6.92 2.43
C THR B 512 16.52 -7.66 3.53
N VAL B 513 15.75 -8.16 4.52
CA VAL B 513 16.31 -8.96 5.63
C VAL B 513 15.61 -10.30 5.73
N THR B 514 16.38 -11.35 5.47
CA THR B 514 15.80 -12.67 5.45
C THR B 514 16.46 -13.53 6.55
N PHE B 515 15.66 -14.00 7.51
CA PHE B 515 16.16 -14.78 8.62
C PHE B 515 15.83 -16.23 8.31
N GLU B 516 16.65 -17.17 8.76
CA GLU B 516 16.18 -18.53 8.95
C GLU B 516 16.27 -18.91 10.42
N TYR B 517 15.28 -19.67 10.87
CA TYR B 517 15.12 -20.01 12.29
C TYR B 517 14.37 -21.34 12.43
N VAL C 20 -15.70 -44.27 -4.11
CA VAL C 20 -16.84 -43.92 -5.04
C VAL C 20 -17.86 -43.07 -4.33
N ILE C 21 -18.50 -42.24 -5.15
CA ILE C 21 -19.46 -41.29 -4.71
C ILE C 21 -20.77 -41.70 -5.36
N ASN C 22 -21.87 -41.44 -4.67
CA ASN C 22 -23.15 -41.73 -5.23
C ASN C 22 -23.68 -40.60 -6.03
N TYR C 23 -24.02 -40.85 -7.29
CA TYR C 23 -24.52 -39.78 -8.13
C TYR C 23 -26.03 -39.79 -8.39
N VAL C 24 -26.56 -38.65 -8.80
CA VAL C 24 -27.82 -38.64 -9.51
C VAL C 24 -27.37 -38.45 -10.95
N GLU C 25 -27.69 -39.44 -11.81
CA GLU C 25 -27.27 -39.43 -13.22
C GLU C 25 -28.44 -38.76 -13.95
N LYS C 26 -28.21 -37.77 -14.80
CA LYS C 26 -29.29 -37.27 -15.71
C LYS C 26 -28.74 -37.05 -17.13
N ALA C 27 -29.39 -37.62 -18.13
CA ALA C 27 -28.99 -37.24 -19.51
C ALA C 27 -29.80 -36.02 -19.87
N VAL C 28 -29.09 -34.94 -20.12
CA VAL C 28 -29.73 -33.71 -20.43
C VAL C 28 -28.75 -32.78 -21.11
N ASN C 29 -29.23 -31.94 -22.02
CA ASN C 29 -28.34 -30.95 -22.67
C ASN C 29 -27.11 -31.59 -23.27
N LYS C 30 -27.32 -32.69 -24.02
CA LYS C 30 -26.23 -33.48 -24.60
C LYS C 30 -25.19 -34.04 -23.58
N LEU C 31 -25.48 -34.11 -22.27
CA LEU C 31 -24.46 -34.54 -21.30
C LEU C 31 -25.08 -35.54 -20.43
N THR C 32 -24.25 -36.39 -19.80
CA THR C 32 -24.71 -37.15 -18.62
C THR C 32 -24.22 -36.47 -17.33
N LEU C 33 -25.12 -35.72 -16.68
CA LEU C 33 -24.71 -35.10 -15.43
C LEU C 33 -24.57 -36.16 -14.37
N GLN C 34 -23.64 -35.91 -13.43
CA GLN C 34 -23.34 -36.78 -12.29
C GLN C 34 -23.30 -35.84 -11.09
N MET C 35 -24.39 -35.86 -10.33
CA MET C 35 -24.64 -34.90 -9.30
C MET C 35 -24.62 -35.55 -7.94
N PRO C 36 -23.60 -35.27 -7.09
CA PRO C 36 -23.66 -35.68 -5.68
C PRO C 36 -24.84 -35.01 -5.04
N TYR C 37 -25.31 -35.57 -3.94
CA TYR C 37 -26.50 -35.09 -3.25
C TYR C 37 -26.35 -35.23 -1.73
N GLN C 38 -25.15 -35.66 -1.31
CA GLN C 38 -24.89 -35.86 0.11
C GLN C 38 -24.28 -34.66 0.82
N LEU C 39 -24.10 -34.74 2.13
CA LEU C 39 -23.25 -33.75 2.79
C LEU C 39 -21.81 -34.01 2.46
N PHE C 40 -21.01 -32.96 2.43
CA PHE C 40 -19.60 -33.12 2.15
C PHE C 40 -18.85 -32.66 3.38
N ILE C 41 -18.43 -33.63 4.18
CA ILE C 41 -17.62 -33.48 5.45
C ILE C 41 -16.32 -34.26 5.35
N GLY C 42 -15.25 -33.57 5.70
CA GLY C 42 -13.93 -34.13 5.73
C GLY C 42 -13.45 -34.79 4.45
N GLY C 43 -13.82 -34.30 3.28
CA GLY C 43 -13.34 -34.94 2.06
C GLY C 43 -14.16 -36.16 1.63
N GLU C 44 -15.30 -36.42 2.28
CA GLU C 44 -16.15 -37.55 1.82
C GLU C 44 -17.63 -37.21 1.85
N PHE C 45 -18.41 -37.73 0.90
CA PHE C 45 -19.83 -37.37 0.86
C PHE C 45 -20.52 -38.35 1.80
N VAL C 46 -21.47 -37.88 2.61
CA VAL C 46 -22.12 -38.74 3.61
C VAL C 46 -23.53 -38.34 3.82
N ASP C 47 -24.39 -39.30 4.21
CA ASP C 47 -25.78 -38.96 4.60
C ASP C 47 -25.79 -38.10 5.86
N ALA C 48 -26.83 -37.27 5.97
CA ALA C 48 -27.13 -36.54 7.19
C ALA C 48 -27.48 -37.51 8.36
N GLU C 49 -27.44 -37.01 9.60
CA GLU C 49 -27.89 -37.83 10.72
C GLU C 49 -29.27 -38.42 10.37
N GLY C 50 -29.53 -39.66 10.86
CA GLY C 50 -30.74 -40.48 10.51
C GLY C 50 -31.23 -40.34 9.08
N SER C 51 -30.31 -40.48 8.14
CA SER C 51 -30.54 -40.25 6.75
C SER C 51 -31.65 -39.28 6.30
N LYS C 52 -31.86 -38.16 6.99
CA LYS C 52 -32.92 -37.21 6.57
C LYS C 52 -32.59 -36.51 5.24
N THR C 53 -33.58 -36.42 4.35
CA THR C 53 -33.44 -35.75 3.06
C THR C 53 -34.57 -34.77 2.78
N TYR C 54 -34.50 -34.06 1.66
CA TYR C 54 -35.55 -33.10 1.25
C TYR C 54 -35.47 -33.01 -0.26
N ASN C 55 -36.45 -32.48 -0.97
CA ASN C 55 -36.33 -32.45 -2.45
C ASN C 55 -35.90 -31.13 -3.01
N THR C 56 -35.25 -31.18 -4.15
CA THR C 56 -34.94 -29.96 -4.80
C THR C 56 -35.65 -29.95 -6.15
N ILE C 57 -36.35 -28.83 -6.39
CA ILE C 57 -37.31 -28.68 -7.47
C ILE C 57 -36.72 -27.93 -8.67
N ASN C 58 -36.94 -28.42 -9.91
CA ASN C 58 -36.58 -27.76 -11.16
C ASN C 58 -37.56 -26.63 -11.44
N PRO C 59 -37.10 -25.39 -11.52
CA PRO C 59 -38.20 -24.44 -11.70
C PRO C 59 -38.64 -24.22 -13.16
N THR C 60 -38.06 -24.95 -14.13
CA THR C 60 -38.61 -24.96 -15.48
C THR C 60 -39.92 -25.74 -15.59
N ASP C 61 -40.15 -26.69 -14.68
CA ASP C 61 -41.37 -27.48 -14.76
C ASP C 61 -41.86 -28.01 -13.43
N GLY C 62 -41.26 -27.57 -12.34
CA GLY C 62 -41.81 -27.91 -11.03
C GLY C 62 -41.62 -29.32 -10.58
N SER C 63 -40.87 -30.11 -11.38
CA SER C 63 -40.50 -31.54 -11.05
C SER C 63 -39.45 -31.67 -9.95
N VAL C 64 -39.50 -32.78 -9.21
CA VAL C 64 -38.38 -33.05 -8.29
C VAL C 64 -37.16 -33.48 -9.09
N ILE C 65 -36.03 -32.82 -8.83
CA ILE C 65 -34.79 -33.16 -9.53
C ILE C 65 -34.31 -34.42 -8.89
N CYS C 66 -34.31 -34.43 -7.56
CA CYS C 66 -33.70 -35.51 -6.79
C CYS C 66 -33.76 -35.16 -5.33
N GLN C 67 -33.52 -36.10 -4.43
CA GLN C 67 -33.56 -35.84 -2.96
C GLN C 67 -32.14 -35.46 -2.52
N VAL C 68 -32.01 -34.51 -1.58
CA VAL C 68 -30.71 -34.05 -1.12
C VAL C 68 -30.66 -34.18 0.37
N SER C 69 -29.57 -34.69 0.94
CA SER C 69 -29.34 -34.74 2.41
C SER C 69 -29.71 -33.47 3.11
N LEU C 70 -30.06 -33.55 4.38
CA LEU C 70 -30.59 -32.40 5.15
C LEU C 70 -29.81 -32.29 6.48
N ALA C 71 -28.73 -31.50 6.47
CA ALA C 71 -27.76 -31.35 7.61
C ALA C 71 -28.43 -31.18 8.93
N GLN C 72 -28.07 -32.05 9.87
CA GLN C 72 -28.48 -31.95 11.29
C GLN C 72 -27.43 -31.27 12.22
N VAL C 73 -27.78 -30.96 13.49
CA VAL C 73 -26.84 -30.23 14.34
C VAL C 73 -25.52 -30.96 14.47
N SER C 74 -25.63 -32.29 14.60
CA SER C 74 -24.45 -33.08 14.95
C SER C 74 -23.50 -33.01 13.81
N ASP C 75 -24.11 -32.75 12.65
CA ASP C 75 -23.50 -32.73 11.34
C ASP C 75 -22.71 -31.47 11.19
N VAL C 76 -23.36 -30.35 11.53
CA VAL C 76 -22.67 -29.10 11.61
C VAL C 76 -21.39 -29.32 12.43
N ASP C 77 -21.53 -29.96 13.61
CA ASP C 77 -20.40 -30.00 14.52
C ASP C 77 -19.35 -30.80 13.86
N LYS C 78 -19.73 -31.75 13.01
CA LYS C 78 -18.71 -32.66 12.50
C LYS C 78 -17.85 -31.90 11.49
N ALA C 79 -18.56 -31.12 10.66
CA ALA C 79 -17.97 -30.28 9.65
C ALA C 79 -17.04 -29.25 10.29
N VAL C 80 -17.47 -28.59 11.34
CA VAL C 80 -16.59 -27.65 12.01
C VAL C 80 -15.31 -28.33 12.46
N ALA C 81 -15.43 -29.51 13.04
CA ALA C 81 -14.30 -30.23 13.62
C ALA C 81 -13.35 -30.64 12.49
N ALA C 82 -13.92 -31.16 11.40
CA ALA C 82 -13.11 -31.47 10.25
C ALA C 82 -12.41 -30.21 9.76
N ALA C 83 -13.06 -29.04 9.71
CA ALA C 83 -12.37 -27.78 9.35
C ALA C 83 -11.33 -27.42 10.35
N LYS C 84 -11.65 -27.51 11.59
CA LYS C 84 -10.74 -27.06 12.64
C LYS C 84 -9.46 -27.92 12.69
N GLU C 85 -9.63 -29.21 12.38
CA GLU C 85 -8.53 -30.18 12.36
C GLU C 85 -7.63 -29.88 11.16
N ALA C 86 -8.27 -29.65 10.00
CA ALA C 86 -7.57 -29.32 8.77
C ALA C 86 -6.80 -28.04 8.95
N PHE C 87 -7.35 -27.06 9.64
CA PHE C 87 -6.64 -25.79 9.86
C PHE C 87 -5.42 -25.91 10.83
N GLU C 88 -5.69 -26.55 11.98
CA GLU C 88 -4.71 -26.68 13.05
C GLU C 88 -3.57 -27.66 12.81
N ASN C 89 -3.82 -28.77 12.12
CA ASN C 89 -2.82 -29.83 12.02
C ASN C 89 -2.61 -30.41 10.62
N GLY C 90 -3.51 -30.15 9.68
CA GLY C 90 -3.44 -30.67 8.31
C GLY C 90 -2.56 -29.88 7.32
N LEU C 91 -2.36 -30.47 6.12
CA LEU C 91 -1.47 -29.95 5.10
C LEU C 91 -1.69 -28.45 4.84
N TRP C 92 -2.95 -28.05 4.83
CA TRP C 92 -3.33 -26.75 4.31
C TRP C 92 -2.61 -25.68 5.07
N GLY C 93 -2.18 -26.10 6.25
CA GLY C 93 -1.80 -25.20 7.29
C GLY C 93 -0.32 -25.05 7.34
N LYS C 94 0.38 -26.06 6.84
CA LYS C 94 1.81 -26.12 6.86
C LYS C 94 2.44 -25.65 5.54
N ILE C 95 1.71 -25.62 4.42
CA ILE C 95 2.29 -25.32 3.11
C ILE C 95 2.64 -23.84 2.94
N ASN C 96 3.56 -23.51 2.02
CA ASN C 96 3.90 -22.15 1.61
C ASN C 96 2.71 -21.43 1.04
N ALA C 97 2.64 -20.11 1.20
CA ALA C 97 1.52 -19.40 0.65
C ALA C 97 1.49 -19.60 -0.87
N ARG C 98 2.67 -19.66 -1.49
CA ARG C 98 2.78 -19.93 -2.90
C ARG C 98 2.15 -21.29 -3.33
N ASP C 99 2.24 -22.28 -2.44
CA ASP C 99 1.76 -23.59 -2.81
C ASP C 99 0.25 -23.61 -2.59
N ARG C 100 -0.20 -22.77 -1.67
CA ARG C 100 -1.60 -22.62 -1.49
C ARG C 100 -2.18 -21.93 -2.74
N GLY C 101 -1.53 -20.87 -3.23
CA GLY C 101 -1.89 -20.28 -4.49
C GLY C 101 -2.10 -21.32 -5.60
N ARG C 102 -1.10 -22.16 -5.84
CA ARG C 102 -1.11 -23.20 -6.87
C ARG C 102 -2.34 -24.10 -6.84
N LEU C 103 -2.71 -24.53 -5.65
CA LEU C 103 -3.81 -25.47 -5.51
C LEU C 103 -5.09 -24.78 -5.91
N LEU C 104 -5.23 -23.56 -5.45
CA LEU C 104 -6.40 -22.79 -5.82
C LEU C 104 -6.44 -22.55 -7.32
N TYR C 105 -5.29 -22.37 -7.99
CA TYR C 105 -5.32 -22.25 -9.48
C TYR C 105 -5.80 -23.59 -10.12
C TYR C 105 -5.67 -23.58 -10.20
N ARG C 106 -5.27 -24.71 -9.61
CA ARG C 106 -5.67 -26.03 -10.11
C ARG C 106 -7.22 -26.12 -9.94
N LEU C 107 -7.71 -25.61 -8.81
CA LEU C 107 -9.12 -25.63 -8.57
C LEU C 107 -9.99 -24.95 -9.71
N ALA C 108 -9.51 -23.80 -10.23
CA ALA C 108 -10.16 -23.06 -11.31
C ALA C 108 -10.11 -23.92 -12.58
N ASP C 109 -8.92 -24.54 -12.85
CA ASP C 109 -8.78 -25.45 -14.02
C ASP C 109 -9.78 -26.64 -14.04
N VAL C 110 -9.90 -27.33 -12.91
CA VAL C 110 -10.87 -28.36 -12.81
C VAL C 110 -12.29 -27.82 -13.06
N MET C 111 -12.59 -26.64 -12.49
CA MET C 111 -13.87 -26.03 -12.74
C MET C 111 -13.98 -25.71 -14.24
N GLU C 112 -12.98 -25.12 -14.86
CA GLU C 112 -13.07 -24.94 -16.32
C GLU C 112 -13.37 -26.21 -17.10
N GLN C 113 -12.68 -27.32 -16.82
CA GLN C 113 -12.91 -28.60 -17.50
C GLN C 113 -14.36 -29.09 -17.26
N HIS C 114 -15.01 -28.60 -16.20
CA HIS C 114 -16.34 -29.08 -15.89
C HIS C 114 -17.45 -28.05 -16.16
N GLN C 115 -17.06 -27.00 -16.87
CA GLN C 115 -17.84 -25.79 -16.96
C GLN C 115 -19.19 -26.00 -17.64
N GLU C 116 -19.28 -26.93 -18.59
CA GLU C 116 -20.55 -27.17 -19.25
C GLU C 116 -21.46 -27.88 -18.30
N GLU C 117 -20.91 -28.89 -17.65
CA GLU C 117 -21.63 -29.62 -16.67
C GLU C 117 -22.18 -28.70 -15.50
N LEU C 118 -21.34 -27.81 -14.97
CA LEU C 118 -21.77 -26.97 -13.86
C LEU C 118 -22.86 -26.01 -14.33
N ALA C 119 -22.69 -25.45 -15.51
CA ALA C 119 -23.69 -24.53 -16.00
C ALA C 119 -25.07 -25.24 -16.26
N THR C 120 -25.06 -26.51 -16.67
CA THR C 120 -26.31 -27.25 -16.83
C THR C 120 -26.93 -27.55 -15.48
N ILE C 121 -26.10 -28.05 -14.57
CA ILE C 121 -26.54 -28.22 -13.17
C ILE C 121 -27.19 -26.92 -12.68
N GLU C 122 -26.54 -25.79 -12.92
CA GLU C 122 -27.13 -24.54 -12.48
C GLU C 122 -28.38 -24.18 -13.25
N ALA C 123 -28.41 -24.52 -14.55
CA ALA C 123 -29.66 -24.29 -15.30
C ALA C 123 -30.78 -25.11 -14.67
N LEU C 124 -30.48 -26.36 -14.24
CA LEU C 124 -31.51 -27.18 -13.64
C LEU C 124 -31.96 -26.67 -12.30
N ASP C 125 -31.01 -26.48 -11.39
CA ASP C 125 -31.28 -26.20 -10.00
C ASP C 125 -31.69 -24.75 -9.82
N ALA C 126 -31.26 -23.86 -10.69
CA ALA C 126 -31.54 -22.46 -10.39
C ALA C 126 -32.31 -21.73 -11.49
N GLY C 127 -32.47 -22.36 -12.65
CA GLY C 127 -33.27 -21.77 -13.68
C GLY C 127 -32.49 -20.68 -14.35
N ALA C 128 -31.15 -20.73 -14.24
CA ALA C 128 -30.28 -19.79 -14.91
C ALA C 128 -30.17 -20.10 -16.40
N VAL C 129 -30.42 -19.12 -17.23
CA VAL C 129 -30.32 -19.30 -18.66
C VAL C 129 -28.88 -19.83 -19.03
N TYR C 130 -28.87 -20.90 -19.85
CA TYR C 130 -27.64 -21.71 -19.97
C TYR C 130 -26.44 -20.93 -20.57
N THR C 131 -26.74 -20.14 -21.59
CA THR C 131 -25.74 -19.31 -22.24
C THR C 131 -25.09 -18.40 -21.18
N LEU C 132 -25.90 -17.87 -20.24
CA LEU C 132 -25.50 -16.94 -19.20
C LEU C 132 -24.80 -17.62 -18.02
N ALA C 133 -25.32 -18.77 -17.59
CA ALA C 133 -24.61 -19.62 -16.63
C ALA C 133 -23.16 -19.96 -17.09
N LEU C 134 -22.96 -20.22 -18.38
CA LEU C 134 -21.66 -20.52 -18.92
C LEU C 134 -20.73 -19.30 -18.87
N LYS C 135 -21.18 -18.19 -19.46
CA LYS C 135 -20.39 -17.00 -19.54
C LYS C 135 -20.21 -16.35 -18.18
N THR C 136 -21.22 -16.28 -17.33
CA THR C 136 -21.15 -15.39 -16.18
C THR C 136 -21.21 -16.22 -14.90
N HIS C 137 -22.25 -17.02 -14.67
CA HIS C 137 -22.26 -17.80 -13.42
C HIS C 137 -20.96 -18.64 -13.21
N VAL C 138 -20.50 -19.29 -14.26
CA VAL C 138 -19.46 -20.24 -14.10
C VAL C 138 -18.16 -19.52 -14.44
N GLY C 139 -18.16 -18.78 -15.55
CA GLY C 139 -17.05 -17.98 -15.94
C GLY C 139 -16.51 -17.11 -14.82
N MET C 140 -17.38 -16.43 -14.11
CA MET C 140 -16.85 -15.50 -13.14
C MET C 140 -16.33 -16.23 -11.90
N SER C 141 -17.04 -17.30 -11.53
CA SER C 141 -16.50 -18.26 -10.55
C SER C 141 -15.03 -18.67 -10.90
N ILE C 142 -14.82 -19.23 -12.08
CA ILE C 142 -13.51 -19.54 -12.58
C ILE C 142 -12.57 -18.33 -12.38
N GLN C 143 -12.98 -17.14 -12.80
CA GLN C 143 -12.15 -15.97 -12.60
C GLN C 143 -11.72 -15.70 -11.12
N THR C 144 -12.64 -15.94 -10.19
CA THR C 144 -12.48 -15.50 -8.84
C THR C 144 -11.42 -16.33 -8.17
N PHE C 145 -11.49 -17.64 -8.36
CA PHE C 145 -10.42 -18.50 -7.94
C PHE C 145 -9.04 -18.14 -8.54
N ARG C 146 -9.00 -17.95 -9.85
CA ARG C 146 -7.81 -17.48 -10.48
C ARG C 146 -7.32 -16.17 -9.89
N TYR C 147 -8.24 -15.28 -9.55
CA TYR C 147 -7.84 -13.94 -9.09
C TYR C 147 -7.13 -14.12 -7.74
N PHE C 148 -7.86 -14.73 -6.78
CA PHE C 148 -7.42 -14.89 -5.43
C PHE C 148 -6.20 -15.77 -5.28
N ALA C 149 -5.98 -16.71 -6.21
CA ALA C 149 -4.78 -17.57 -6.18
C ALA C 149 -3.54 -16.70 -6.27
N GLY C 150 -3.56 -15.78 -7.22
CA GLY C 150 -2.52 -14.82 -7.35
C GLY C 150 -2.26 -14.02 -6.05
N TRP C 151 -3.28 -13.84 -5.16
CA TRP C 151 -3.05 -12.97 -3.95
C TRP C 151 -2.27 -13.65 -2.86
N CYS C 152 -2.22 -14.97 -2.86
CA CYS C 152 -1.62 -15.71 -1.73
C CYS C 152 -0.24 -15.30 -1.32
N ASP C 153 0.73 -15.36 -2.23
CA ASP C 153 2.06 -15.02 -1.85
C ASP C 153 2.28 -13.50 -1.92
N LYS C 154 1.20 -12.72 -2.02
CA LYS C 154 1.39 -11.24 -2.17
C LYS C 154 0.69 -10.41 -1.07
N ILE C 155 0.23 -11.14 -0.04
CA ILE C 155 -0.40 -10.61 1.16
C ILE C 155 0.75 -10.31 2.12
N GLN C 156 0.92 -9.00 2.40
CA GLN C 156 2.19 -8.49 2.97
C GLN C 156 1.96 -7.66 4.27
N GLY C 157 2.87 -7.73 5.25
CA GLY C 157 2.71 -6.94 6.48
C GLY C 157 3.58 -5.68 6.44
N ALA C 158 3.79 -5.00 7.59
CA ALA C 158 4.57 -3.75 7.63
C ALA C 158 5.87 -3.79 8.46
N THR C 159 6.78 -2.83 8.31
CA THR C 159 7.80 -2.58 9.33
C THR C 159 7.64 -1.11 9.61
N ILE C 160 7.54 -0.75 10.89
CA ILE C 160 6.96 0.53 11.30
C ILE C 160 8.04 1.26 12.11
N PRO C 161 8.34 2.55 11.79
CA PRO C 161 9.33 3.39 12.51
C PRO C 161 8.95 3.92 13.92
N ILE C 162 8.81 3.09 14.95
CA ILE C 162 8.27 3.59 16.24
C ILE C 162 9.36 4.36 16.99
N ASN C 163 8.99 5.12 18.02
CA ASN C 163 10.00 5.79 18.83
C ASN C 163 10.89 4.81 19.60
N GLN C 164 12.17 5.17 19.74
CA GLN C 164 13.21 4.25 20.25
C GLN C 164 13.42 4.44 21.73
N ALA C 165 13.41 3.36 22.51
CA ALA C 165 13.68 3.51 23.98
C ALA C 165 15.19 3.72 24.29
N ARG C 166 15.73 4.92 23.95
CA ARG C 166 17.18 5.11 24.04
C ARG C 166 17.65 4.85 25.51
N PRO C 167 18.89 4.36 25.71
CA PRO C 167 19.88 4.12 24.67
C PRO C 167 19.66 2.81 23.90
N ASN C 168 18.69 2.00 24.30
CA ASN C 168 18.39 0.81 23.54
C ASN C 168 17.73 1.09 22.20
N ARG C 169 17.42 0.04 21.43
CA ARG C 169 16.85 0.13 20.04
C ARG C 169 15.55 -0.65 19.91
N ASN C 170 14.77 -0.37 18.86
CA ASN C 170 13.50 -1.05 18.75
C ASN C 170 13.18 -1.46 17.31
N LEU C 171 12.47 -2.57 17.14
CA LEU C 171 11.95 -2.98 15.85
C LEU C 171 10.48 -3.43 15.99
N THR C 172 9.60 -2.72 15.27
CA THR C 172 8.20 -3.14 15.16
C THR C 172 7.85 -3.69 13.76
N LEU C 173 7.21 -4.86 13.71
CA LEU C 173 6.72 -5.35 12.42
C LEU C 173 5.29 -5.91 12.56
N THR C 174 4.57 -6.06 11.47
CA THR C 174 3.28 -6.67 11.59
C THR C 174 3.31 -7.92 10.77
N LYS C 175 2.75 -9.03 11.26
CA LYS C 175 2.53 -10.27 10.47
C LYS C 175 1.04 -10.36 10.12
N LYS C 176 0.66 -10.69 8.87
CA LYS C 176 -0.79 -10.80 8.53
C LYS C 176 -1.08 -12.31 8.69
N GLU C 177 -2.05 -12.74 9.48
CA GLU C 177 -2.27 -14.20 9.69
C GLU C 177 -3.72 -14.59 9.36
N PRO C 178 -3.99 -15.91 9.16
CA PRO C 178 -5.42 -16.30 8.95
C PRO C 178 -6.21 -16.19 10.24
N VAL C 179 -7.54 -16.05 10.09
CA VAL C 179 -8.45 -16.00 11.22
C VAL C 179 -8.79 -17.39 11.74
N GLY C 180 -8.68 -18.45 10.92
CA GLY C 180 -9.07 -19.80 11.42
C GLY C 180 -10.36 -20.39 10.76
N VAL C 181 -11.20 -21.08 11.53
CA VAL C 181 -12.33 -21.77 10.88
C VAL C 181 -13.40 -20.75 10.46
N CYS C 182 -13.73 -20.65 9.17
CA CYS C 182 -14.83 -19.79 8.83
C CYS C 182 -16.15 -20.50 8.45
N GLY C 183 -17.29 -19.84 8.66
CA GLY C 183 -18.52 -20.36 8.18
C GLY C 183 -19.07 -19.40 7.18
N ILE C 184 -19.50 -19.86 6.00
CA ILE C 184 -20.08 -18.93 5.06
C ILE C 184 -21.47 -19.36 4.52
N VAL C 185 -22.41 -18.42 4.48
CA VAL C 185 -23.79 -18.73 4.15
C VAL C 185 -24.08 -18.16 2.75
N ILE C 186 -24.49 -18.99 1.82
CA ILE C 186 -24.51 -18.59 0.40
C ILE C 186 -25.99 -18.43 0.06
N PRO C 187 -26.32 -17.33 -0.67
CA PRO C 187 -27.70 -17.10 -1.15
C PRO C 187 -27.98 -17.98 -2.41
N TRP C 188 -29.22 -17.92 -2.94
CA TRP C 188 -29.62 -18.81 -4.07
C TRP C 188 -29.64 -18.26 -5.49
N ASN C 189 -29.29 -16.99 -5.65
CA ASN C 189 -29.53 -16.35 -6.92
C ASN C 189 -28.40 -16.66 -7.90
N TYR C 190 -27.18 -16.79 -7.44
CA TYR C 190 -26.14 -17.28 -8.30
C TYR C 190 -25.37 -18.24 -7.40
N PRO C 191 -25.93 -19.45 -7.20
CA PRO C 191 -25.33 -20.32 -6.15
C PRO C 191 -23.79 -20.53 -6.33
N LEU C 192 -23.33 -20.95 -7.52
CA LEU C 192 -21.93 -21.25 -7.61
C LEU C 192 -21.09 -19.98 -7.46
N MET C 193 -21.57 -18.93 -8.11
CA MET C 193 -20.87 -17.71 -8.18
C MET C 193 -20.73 -17.10 -6.77
N MET C 194 -21.83 -17.08 -6.03
CA MET C 194 -21.74 -16.46 -4.77
C MET C 194 -20.82 -17.23 -3.87
N LEU C 195 -20.97 -18.55 -3.90
CA LEU C 195 -20.08 -19.44 -3.15
C LEU C 195 -18.61 -19.16 -3.54
N SER C 196 -18.37 -18.98 -4.84
CA SER C 196 -17.04 -18.73 -5.33
C SER C 196 -16.41 -17.45 -4.77
N TRP C 197 -17.19 -16.34 -4.84
CA TRP C 197 -16.90 -15.05 -4.26
C TRP C 197 -16.32 -15.18 -2.87
N LYS C 198 -17.04 -15.78 -1.91
CA LYS C 198 -16.58 -15.81 -0.49
C LYS C 198 -15.52 -16.92 -0.23
N THR C 199 -15.71 -18.06 -0.90
CA THR C 199 -14.86 -19.14 -0.64
C THR C 199 -13.46 -18.86 -1.14
N ALA C 200 -13.32 -18.09 -2.23
CA ALA C 200 -12.01 -18.02 -2.87
C ALA C 200 -11.09 -17.17 -2.01
N ALA C 201 -11.59 -16.08 -1.47
CA ALA C 201 -10.79 -15.16 -0.68
C ALA C 201 -10.50 -15.79 0.66
N CYS C 202 -11.53 -16.46 1.20
CA CYS C 202 -11.40 -17.16 2.45
C CYS C 202 -10.31 -18.17 2.34
N LEU C 203 -10.41 -19.05 1.35
CA LEU C 203 -9.37 -20.04 1.19
C LEU C 203 -8.05 -19.38 0.89
N ALA C 204 -8.05 -18.35 0.05
CA ALA C 204 -6.82 -17.66 -0.34
C ALA C 204 -6.05 -17.13 0.85
N ALA C 205 -6.75 -16.68 1.86
CA ALA C 205 -6.18 -16.07 3.06
C ALA C 205 -5.66 -17.16 4.02
N GLY C 206 -5.98 -18.44 3.81
CA GLY C 206 -5.37 -19.46 4.64
C GLY C 206 -6.31 -20.20 5.55
N ASN C 207 -7.57 -19.92 5.48
CA ASN C 207 -8.50 -20.44 6.45
C ASN C 207 -9.15 -21.69 5.94
N THR C 208 -10.08 -22.21 6.73
CA THR C 208 -10.87 -23.33 6.29
C THR C 208 -12.35 -23.00 6.52
N VAL C 209 -13.25 -23.81 5.95
CA VAL C 209 -14.59 -23.36 5.83
C VAL C 209 -15.69 -24.39 5.87
N VAL C 210 -16.80 -23.93 6.39
CA VAL C 210 -18.06 -24.65 6.31
C VAL C 210 -18.99 -23.76 5.55
N ILE C 211 -19.55 -24.31 4.49
CA ILE C 211 -20.20 -23.53 3.49
C ILE C 211 -21.54 -24.14 3.60
N LYS C 212 -22.54 -23.27 3.63
CA LYS C 212 -23.94 -23.60 3.73
C LYS C 212 -24.59 -22.96 2.51
N PRO C 213 -24.89 -23.79 1.48
CA PRO C 213 -25.60 -23.28 0.34
C PRO C 213 -27.11 -23.08 0.68
N ALA C 214 -27.83 -22.37 -0.16
CA ALA C 214 -29.22 -22.13 0.05
C ALA C 214 -30.00 -23.45 0.00
N GLN C 215 -31.01 -23.59 0.85
CA GLN C 215 -31.73 -24.88 0.85
C GLN C 215 -32.27 -25.23 -0.56
N VAL C 216 -32.89 -24.26 -1.26
CA VAL C 216 -33.41 -24.41 -2.64
C VAL C 216 -32.36 -24.54 -3.80
N THR C 217 -31.06 -24.46 -3.48
CA THR C 217 -30.04 -24.62 -4.48
C THR C 217 -28.73 -25.28 -4.01
N PRO C 218 -28.72 -26.62 -3.74
CA PRO C 218 -27.51 -27.27 -3.26
C PRO C 218 -26.63 -27.80 -4.31
N LEU C 219 -27.17 -27.99 -5.52
CA LEU C 219 -26.49 -28.90 -6.41
C LEU C 219 -25.12 -28.42 -6.90
N THR C 220 -24.99 -27.17 -7.35
CA THR C 220 -23.65 -26.75 -7.84
C THR C 220 -22.64 -26.72 -6.71
N ALA C 221 -23.09 -26.40 -5.49
CA ALA C 221 -22.17 -26.38 -4.35
C ALA C 221 -21.65 -27.78 -4.16
N LEU C 222 -22.51 -28.76 -4.41
CA LEU C 222 -22.10 -30.12 -4.06
C LEU C 222 -21.20 -30.61 -5.17
N LYS C 223 -21.58 -30.26 -6.40
CA LYS C 223 -20.67 -30.58 -7.54
C LYS C 223 -19.27 -29.89 -7.34
N PHE C 224 -19.30 -28.64 -6.87
CA PHE C 224 -18.09 -27.95 -6.45
C PHE C 224 -17.17 -28.77 -5.50
N ALA C 225 -17.71 -29.36 -4.45
CA ALA C 225 -16.99 -30.16 -3.44
C ALA C 225 -16.34 -31.33 -4.09
N GLU C 226 -17.04 -31.96 -5.05
CA GLU C 226 -16.39 -33.10 -5.69
C GLU C 226 -15.14 -32.54 -6.35
N LEU C 227 -15.33 -31.46 -7.09
CA LEU C 227 -14.25 -30.85 -7.73
C LEU C 227 -13.09 -30.51 -6.81
N THR C 228 -13.34 -30.13 -5.58
CA THR C 228 -12.17 -29.83 -4.75
C THR C 228 -11.34 -31.10 -4.55
N LEU C 229 -12.02 -32.23 -4.42
CA LEU C 229 -11.31 -33.48 -4.38
C LEU C 229 -10.34 -33.65 -5.57
N LYS C 230 -10.87 -33.47 -6.78
CA LYS C 230 -10.10 -33.60 -7.97
C LYS C 230 -8.99 -32.62 -7.98
N ALA C 231 -9.16 -31.52 -7.28
CA ALA C 231 -8.15 -30.46 -7.36
C ALA C 231 -6.94 -30.73 -6.43
N GLY C 232 -7.10 -31.60 -5.45
CA GLY C 232 -6.08 -31.86 -4.42
C GLY C 232 -6.24 -30.99 -3.15
N ILE C 233 -7.39 -30.33 -2.94
CA ILE C 233 -7.53 -29.60 -1.72
C ILE C 233 -7.44 -30.62 -0.57
N PRO C 234 -6.54 -30.39 0.39
CA PRO C 234 -6.55 -31.25 1.55
C PRO C 234 -7.93 -31.58 2.10
N LYS C 235 -8.04 -32.85 2.53
CA LYS C 235 -9.29 -33.36 3.14
C LYS C 235 -9.61 -32.41 4.31
N GLY C 236 -10.82 -31.83 4.30
CA GLY C 236 -11.29 -31.02 5.41
C GLY C 236 -11.17 -29.52 5.33
N VAL C 237 -10.47 -28.99 4.29
CA VAL C 237 -10.41 -27.55 4.08
C VAL C 237 -11.80 -26.95 3.68
N VAL C 238 -12.60 -27.69 2.92
CA VAL C 238 -13.91 -27.25 2.39
C VAL C 238 -14.88 -28.29 2.87
N ASN C 239 -15.92 -27.87 3.58
CA ASN C 239 -16.96 -28.74 4.06
C ASN C 239 -18.24 -28.06 3.64
N ILE C 240 -19.20 -28.85 3.15
CA ILE C 240 -20.48 -28.30 2.70
C ILE C 240 -21.75 -28.95 3.29
N LEU C 241 -22.67 -28.15 3.82
CA LEU C 241 -23.83 -28.68 4.50
C LEU C 241 -25.15 -28.14 4.00
N PRO C 242 -25.74 -28.81 2.98
CA PRO C 242 -27.08 -28.38 2.48
C PRO C 242 -28.11 -28.68 3.55
N GLY C 243 -29.25 -27.97 3.50
CA GLY C 243 -30.32 -28.18 4.51
C GLY C 243 -31.02 -26.88 4.92
N SER C 244 -31.71 -26.91 6.06
CA SER C 244 -32.39 -25.73 6.64
C SER C 244 -31.42 -24.59 7.00
N GLY C 245 -31.79 -23.36 6.61
CA GLY C 245 -30.96 -22.18 6.86
C GLY C 245 -30.82 -21.87 8.34
N SER C 246 -31.96 -21.77 9.03
CA SER C 246 -31.91 -21.65 10.49
C SER C 246 -31.05 -22.76 11.10
N LEU C 247 -31.31 -24.03 10.82
CA LEU C 247 -30.55 -25.00 11.53
C LEU C 247 -29.04 -24.79 11.33
N VAL C 248 -28.56 -24.68 10.09
CA VAL C 248 -27.12 -24.71 9.83
C VAL C 248 -26.44 -23.41 10.20
N GLY C 249 -26.90 -22.32 9.62
CA GLY C 249 -26.37 -21.00 9.87
C GLY C 249 -26.38 -20.62 11.33
N GLN C 250 -27.45 -20.97 12.04
CA GLN C 250 -27.54 -20.70 13.47
C GLN C 250 -26.50 -21.42 14.33
N ARG C 251 -26.34 -22.71 14.07
CA ARG C 251 -25.28 -23.48 14.70
C ARG C 251 -23.88 -22.92 14.43
N LEU C 252 -23.56 -22.54 13.20
CA LEU C 252 -22.26 -21.98 12.85
C LEU C 252 -21.97 -20.69 13.62
N SER C 253 -22.98 -19.83 13.69
CA SER C 253 -22.94 -18.59 14.41
C SER C 253 -22.62 -18.74 15.89
N ASP C 254 -23.12 -19.82 16.54
CA ASP C 254 -22.87 -20.05 17.98
C ASP C 254 -21.68 -20.91 18.20
N HIS C 255 -21.20 -21.59 17.17
CA HIS C 255 -20.15 -22.54 17.43
C HIS C 255 -18.89 -21.85 18.05
N PRO C 256 -18.33 -22.41 19.15
CA PRO C 256 -17.19 -21.78 19.87
C PRO C 256 -15.87 -21.86 19.14
N ASP C 257 -15.82 -22.74 18.13
CA ASP C 257 -14.67 -23.00 17.34
C ASP C 257 -14.66 -22.29 15.97
N VAL C 258 -15.79 -21.72 15.59
CA VAL C 258 -15.85 -20.82 14.43
C VAL C 258 -15.42 -19.39 14.79
N ARG C 259 -14.57 -18.78 13.97
CA ARG C 259 -14.11 -17.43 14.26
C ARG C 259 -14.53 -16.30 13.33
N LYS C 260 -15.15 -16.56 12.18
CA LYS C 260 -15.58 -15.50 11.27
C LYS C 260 -16.79 -16.07 10.60
N ILE C 261 -17.88 -15.30 10.55
CA ILE C 261 -19.03 -15.59 9.67
C ILE C 261 -19.10 -14.61 8.46
N GLY C 262 -19.36 -15.17 7.29
CA GLY C 262 -19.57 -14.34 6.11
C GLY C 262 -20.96 -14.62 5.66
N PHE C 263 -21.84 -13.62 5.77
CA PHE C 263 -23.24 -13.83 5.47
C PHE C 263 -23.82 -12.91 4.37
N THR C 264 -24.61 -13.49 3.46
CA THR C 264 -25.31 -12.76 2.42
C THR C 264 -26.75 -13.28 2.33
N GLY C 265 -27.72 -12.40 2.49
CA GLY C 265 -29.07 -12.79 2.24
C GLY C 265 -29.89 -11.64 2.69
N SER C 266 -30.85 -11.94 3.55
CA SER C 266 -31.97 -11.06 3.87
C SER C 266 -31.74 -10.32 5.16
N THR C 267 -32.37 -9.14 5.33
CA THR C 267 -32.13 -8.26 6.51
C THR C 267 -32.48 -8.93 7.86
N GLU C 268 -33.68 -9.54 8.00
CA GLU C 268 -33.98 -10.17 9.30
C GLU C 268 -32.99 -11.28 9.67
N VAL C 269 -32.67 -12.14 8.73
CA VAL C 269 -31.75 -13.24 9.03
C VAL C 269 -30.29 -12.75 9.31
N GLY C 270 -29.92 -11.67 8.62
CA GLY C 270 -28.64 -11.04 8.80
C GLY C 270 -28.54 -10.50 10.21
N LYS C 271 -29.59 -9.79 10.66
CA LYS C 271 -29.52 -9.19 11.99
C LYS C 271 -29.32 -10.27 13.02
N HIS C 272 -30.07 -11.36 12.88
N HIS C 272 -30.00 -11.39 12.85
CA HIS C 272 -30.01 -12.49 13.83
CA HIS C 272 -29.95 -12.42 13.85
C HIS C 272 -28.60 -13.10 13.84
C HIS C 272 -28.69 -13.32 13.79
N ILE C 273 -28.02 -13.30 12.64
CA ILE C 273 -26.67 -13.86 12.51
C ILE C 273 -25.66 -13.05 13.33
N MET C 274 -25.66 -11.73 13.16
CA MET C 274 -24.68 -10.88 13.83
C MET C 274 -24.86 -10.99 15.32
N LYS C 275 -26.13 -11.05 15.75
CA LYS C 275 -26.46 -11.15 17.18
C LYS C 275 -25.78 -12.39 17.75
N SER C 276 -25.95 -13.52 17.07
CA SER C 276 -25.41 -14.78 17.48
C SER C 276 -23.86 -14.86 17.60
N CYS C 277 -23.18 -14.10 16.72
CA CYS C 277 -21.74 -13.98 16.73
C CYS C 277 -21.37 -13.25 17.99
N ALA C 278 -22.12 -12.21 18.30
CA ALA C 278 -21.84 -11.46 19.49
C ALA C 278 -22.02 -12.29 20.76
N LEU C 279 -23.13 -13.05 20.81
CA LEU C 279 -23.55 -13.73 22.06
C LEU C 279 -22.66 -14.94 22.47
N SER C 280 -22.09 -15.61 21.47
CA SER C 280 -21.24 -16.76 21.73
C SER C 280 -19.80 -16.27 21.99
N ASN C 281 -19.04 -15.95 20.97
CA ASN C 281 -17.62 -15.60 21.22
C ASN C 281 -17.04 -14.34 20.55
N VAL C 282 -17.89 -13.35 20.24
CA VAL C 282 -17.50 -12.20 19.44
C VAL C 282 -16.71 -12.69 18.18
N LYS C 283 -17.24 -13.71 17.51
CA LYS C 283 -16.64 -14.02 16.22
C LYS C 283 -16.78 -12.79 15.29
N LYS C 284 -15.86 -12.61 14.32
CA LYS C 284 -16.03 -11.63 13.26
C LYS C 284 -17.24 -11.94 12.32
N VAL C 285 -17.89 -10.91 11.76
CA VAL C 285 -19.01 -11.13 10.85
C VAL C 285 -19.04 -10.15 9.65
N SER C 286 -19.36 -10.62 8.42
CA SER C 286 -19.71 -9.74 7.30
C SER C 286 -21.17 -9.92 6.95
N LEU C 287 -21.78 -8.82 6.52
CA LEU C 287 -23.14 -8.83 6.07
C LEU C 287 -23.32 -8.11 4.72
N GLU C 288 -23.83 -8.84 3.73
CA GLU C 288 -24.32 -8.23 2.52
C GLU C 288 -25.82 -8.54 2.50
N LEU C 289 -26.64 -7.51 2.65
CA LEU C 289 -28.07 -7.71 2.91
C LEU C 289 -29.06 -7.17 1.86
N GLY C 290 -28.64 -7.07 0.59
CA GLY C 290 -29.50 -6.56 -0.47
C GLY C 290 -29.49 -5.05 -0.54
N GLY C 291 -30.28 -4.55 -1.50
CA GLY C 291 -30.32 -3.11 -1.84
C GLY C 291 -31.66 -2.74 -2.44
N LYS C 292 -31.84 -1.45 -2.65
CA LYS C 292 -32.86 -0.90 -3.44
C LYS C 292 -32.18 0.22 -4.18
N SER C 293 -31.32 -0.15 -5.11
CA SER C 293 -30.35 0.79 -5.66
C SER C 293 -30.94 1.68 -6.74
N PRO C 294 -30.65 2.97 -6.69
CA PRO C 294 -31.25 3.91 -7.67
C PRO C 294 -30.37 4.08 -8.88
N LEU C 295 -31.00 4.24 -10.03
CA LEU C 295 -30.26 4.50 -11.25
C LEU C 295 -30.89 5.78 -11.81
N ILE C 296 -30.06 6.82 -11.91
CA ILE C 296 -30.53 8.11 -12.31
C ILE C 296 -30.09 8.36 -13.73
N ILE C 297 -31.08 8.50 -14.64
CA ILE C 297 -30.90 8.69 -16.05
C ILE C 297 -31.19 10.13 -16.43
N PHE C 298 -30.20 10.84 -16.94
CA PHE C 298 -30.35 12.21 -17.36
C PHE C 298 -30.70 12.36 -18.86
N ALA C 299 -31.51 13.35 -19.17
CA ALA C 299 -31.89 13.66 -20.57
C ALA C 299 -30.74 13.80 -21.54
N ASP C 300 -29.57 14.21 -21.10
CA ASP C 300 -28.43 14.28 -22.02
C ASP C 300 -27.62 12.99 -22.23
N CYS C 301 -28.18 11.83 -21.84
CA CYS C 301 -27.55 10.52 -22.11
C CYS C 301 -27.75 10.10 -23.58
N ASP C 302 -27.16 8.95 -23.98
CA ASP C 302 -27.47 8.27 -25.27
C ASP C 302 -28.77 7.47 -25.00
N LEU C 303 -29.90 7.87 -25.61
CA LEU C 303 -31.22 7.29 -25.27
C LEU C 303 -31.31 5.78 -25.42
N ASN C 304 -30.75 5.28 -26.52
CA ASN C 304 -30.85 3.83 -26.81
C ASN C 304 -29.90 2.98 -25.95
N LYS C 305 -28.68 3.44 -25.73
CA LYS C 305 -27.83 2.73 -24.79
C LYS C 305 -28.48 2.68 -23.38
N ALA C 306 -29.18 3.76 -23.03
CA ALA C 306 -29.87 3.88 -21.75
C ALA C 306 -31.01 2.88 -21.65
N VAL C 307 -31.75 2.67 -22.72
CA VAL C 307 -32.79 1.69 -22.70
C VAL C 307 -32.23 0.30 -22.63
N GLN C 308 -31.14 -0.01 -23.35
CA GLN C 308 -30.43 -1.34 -23.21
C GLN C 308 -29.86 -1.54 -21.81
N MET C 309 -29.02 -0.60 -21.35
CA MET C 309 -28.38 -0.77 -20.06
C MET C 309 -29.40 -0.70 -18.96
N GLY C 310 -30.45 0.05 -19.21
CA GLY C 310 -31.61 0.16 -18.29
C GLY C 310 -32.38 -1.12 -18.16
N MET C 311 -32.54 -1.83 -19.24
CA MET C 311 -33.33 -3.03 -19.17
C MET C 311 -32.56 -4.14 -18.42
N SER C 312 -31.27 -4.14 -18.72
CA SER C 312 -30.39 -5.08 -18.16
C SER C 312 -30.30 -4.78 -16.67
N SER C 313 -30.23 -3.51 -16.33
CA SER C 313 -30.07 -3.10 -14.92
C SER C 313 -31.14 -3.70 -14.03
N VAL C 314 -32.34 -3.91 -14.58
CA VAL C 314 -33.40 -4.60 -13.89
C VAL C 314 -33.51 -6.12 -14.22
N PHE C 315 -33.54 -6.48 -15.50
CA PHE C 315 -33.92 -7.85 -15.89
C PHE C 315 -32.77 -8.89 -15.82
N PHE C 316 -31.51 -8.44 -15.86
CA PHE C 316 -30.37 -9.37 -15.72
C PHE C 316 -30.61 -10.49 -14.78
N ASN C 317 -30.27 -11.72 -15.21
CA ASN C 317 -30.45 -12.93 -14.35
C ASN C 317 -31.87 -12.94 -13.77
N LYS C 318 -32.89 -12.67 -14.58
CA LYS C 318 -34.30 -12.70 -14.06
C LYS C 318 -34.60 -11.81 -12.81
N GLY C 319 -33.77 -10.78 -12.62
CA GLY C 319 -34.02 -9.84 -11.51
C GLY C 319 -33.48 -10.36 -10.16
N GLU C 320 -33.03 -11.61 -10.16
CA GLU C 320 -32.53 -12.23 -8.96
C GLU C 320 -31.04 -11.79 -8.77
N ASN C 321 -30.89 -10.58 -8.20
CA ASN C 321 -29.64 -9.84 -8.23
C ASN C 321 -29.55 -8.77 -7.11
N ALA C 322 -28.65 -8.96 -6.16
CA ALA C 322 -28.56 -7.94 -5.09
C ALA C 322 -28.34 -6.47 -5.57
N ILE C 323 -27.73 -6.23 -6.72
CA ILE C 323 -27.51 -4.85 -7.12
C ILE C 323 -28.43 -4.38 -8.21
N ALA C 324 -29.45 -5.18 -8.53
CA ALA C 324 -30.55 -4.70 -9.38
C ALA C 324 -30.97 -3.25 -9.07
N ALA C 325 -31.15 -2.50 -10.14
CA ALA C 325 -31.69 -1.19 -10.04
C ALA C 325 -33.16 -1.29 -9.57
N GLY C 326 -33.39 -0.85 -8.33
CA GLY C 326 -34.68 -0.87 -7.71
C GLY C 326 -35.46 0.38 -7.99
N ARG C 327 -34.85 1.43 -8.54
CA ARG C 327 -35.66 2.54 -9.06
C ARG C 327 -34.94 3.21 -10.18
N LEU C 328 -35.69 3.46 -11.24
CA LEU C 328 -35.12 4.30 -12.27
C LEU C 328 -35.67 5.70 -12.12
N PHE C 329 -34.79 6.68 -12.00
CA PHE C 329 -35.24 8.06 -11.99
C PHE C 329 -34.95 8.69 -13.35
N VAL C 330 -35.97 8.93 -14.14
CA VAL C 330 -35.74 9.35 -15.55
C VAL C 330 -36.05 10.86 -15.69
N GLU C 331 -35.21 11.65 -16.33
CA GLU C 331 -35.39 13.10 -16.32
C GLU C 331 -36.65 13.35 -17.14
N GLU C 332 -37.49 14.30 -16.66
CA GLU C 332 -38.86 14.49 -17.11
C GLU C 332 -38.86 14.45 -18.63
N SER C 333 -38.03 15.29 -19.26
CA SER C 333 -38.10 15.46 -20.69
C SER C 333 -37.89 14.19 -21.59
N ILE C 334 -37.28 13.11 -21.08
CA ILE C 334 -37.04 11.91 -21.88
C ILE C 334 -37.81 10.72 -21.39
N HIS C 335 -38.68 10.90 -20.40
CA HIS C 335 -39.34 9.78 -19.78
C HIS C 335 -40.22 8.96 -20.73
N ASN C 336 -41.18 9.62 -21.36
CA ASN C 336 -42.16 8.91 -22.13
C ASN C 336 -41.49 8.26 -23.31
N GLN C 337 -40.63 8.98 -24.03
CA GLN C 337 -39.80 8.31 -25.09
C GLN C 337 -39.04 7.06 -24.53
N PHE C 338 -38.39 7.19 -23.39
CA PHE C 338 -37.85 6.04 -22.68
C PHE C 338 -38.81 4.88 -22.33
N VAL C 339 -39.92 5.15 -21.65
CA VAL C 339 -40.87 4.08 -21.37
C VAL C 339 -41.36 3.35 -22.65
N GLN C 340 -41.54 4.09 -23.75
CA GLN C 340 -42.09 3.50 -24.99
C GLN C 340 -41.05 2.57 -25.66
N LYS C 341 -39.84 3.06 -25.83
CA LYS C 341 -38.73 2.21 -26.26
C LYS C 341 -38.55 0.93 -25.41
N VAL C 342 -38.50 1.07 -24.08
CA VAL C 342 -38.52 -0.09 -23.18
C VAL C 342 -39.69 -1.05 -23.42
N VAL C 343 -40.91 -0.57 -23.48
CA VAL C 343 -41.97 -1.50 -23.89
C VAL C 343 -41.67 -2.22 -25.22
N GLU C 344 -41.10 -1.49 -26.19
CA GLU C 344 -40.83 -2.03 -27.53
C GLU C 344 -39.94 -3.26 -27.37
N GLU C 345 -38.94 -3.14 -26.48
CA GLU C 345 -37.92 -4.13 -26.30
C GLU C 345 -38.32 -5.28 -25.40
N VAL C 346 -39.15 -5.01 -24.40
CA VAL C 346 -39.65 -6.07 -23.53
C VAL C 346 -40.49 -7.06 -24.31
N GLU C 347 -41.11 -6.61 -25.42
CA GLU C 347 -41.99 -7.51 -26.19
C GLU C 347 -41.17 -8.41 -27.06
N LYS C 348 -39.94 -8.01 -27.38
CA LYS C 348 -38.98 -8.84 -28.08
C LYS C 348 -38.28 -9.88 -27.21
N MET C 349 -38.25 -9.72 -25.90
CA MET C 349 -37.52 -10.72 -25.10
C MET C 349 -38.14 -12.10 -25.22
N LYS C 350 -37.32 -13.10 -25.41
CA LYS C 350 -37.87 -14.39 -25.57
C LYS C 350 -37.93 -15.15 -24.21
N ILE C 351 -39.11 -15.63 -23.84
CA ILE C 351 -39.28 -16.27 -22.53
C ILE C 351 -39.37 -17.77 -22.68
N GLY C 352 -38.60 -18.51 -21.89
CA GLY C 352 -38.73 -19.95 -21.91
C GLY C 352 -37.65 -20.74 -21.24
N ASN C 353 -37.51 -21.99 -21.71
CA ASN C 353 -36.65 -22.98 -21.11
C ASN C 353 -35.23 -22.49 -21.06
N PRO C 354 -34.60 -22.60 -19.89
CA PRO C 354 -33.19 -22.18 -19.81
C PRO C 354 -32.23 -22.88 -20.82
N LEU C 355 -32.58 -24.10 -21.27
CA LEU C 355 -31.74 -24.80 -22.26
C LEU C 355 -31.95 -24.32 -23.67
N GLU C 356 -33.05 -23.65 -23.99
CA GLU C 356 -33.20 -23.13 -25.35
C GLU C 356 -32.24 -21.99 -25.61
N ARG C 357 -31.41 -22.13 -26.65
CA ARG C 357 -30.26 -21.22 -26.78
C ARG C 357 -30.66 -19.84 -27.13
N ASP C 358 -31.91 -19.62 -27.53
CA ASP C 358 -32.33 -18.26 -27.82
C ASP C 358 -33.20 -17.66 -26.67
N THR C 359 -33.31 -18.33 -25.51
CA THR C 359 -34.02 -17.73 -24.38
C THR C 359 -33.30 -16.49 -23.88
N ASN C 360 -34.06 -15.45 -23.53
CA ASN C 360 -33.55 -14.20 -22.97
C ASN C 360 -33.84 -14.15 -21.49
N HIS C 361 -34.95 -14.75 -21.07
CA HIS C 361 -35.43 -14.60 -19.71
C HIS C 361 -36.03 -15.96 -19.24
N GLY C 362 -35.45 -16.49 -18.15
CA GLY C 362 -35.77 -17.84 -17.62
C GLY C 362 -36.78 -17.89 -16.46
N PRO C 363 -36.98 -19.06 -15.82
CA PRO C 363 -37.93 -19.02 -14.73
C PRO C 363 -37.35 -18.37 -13.48
N GLN C 364 -38.24 -17.95 -12.57
CA GLN C 364 -37.76 -17.54 -11.26
C GLN C 364 -37.20 -18.76 -10.55
N ASN C 365 -36.50 -18.54 -9.47
CA ASN C 365 -35.67 -19.55 -8.90
C ASN C 365 -36.52 -20.58 -8.20
N HIS C 366 -37.54 -20.17 -7.49
CA HIS C 366 -38.48 -21.17 -6.92
C HIS C 366 -39.93 -20.63 -6.72
N GLU C 367 -40.88 -21.55 -6.60
CA GLU C 367 -42.27 -21.22 -6.33
C GLU C 367 -42.42 -20.08 -5.36
N ALA C 368 -42.03 -20.29 -4.12
CA ALA C 368 -42.40 -19.31 -3.10
C ALA C 368 -42.05 -17.86 -3.46
N HIS C 369 -40.91 -17.67 -4.13
CA HIS C 369 -40.47 -16.39 -4.68
C HIS C 369 -41.35 -15.92 -5.81
N LEU C 370 -41.68 -16.82 -6.73
CA LEU C 370 -42.70 -16.48 -7.72
C LEU C 370 -43.95 -15.88 -7.02
N ARG C 371 -44.43 -16.57 -5.99
CA ARG C 371 -45.64 -16.18 -5.38
C ARG C 371 -45.42 -14.74 -4.82
N LYS C 372 -44.29 -14.51 -4.12
CA LYS C 372 -44.00 -13.14 -3.61
C LYS C 372 -43.93 -12.08 -4.70
N LEU C 373 -43.37 -12.40 -5.86
CA LEU C 373 -43.42 -11.46 -6.99
C LEU C 373 -44.83 -11.07 -7.38
N VAL C 374 -45.70 -12.07 -7.46
CA VAL C 374 -47.09 -11.83 -7.75
C VAL C 374 -47.62 -10.81 -6.74
N GLU C 375 -47.59 -11.11 -5.42
CA GLU C 375 -48.16 -10.20 -4.39
C GLU C 375 -47.55 -8.76 -4.53
N TYR C 376 -46.26 -8.70 -4.86
CA TYR C 376 -45.59 -7.43 -4.83
C TYR C 376 -46.25 -6.57 -5.88
N CYS C 377 -46.46 -7.14 -7.06
CA CYS C 377 -47.06 -6.42 -8.12
C CYS C 377 -48.55 -5.94 -7.88
N GLN C 378 -49.39 -6.79 -7.30
CA GLN C 378 -50.71 -6.45 -6.87
C GLN C 378 -50.59 -5.17 -6.04
N ARG C 379 -49.68 -5.23 -5.07
CA ARG C 379 -49.51 -4.14 -4.12
C ARG C 379 -49.09 -2.82 -4.80
N GLY C 380 -48.09 -2.84 -5.67
CA GLY C 380 -47.80 -1.68 -6.48
C GLY C 380 -49.04 -1.07 -7.13
N VAL C 381 -49.98 -1.90 -7.63
CA VAL C 381 -51.15 -1.34 -8.37
C VAL C 381 -52.14 -0.79 -7.41
N LYS C 382 -52.36 -1.58 -6.37
CA LYS C 382 -53.20 -1.16 -5.26
C LYS C 382 -52.84 0.20 -4.71
N GLU C 383 -51.56 0.54 -4.62
CA GLU C 383 -51.19 1.79 -4.01
C GLU C 383 -51.09 2.92 -5.06
N GLY C 384 -51.54 2.65 -6.28
CA GLY C 384 -51.61 3.71 -7.27
C GLY C 384 -50.56 3.77 -8.33
N ALA C 385 -49.62 2.82 -8.42
CA ALA C 385 -48.65 2.94 -9.51
C ALA C 385 -49.24 2.47 -10.85
N THR C 386 -48.66 2.88 -11.96
CA THR C 386 -49.16 2.44 -13.23
C THR C 386 -48.45 1.19 -13.75
N LEU C 387 -49.22 0.08 -13.85
CA LEU C 387 -48.70 -1.14 -14.50
C LEU C 387 -48.69 -1.04 -16.02
N VAL C 388 -47.51 -0.75 -16.60
CA VAL C 388 -47.38 -0.67 -18.05
C VAL C 388 -47.38 -2.02 -18.76
N CYS C 389 -46.72 -3.03 -18.21
CA CYS C 389 -46.82 -4.40 -18.74
C CYS C 389 -46.48 -5.39 -17.68
N GLY C 390 -47.03 -6.58 -17.78
CA GLY C 390 -46.51 -7.71 -17.03
C GLY C 390 -47.09 -7.84 -15.65
N GLY C 391 -46.27 -7.83 -14.61
CA GLY C 391 -46.76 -8.11 -13.26
C GLY C 391 -47.51 -9.41 -13.02
N ASN C 392 -47.31 -10.40 -13.89
CA ASN C 392 -47.87 -11.73 -13.68
C ASN C 392 -47.08 -13.00 -13.91
N GLN C 393 -47.43 -14.07 -13.19
CA GLN C 393 -46.98 -15.40 -13.56
C GLN C 393 -47.18 -15.61 -15.08
N VAL C 394 -46.20 -16.15 -15.81
CA VAL C 394 -46.43 -16.39 -17.25
C VAL C 394 -47.19 -17.67 -17.31
N PRO C 395 -48.31 -17.71 -18.07
CA PRO C 395 -48.93 -19.04 -17.96
C PRO C 395 -48.13 -20.13 -18.80
N ARG C 396 -47.58 -21.08 -18.05
CA ARG C 396 -46.84 -22.20 -18.58
C ARG C 396 -46.35 -23.02 -17.44
N PRO C 397 -45.80 -24.19 -17.73
CA PRO C 397 -45.52 -24.96 -16.49
C PRO C 397 -44.19 -24.45 -15.83
N GLY C 398 -43.95 -24.82 -14.57
CA GLY C 398 -42.80 -24.24 -13.86
C GLY C 398 -43.09 -22.82 -13.38
N PHE C 399 -42.08 -22.03 -13.03
CA PHE C 399 -42.29 -20.71 -12.39
C PHE C 399 -41.72 -19.46 -13.10
N PHE C 400 -42.26 -19.17 -14.27
CA PHE C 400 -42.01 -17.94 -14.97
C PHE C 400 -42.88 -16.76 -14.48
N PHE C 401 -42.31 -15.55 -14.63
CA PHE C 401 -42.92 -14.27 -14.29
C PHE C 401 -42.67 -13.27 -15.38
N GLN C 402 -43.65 -12.49 -15.77
CA GLN C 402 -43.50 -11.63 -16.90
C GLN C 402 -42.53 -10.49 -16.65
N PRO C 403 -41.65 -10.19 -17.58
CA PRO C 403 -40.92 -8.90 -17.39
C PRO C 403 -41.92 -7.70 -17.16
N THR C 404 -41.65 -6.80 -16.20
CA THR C 404 -42.65 -5.80 -15.75
C THR C 404 -42.19 -4.35 -15.76
N VAL C 405 -43.02 -3.45 -16.20
CA VAL C 405 -42.69 -2.00 -16.06
C VAL C 405 -43.77 -1.29 -15.26
N PHE C 406 -43.36 -0.57 -14.22
CA PHE C 406 -44.21 0.35 -13.44
C PHE C 406 -43.72 1.79 -13.70
N THR C 407 -44.70 2.70 -13.78
CA THR C 407 -44.44 4.12 -13.96
C THR C 407 -45.25 4.79 -12.91
N ASP C 408 -45.12 6.10 -12.84
CA ASP C 408 -45.86 6.96 -11.91
C ASP C 408 -45.60 6.45 -10.49
N VAL C 409 -44.39 5.94 -10.24
CA VAL C 409 -43.99 5.52 -8.89
C VAL C 409 -43.72 6.75 -8.06
N GLU C 410 -44.23 6.83 -6.84
CA GLU C 410 -43.92 7.98 -5.98
C GLU C 410 -43.15 7.58 -4.73
N ASP C 411 -42.33 8.52 -4.26
CA ASP C 411 -41.34 8.30 -3.18
C ASP C 411 -41.83 7.57 -1.91
N HIS C 412 -43.13 7.67 -1.58
CA HIS C 412 -43.70 7.02 -0.35
C HIS C 412 -44.21 5.58 -0.56
N MET C 413 -44.35 5.16 -1.81
CA MET C 413 -44.93 3.85 -2.12
C MET C 413 -44.06 2.68 -1.61
N TYR C 414 -44.74 1.56 -1.38
CA TYR C 414 -44.10 0.37 -0.94
C TYR C 414 -43.07 -0.15 -2.00
N ILE C 415 -43.43 -0.11 -3.26
CA ILE C 415 -42.54 -0.60 -4.28
C ILE C 415 -41.54 0.44 -4.56
N ALA C 416 -41.64 1.63 -3.98
CA ALA C 416 -40.49 2.57 -4.05
C ALA C 416 -39.46 2.28 -2.96
N LYS C 417 -39.82 1.40 -2.00
CA LYS C 417 -38.98 1.17 -0.84
C LYS C 417 -38.47 -0.22 -0.71
N GLU C 418 -39.32 -1.23 -0.99
CA GLU C 418 -39.00 -2.68 -0.77
C GLU C 418 -38.26 -3.22 -1.99
N GLU C 419 -37.26 -4.03 -1.75
CA GLU C 419 -36.51 -4.74 -2.79
C GLU C 419 -37.41 -5.85 -3.32
N SER C 420 -37.58 -5.95 -4.65
CA SER C 420 -38.41 -7.05 -5.23
C SER C 420 -37.62 -8.30 -5.55
N PHE C 421 -36.39 -8.13 -6.04
CA PHE C 421 -35.61 -9.30 -6.44
C PHE C 421 -36.20 -10.02 -7.63
N GLY C 422 -37.04 -9.31 -8.38
CA GLY C 422 -37.67 -9.85 -9.56
C GLY C 422 -37.45 -8.90 -10.69
N PRO C 423 -38.03 -9.24 -11.85
CA PRO C 423 -37.71 -8.57 -13.06
C PRO C 423 -38.71 -7.44 -13.23
N ILE C 424 -38.57 -6.42 -12.38
CA ILE C 424 -39.58 -5.37 -12.26
C ILE C 424 -38.98 -3.96 -12.32
N MET C 425 -39.17 -3.30 -13.47
CA MET C 425 -38.72 -1.94 -13.68
C MET C 425 -39.69 -0.95 -12.96
N ILE C 426 -39.17 -0.22 -11.98
CA ILE C 426 -39.93 0.74 -11.17
C ILE C 426 -39.44 2.19 -11.44
N ILE C 427 -40.20 2.95 -12.26
CA ILE C 427 -39.70 4.23 -12.81
C ILE C 427 -40.32 5.50 -12.16
N SER C 428 -39.51 6.47 -11.78
CA SER C 428 -40.04 7.76 -11.28
C SER C 428 -39.46 8.89 -12.11
N ARG C 429 -40.25 9.93 -12.41
CA ARG C 429 -39.70 11.05 -13.22
C ARG C 429 -38.90 11.96 -12.26
N PHE C 430 -38.09 12.87 -12.76
CA PHE C 430 -37.54 13.89 -11.89
C PHE C 430 -37.34 15.15 -12.70
N ALA C 431 -37.50 16.31 -12.06
CA ALA C 431 -37.58 17.56 -12.83
C ALA C 431 -36.27 17.96 -13.46
N ASP C 432 -36.39 18.48 -14.67
CA ASP C 432 -35.24 18.92 -15.46
C ASP C 432 -34.33 19.86 -14.66
N GLY C 433 -33.04 19.78 -14.98
CA GLY C 433 -32.03 20.59 -14.29
C GLY C 433 -32.17 20.75 -12.77
N ASP C 434 -32.70 19.72 -12.07
CA ASP C 434 -32.42 19.55 -10.59
C ASP C 434 -31.41 18.41 -10.53
N VAL C 435 -30.56 18.42 -9.49
CA VAL C 435 -29.55 17.38 -9.40
C VAL C 435 -29.52 17.00 -7.93
N ASP C 436 -29.41 17.99 -7.03
CA ASP C 436 -29.34 17.72 -5.61
C ASP C 436 -30.67 17.13 -5.10
N ALA C 437 -31.76 17.51 -5.77
CA ALA C 437 -33.07 17.08 -5.36
C ALA C 437 -33.36 15.65 -5.82
N VAL C 438 -32.84 15.24 -6.98
CA VAL C 438 -32.92 13.82 -7.28
C VAL C 438 -31.97 13.01 -6.39
N LEU C 439 -30.83 13.57 -5.99
CA LEU C 439 -29.95 12.79 -5.06
C LEU C 439 -30.62 12.46 -3.73
N SER C 440 -31.41 13.39 -3.15
CA SER C 440 -32.12 13.07 -1.89
C SER C 440 -33.01 11.93 -2.09
N ARG C 441 -33.79 11.92 -3.17
CA ARG C 441 -34.73 10.84 -3.34
C ARG C 441 -33.96 9.54 -3.46
N ALA C 442 -32.85 9.56 -4.21
CA ALA C 442 -32.03 8.37 -4.46
C ALA C 442 -31.33 7.89 -3.18
N ASN C 443 -31.14 8.84 -2.26
CA ASN C 443 -30.54 8.51 -0.94
C ASN C 443 -31.50 8.24 0.23
N ALA C 444 -32.81 8.45 0.01
N ALA C 444 -32.82 8.42 0.07
CA ALA C 444 -33.85 8.27 1.04
CA ALA C 444 -33.76 8.32 1.23
C ALA C 444 -34.29 6.84 1.12
C ALA C 444 -33.80 6.95 1.91
N THR C 445 -33.33 5.95 1.20
CA THR C 445 -33.55 4.56 1.56
C THR C 445 -32.43 4.26 2.59
N GLU C 446 -32.65 3.21 3.40
CA GLU C 446 -31.70 2.72 4.41
C GLU C 446 -30.82 1.60 3.80
N PHE C 447 -31.19 1.12 2.59
CA PHE C 447 -30.28 0.34 1.72
C PHE C 447 -29.19 1.26 1.22
N GLY C 448 -28.08 0.66 0.78
CA GLY C 448 -27.03 1.39 0.10
C GLY C 448 -25.97 0.49 -0.52
N LEU C 449 -26.43 -0.49 -1.29
CA LEU C 449 -25.51 -1.42 -1.96
C LEU C 449 -24.93 -0.94 -3.27
N ALA C 450 -25.77 -0.46 -4.17
CA ALA C 450 -25.24 -0.01 -5.47
C ALA C 450 -26.06 1.17 -5.91
N SER C 451 -25.77 1.68 -7.11
CA SER C 451 -26.42 2.85 -7.70
C SER C 451 -25.86 3.10 -9.14
N GLY C 452 -26.51 3.93 -9.93
CA GLY C 452 -25.97 4.19 -11.26
C GLY C 452 -26.33 5.56 -11.74
N VAL C 453 -25.52 6.14 -12.62
CA VAL C 453 -25.88 7.36 -13.30
C VAL C 453 -25.57 7.27 -14.79
N PHE C 454 -26.57 7.52 -15.64
CA PHE C 454 -26.29 7.59 -17.08
C PHE C 454 -26.25 9.09 -17.44
N THR C 455 -25.16 9.58 -18.04
CA THR C 455 -25.11 11.01 -18.48
C THR C 455 -23.92 11.28 -19.39
N ARG C 456 -24.05 12.09 -20.44
CA ARG C 456 -22.84 12.41 -21.23
C ARG C 456 -21.99 13.51 -20.58
N ASP C 457 -22.48 14.14 -19.52
CA ASP C 457 -21.84 15.30 -18.92
C ASP C 457 -20.94 14.96 -17.73
N ILE C 458 -19.67 15.11 -17.94
CA ILE C 458 -18.70 14.77 -16.94
C ILE C 458 -18.96 15.39 -15.57
N ASN C 459 -19.34 16.67 -15.55
CA ASN C 459 -19.62 17.33 -14.31
C ASN C 459 -20.73 16.72 -13.44
N LYS C 460 -21.86 16.31 -14.03
CA LYS C 460 -22.86 15.67 -13.19
C LYS C 460 -22.34 14.28 -12.79
N ALA C 461 -21.72 13.57 -13.72
CA ALA C 461 -21.23 12.22 -13.44
C ALA C 461 -20.34 12.26 -12.19
N LEU C 462 -19.32 13.11 -12.21
CA LEU C 462 -18.39 13.10 -11.09
C LEU C 462 -19.07 13.56 -9.84
N TYR C 463 -19.99 14.53 -9.95
CA TYR C 463 -20.63 15.04 -8.77
C TYR C 463 -21.65 14.03 -8.23
N VAL C 464 -22.48 13.41 -9.10
CA VAL C 464 -23.48 12.44 -8.62
C VAL C 464 -22.83 11.19 -8.02
N SER C 465 -21.71 10.72 -8.59
CA SER C 465 -20.88 9.67 -7.97
C SER C 465 -20.46 10.07 -6.55
N ASP C 466 -19.94 11.28 -6.30
CA ASP C 466 -19.64 11.59 -4.86
C ASP C 466 -20.86 11.51 -3.95
N LYS C 467 -21.99 12.02 -4.46
CA LYS C 467 -23.11 12.29 -3.58
C LYS C 467 -23.94 11.08 -3.22
N LEU C 468 -23.85 10.00 -4.02
CA LEU C 468 -24.65 8.80 -3.81
C LEU C 468 -24.14 7.97 -2.66
N GLN C 469 -25.04 7.69 -1.76
CA GLN C 469 -24.72 6.96 -0.57
C GLN C 469 -24.81 5.50 -0.88
N ALA C 470 -23.94 4.99 -1.75
CA ALA C 470 -23.94 3.56 -2.01
C ALA C 470 -22.53 3.04 -2.21
N GLY C 471 -22.36 1.73 -2.01
CA GLY C 471 -21.01 1.18 -2.11
C GLY C 471 -20.49 0.99 -3.52
N THR C 472 -21.36 1.06 -4.53
CA THR C 472 -20.86 0.97 -5.85
C THR C 472 -21.66 1.98 -6.61
N VAL C 473 -20.95 2.82 -7.39
CA VAL C 473 -21.61 3.73 -8.38
C VAL C 473 -21.19 3.37 -9.82
N PHE C 474 -22.11 2.80 -10.60
CA PHE C 474 -21.86 2.62 -12.04
C PHE C 474 -22.10 3.96 -12.78
N ILE C 475 -21.33 4.29 -13.79
CA ILE C 475 -21.49 5.54 -14.52
C ILE C 475 -21.50 5.16 -16.00
N ASN C 476 -22.63 5.39 -16.66
CA ASN C 476 -22.81 4.99 -18.04
C ASN C 476 -22.65 3.51 -18.32
N THR C 477 -23.01 2.69 -17.30
CA THR C 477 -23.03 1.21 -17.42
C THR C 477 -23.79 0.66 -16.20
N TYR C 478 -24.02 -0.63 -16.15
CA TYR C 478 -24.67 -1.18 -14.99
C TYR C 478 -24.37 -2.69 -14.81
N ASN C 479 -24.38 -3.15 -13.56
CA ASN C 479 -23.97 -4.53 -13.27
C ASN C 479 -22.58 -4.88 -13.70
N LYS C 480 -21.67 -3.92 -13.76
CA LYS C 480 -20.34 -4.21 -14.23
C LYS C 480 -19.44 -4.48 -13.05
N THR C 481 -19.60 -5.64 -12.45
CA THR C 481 -18.75 -5.99 -11.32
C THR C 481 -17.58 -6.69 -11.97
N ASP C 482 -16.63 -7.10 -11.15
CA ASP C 482 -15.34 -7.58 -11.62
C ASP C 482 -14.57 -8.09 -10.40
N VAL C 483 -13.78 -9.14 -10.57
CA VAL C 483 -13.31 -9.89 -9.44
C VAL C 483 -12.30 -9.05 -8.68
N ALA C 484 -11.73 -8.05 -9.34
CA ALA C 484 -10.73 -7.22 -8.67
C ALA C 484 -11.39 -5.99 -8.01
N ALA C 485 -12.68 -5.77 -8.25
CA ALA C 485 -13.29 -4.56 -7.74
C ALA C 485 -14.13 -4.85 -6.55
N PRO C 486 -13.83 -4.26 -5.36
CA PRO C 486 -14.57 -4.51 -4.09
C PRO C 486 -16.08 -4.31 -4.20
N PHE C 487 -16.82 -5.28 -3.65
CA PHE C 487 -18.34 -5.31 -3.61
C PHE C 487 -18.87 -5.38 -2.14
N GLY C 488 -19.61 -4.32 -1.72
CA GLY C 488 -20.27 -4.36 -0.41
C GLY C 488 -21.06 -3.12 -0.13
N GLY C 489 -21.72 -3.08 1.03
CA GLY C 489 -22.68 -2.04 1.30
C GLY C 489 -22.36 -1.05 2.38
N PHE C 490 -23.11 0.04 2.35
CA PHE C 490 -23.15 1.04 3.42
C PHE C 490 -24.51 0.93 4.13
N LYS C 491 -24.71 1.66 5.22
CA LYS C 491 -26.05 1.70 5.88
C LYS C 491 -26.61 0.29 6.13
N GLN C 492 -27.86 0.05 5.83
CA GLN C 492 -28.45 -1.20 6.27
C GLN C 492 -28.17 -2.40 5.34
N SER C 493 -27.25 -2.20 4.39
CA SER C 493 -26.99 -3.20 3.40
C SER C 493 -25.90 -4.07 3.96
N GLY C 494 -25.37 -3.64 5.11
CA GLY C 494 -24.33 -4.37 5.82
C GLY C 494 -22.98 -3.72 5.75
N PHE C 495 -21.93 -4.53 5.72
CA PHE C 495 -20.57 -3.98 5.66
C PHE C 495 -19.69 -5.13 5.22
N GLY C 496 -18.39 -4.89 4.99
CA GLY C 496 -17.42 -5.89 4.50
C GLY C 496 -17.38 -5.91 2.98
N LYS C 497 -16.29 -6.40 2.39
CA LYS C 497 -16.25 -6.51 0.91
C LYS C 497 -16.06 -7.94 0.48
N ASP C 498 -16.59 -8.26 -0.70
CA ASP C 498 -16.33 -9.50 -1.43
C ASP C 498 -15.66 -8.96 -2.67
N LEU C 499 -14.71 -9.75 -3.22
CA LEU C 499 -13.93 -9.36 -4.45
C LEU C 499 -12.91 -8.26 -4.17
N GLY C 500 -11.90 -8.07 -4.96
CA GLY C 500 -10.92 -7.03 -4.63
C GLY C 500 -9.89 -7.42 -3.56
N GLU C 501 -8.71 -6.75 -3.58
CA GLU C 501 -7.70 -6.89 -2.50
C GLU C 501 -8.41 -6.69 -1.18
N ALA C 502 -9.31 -5.74 -1.14
CA ALA C 502 -9.90 -5.44 0.13
C ALA C 502 -10.83 -6.56 0.62
N ALA C 503 -11.17 -7.55 -0.19
CA ALA C 503 -11.95 -8.66 0.44
C ALA C 503 -11.07 -9.52 1.41
N LEU C 504 -9.75 -9.50 1.14
CA LEU C 504 -8.83 -10.36 1.83
C LEU C 504 -8.82 -10.00 3.30
N ASN C 505 -9.18 -8.75 3.64
CA ASN C 505 -9.04 -8.33 5.04
C ASN C 505 -10.20 -8.74 5.95
N GLU C 506 -11.37 -9.10 5.40
CA GLU C 506 -12.33 -9.84 6.19
C GLU C 506 -11.75 -11.14 6.74
N TYR C 507 -10.68 -11.66 6.13
CA TYR C 507 -10.30 -12.99 6.46
C TYR C 507 -8.93 -13.06 7.03
N LEU C 508 -8.40 -11.94 7.47
CA LEU C 508 -7.05 -11.97 7.95
C LEU C 508 -7.01 -11.19 9.27
N ARG C 509 -6.08 -11.55 10.17
CA ARG C 509 -5.88 -10.76 11.38
C ARG C 509 -4.47 -10.19 11.38
N ILE C 510 -4.19 -9.08 12.11
CA ILE C 510 -2.78 -8.53 12.13
C ILE C 510 -2.10 -8.67 13.46
N LYS C 511 -0.88 -9.20 13.48
CA LYS C 511 -0.09 -9.38 14.71
C LYS C 511 0.97 -8.30 14.67
N THR C 512 0.95 -7.42 15.66
CA THR C 512 2.08 -6.48 15.77
C THR C 512 3.11 -7.16 16.60
N VAL C 513 4.37 -7.15 16.20
CA VAL C 513 5.43 -7.81 17.01
C VAL C 513 6.47 -6.74 17.20
N THR C 514 6.90 -6.54 18.47
CA THR C 514 7.83 -5.44 18.87
C THR C 514 9.09 -5.91 19.65
N PHE C 515 10.26 -5.70 19.05
CA PHE C 515 11.48 -6.15 19.66
C PHE C 515 12.12 -4.97 20.43
N GLU C 516 12.93 -5.25 21.45
CA GLU C 516 13.88 -4.25 22.01
C GLU C 516 15.24 -4.93 22.00
N TYR C 517 16.27 -4.19 21.61
CA TYR C 517 17.62 -4.78 21.47
C TYR C 517 18.83 -3.84 21.56
N VAL D 20 -19.14 32.27 28.45
CA VAL D 20 -18.29 31.93 29.66
C VAL D 20 -18.60 30.50 30.13
N ILE D 21 -17.63 29.87 30.82
CA ILE D 21 -17.72 28.47 31.22
C ILE D 21 -17.60 28.30 32.74
N ASN D 22 -18.57 27.60 33.33
CA ASN D 22 -18.59 27.22 34.75
C ASN D 22 -17.55 26.20 35.13
N TYR D 23 -16.61 26.58 35.99
CA TYR D 23 -15.52 25.69 36.39
C TYR D 23 -15.55 25.23 37.84
N VAL D 24 -14.88 24.11 38.12
CA VAL D 24 -14.54 23.80 39.50
C VAL D 24 -13.07 24.20 39.64
N GLU D 25 -12.78 25.07 40.62
CA GLU D 25 -11.42 25.62 40.82
C GLU D 25 -10.78 24.89 41.95
N LYS D 26 -9.51 24.53 41.80
CA LYS D 26 -8.90 23.72 42.82
C LYS D 26 -7.42 24.01 42.80
N ALA D 27 -6.90 24.46 43.93
CA ALA D 27 -5.47 24.77 44.06
C ALA D 27 -4.80 23.52 44.53
N VAL D 28 -3.84 23.04 43.74
CA VAL D 28 -3.21 21.76 44.02
C VAL D 28 -2.06 21.54 43.10
N ASN D 29 -1.00 20.92 43.61
CA ASN D 29 0.22 20.64 42.80
C ASN D 29 0.87 21.91 42.28
N LYS D 30 0.48 23.04 42.87
CA LYS D 30 1.03 24.39 42.59
C LYS D 30 0.38 25.02 41.36
N LEU D 31 -0.81 24.57 41.04
CA LEU D 31 -1.54 25.15 39.94
C LEU D 31 -2.88 25.52 40.44
N THR D 32 -3.64 26.19 39.59
CA THR D 32 -5.02 26.46 39.88
C THR D 32 -5.85 25.78 38.79
N LEU D 33 -6.35 24.59 39.11
CA LEU D 33 -7.15 23.81 38.19
C LEU D 33 -8.44 24.54 37.82
N GLN D 34 -8.79 24.55 36.53
CA GLN D 34 -10.13 24.97 36.11
C GLN D 34 -10.85 23.86 35.31
N MET D 35 -11.74 23.15 35.97
CA MET D 35 -12.30 21.90 35.47
C MET D 35 -13.72 22.06 35.07
N PRO D 36 -14.06 21.91 33.76
CA PRO D 36 -15.48 21.82 33.45
C PRO D 36 -16.06 20.56 34.10
N TYR D 37 -17.41 20.54 34.22
CA TYR D 37 -18.15 19.46 34.88
C TYR D 37 -19.52 19.08 34.25
N GLN D 38 -19.91 19.72 33.13
CA GLN D 38 -21.26 19.48 32.51
C GLN D 38 -21.18 18.66 31.22
N LEU D 39 -22.34 18.30 30.65
CA LEU D 39 -22.42 17.79 29.25
C LEU D 39 -21.75 18.76 28.26
N PHE D 40 -20.94 18.24 27.33
CA PHE D 40 -20.43 19.04 26.20
C PHE D 40 -21.21 18.60 24.94
N ILE D 41 -21.93 19.53 24.35
CA ILE D 41 -22.86 19.23 23.25
C ILE D 41 -22.97 20.48 22.39
N GLY D 42 -22.72 20.32 21.09
CA GLY D 42 -22.85 21.41 20.12
C GLY D 42 -21.92 22.55 20.45
N GLY D 43 -20.68 22.22 20.84
CA GLY D 43 -19.68 23.20 21.26
C GLY D 43 -19.96 24.04 22.51
N GLU D 44 -20.96 23.67 23.31
CA GLU D 44 -21.27 24.46 24.52
C GLU D 44 -21.48 23.51 25.73
N PHE D 45 -20.88 23.81 26.90
CA PHE D 45 -21.16 23.02 28.11
C PHE D 45 -22.59 23.35 28.62
N VAL D 46 -23.42 22.32 28.77
CA VAL D 46 -24.79 22.50 29.26
C VAL D 46 -25.08 21.48 30.32
N ASP D 47 -26.05 21.79 31.21
CA ASP D 47 -26.49 20.85 32.24
C ASP D 47 -27.26 19.73 31.56
N ALA D 48 -27.37 18.59 32.25
CA ALA D 48 -28.17 17.45 31.74
C ALA D 48 -29.67 17.64 31.97
N GLU D 49 -30.51 16.92 31.22
CA GLU D 49 -31.98 16.93 31.47
C GLU D 49 -32.24 16.87 33.00
N GLY D 50 -33.09 17.81 33.45
CA GLY D 50 -33.53 17.91 34.84
C GLY D 50 -32.39 18.21 35.81
N SER D 51 -31.27 18.70 35.28
CA SER D 51 -30.09 19.04 36.10
C SER D 51 -29.47 17.98 36.95
N LYS D 52 -29.69 16.72 36.59
CA LYS D 52 -29.13 15.56 37.30
C LYS D 52 -27.60 15.49 37.39
N THR D 53 -27.08 14.95 38.50
CA THR D 53 -25.61 14.94 38.70
C THR D 53 -25.11 13.74 39.52
N TYR D 54 -23.83 13.46 39.49
CA TYR D 54 -23.38 12.38 40.33
C TYR D 54 -22.04 12.87 40.82
N ASN D 55 -21.40 12.13 41.74
CA ASN D 55 -20.15 12.59 42.33
C ASN D 55 -18.98 11.82 41.80
N THR D 56 -17.85 12.48 41.67
CA THR D 56 -16.66 11.79 41.28
C THR D 56 -15.60 11.78 42.44
N ILE D 57 -15.04 10.62 42.73
CA ILE D 57 -14.38 10.42 44.01
C ILE D 57 -12.85 10.44 43.83
N ASN D 58 -12.10 11.19 44.64
CA ASN D 58 -10.63 11.15 44.57
C ASN D 58 -10.16 9.79 45.16
N PRO D 59 -9.53 8.91 44.36
CA PRO D 59 -9.12 7.64 45.00
C PRO D 59 -7.99 7.71 46.08
N THR D 60 -7.25 8.82 46.20
CA THR D 60 -6.19 8.93 47.20
C THR D 60 -6.74 9.05 48.60
N ASP D 61 -8.01 9.46 48.71
CA ASP D 61 -8.58 9.77 50.03
C ASP D 61 -10.08 9.58 50.10
N GLY D 62 -10.71 9.27 48.98
CA GLY D 62 -12.12 8.89 49.04
C GLY D 62 -13.11 10.04 49.05
N SER D 63 -12.62 11.26 48.89
CA SER D 63 -13.46 12.44 48.94
C SER D 63 -14.07 12.82 47.61
N VAL D 64 -14.93 13.81 47.66
CA VAL D 64 -15.65 14.15 46.49
C VAL D 64 -14.93 15.35 45.88
N ILE D 65 -14.23 15.10 44.78
CA ILE D 65 -13.76 16.17 43.95
C ILE D 65 -14.90 17.12 43.57
N CYS D 66 -16.04 16.56 43.10
CA CYS D 66 -17.16 17.42 42.65
C CYS D 66 -18.33 16.69 42.04
N GLN D 67 -19.42 17.42 41.78
CA GLN D 67 -20.58 16.87 41.07
C GLN D 67 -20.27 17.04 39.58
N VAL D 68 -20.80 16.13 38.77
CA VAL D 68 -20.61 16.14 37.32
C VAL D 68 -21.96 15.87 36.71
N SER D 69 -22.25 16.47 35.57
CA SER D 69 -23.53 16.24 34.89
C SER D 69 -23.82 14.74 34.59
N LEU D 70 -25.10 14.35 34.62
CA LEU D 70 -25.47 12.96 34.40
C LEU D 70 -26.33 12.76 33.15
N ALA D 71 -25.67 12.55 32.00
CA ALA D 71 -26.39 12.48 30.73
C ALA D 71 -27.64 11.58 30.75
N GLN D 72 -28.73 12.04 30.21
CA GLN D 72 -29.93 11.21 30.08
C GLN D 72 -30.27 10.90 28.60
N VAL D 73 -31.28 10.09 28.36
CA VAL D 73 -31.58 9.70 26.97
C VAL D 73 -31.70 10.89 25.98
N SER D 74 -32.52 11.89 26.34
CA SER D 74 -32.71 13.05 25.48
C SER D 74 -31.39 13.82 25.16
N ASP D 75 -30.46 13.83 26.10
CA ASP D 75 -29.10 14.30 25.90
C ASP D 75 -28.28 13.50 24.89
N VAL D 76 -28.28 12.18 25.00
CA VAL D 76 -27.72 11.34 23.94
C VAL D 76 -28.28 11.77 22.54
N ASP D 77 -29.59 11.85 22.37
CA ASP D 77 -30.17 12.28 21.09
C ASP D 77 -29.71 13.70 20.73
N LYS D 78 -29.61 14.59 21.69
CA LYS D 78 -29.15 15.94 21.38
C LYS D 78 -27.74 15.88 20.89
N ALA D 79 -26.92 15.01 21.52
CA ALA D 79 -25.50 14.97 21.11
C ALA D 79 -25.32 14.35 19.72
N VAL D 80 -26.03 13.25 19.47
CA VAL D 80 -26.05 12.65 18.16
C VAL D 80 -26.50 13.69 17.13
N ALA D 81 -27.63 14.38 17.39
CA ALA D 81 -28.25 15.37 16.48
C ALA D 81 -27.28 16.53 16.17
N ALA D 82 -26.48 16.91 17.17
CA ALA D 82 -25.40 17.84 16.91
C ALA D 82 -24.31 17.23 16.01
N ALA D 83 -23.90 16.00 16.27
CA ALA D 83 -22.84 15.43 15.45
C ALA D 83 -23.32 15.24 14.00
N LYS D 84 -24.56 14.80 13.84
CA LYS D 84 -25.07 14.67 12.52
C LYS D 84 -25.06 15.97 11.72
N GLU D 85 -25.49 17.08 12.31
CA GLU D 85 -25.55 18.36 11.63
C GLU D 85 -24.13 18.81 11.29
N ALA D 86 -23.21 18.67 12.23
CA ALA D 86 -21.82 19.03 11.96
C ALA D 86 -21.12 18.20 10.86
N PHE D 87 -21.44 16.90 10.77
CA PHE D 87 -20.92 16.10 9.69
C PHE D 87 -21.57 16.56 8.38
N GLU D 88 -22.90 16.50 8.32
CA GLU D 88 -23.67 16.85 7.09
C GLU D 88 -23.63 18.28 6.55
N ASN D 89 -23.73 19.31 7.41
CA ASN D 89 -23.78 20.67 6.92
C ASN D 89 -22.67 21.63 7.39
N GLY D 90 -21.97 21.29 8.46
CA GLY D 90 -20.93 22.19 8.99
C GLY D 90 -19.52 22.13 8.39
N LEU D 91 -18.73 23.16 8.68
CA LEU D 91 -17.37 23.25 8.15
C LEU D 91 -16.56 21.95 8.06
N TRP D 92 -16.67 21.07 9.05
CA TRP D 92 -15.81 19.89 9.14
C TRP D 92 -15.94 18.94 7.95
N GLY D 93 -17.15 18.83 7.43
CA GLY D 93 -17.38 17.98 6.30
C GLY D 93 -17.13 18.69 4.99
N LYS D 94 -16.76 19.97 5.03
CA LYS D 94 -16.58 20.77 3.80
C LYS D 94 -15.12 21.14 3.61
N ILE D 95 -14.30 21.24 4.67
CA ILE D 95 -12.90 21.71 4.51
C ILE D 95 -12.02 20.66 3.84
N ASN D 96 -10.86 21.03 3.33
CA ASN D 96 -9.88 20.04 2.86
C ASN D 96 -9.40 19.10 3.92
N ALA D 97 -9.14 17.85 3.51
CA ALA D 97 -8.50 16.89 4.38
C ALA D 97 -7.27 17.56 4.97
N ARG D 98 -6.52 18.31 4.16
CA ARG D 98 -5.26 18.95 4.62
C ARG D 98 -5.45 19.89 5.81
N ASP D 99 -6.62 20.55 5.84
CA ASP D 99 -6.83 21.60 6.75
C ASP D 99 -7.39 21.07 7.99
N ARG D 100 -8.27 20.09 7.84
CA ARG D 100 -8.62 19.23 8.96
C ARG D 100 -7.36 18.65 9.70
N GLY D 101 -6.29 18.30 8.98
CA GLY D 101 -5.01 18.00 9.61
C GLY D 101 -4.53 19.12 10.54
N ARG D 102 -4.57 20.35 10.05
CA ARG D 102 -4.02 21.49 10.78
C ARG D 102 -4.80 21.68 12.05
N LEU D 103 -6.11 21.46 12.00
CA LEU D 103 -6.92 21.64 13.22
C LEU D 103 -6.53 20.63 14.30
N LEU D 104 -6.36 19.37 13.89
CA LEU D 104 -5.84 18.35 14.80
C LEU D 104 -4.40 18.62 15.26
N TYR D 105 -3.46 19.12 14.40
CA TYR D 105 -2.12 19.40 14.97
C TYR D 105 -2.27 20.53 16.01
C TYR D 105 -2.22 20.57 15.97
N ARG D 106 -3.20 21.45 15.75
CA ARG D 106 -3.44 22.59 16.61
C ARG D 106 -3.95 22.13 17.96
N LEU D 107 -4.98 21.27 17.97
CA LEU D 107 -5.47 20.62 19.19
C LEU D 107 -4.33 19.98 19.99
N ALA D 108 -3.40 19.33 19.30
CA ALA D 108 -2.28 18.75 19.99
C ALA D 108 -1.47 19.88 20.64
N ASP D 109 -1.21 21.00 19.97
CA ASP D 109 -0.39 22.02 20.63
C ASP D 109 -1.11 22.60 21.86
N VAL D 110 -2.45 22.77 21.79
CA VAL D 110 -3.25 23.25 22.92
C VAL D 110 -3.14 22.26 24.11
N MET D 111 -3.32 20.96 23.86
CA MET D 111 -3.11 19.98 24.92
C MET D 111 -1.68 20.13 25.48
N GLU D 112 -0.66 20.32 24.62
CA GLU D 112 0.71 20.51 25.11
C GLU D 112 0.78 21.71 26.07
N GLN D 113 0.24 22.85 25.65
CA GLN D 113 0.14 24.02 26.51
C GLN D 113 -0.59 23.78 27.85
N HIS D 114 -1.62 22.93 27.91
CA HIS D 114 -2.23 22.62 29.21
C HIS D 114 -1.72 21.30 29.81
N GLN D 115 -0.53 20.86 29.46
CA GLN D 115 -0.06 19.54 29.84
C GLN D 115 0.08 19.33 31.34
N GLU D 116 0.66 20.32 32.06
CA GLU D 116 0.81 20.19 33.55
C GLU D 116 -0.54 20.09 34.22
N GLU D 117 -1.50 20.81 33.67
CA GLU D 117 -2.84 20.79 34.22
C GLU D 117 -3.62 19.51 33.91
N LEU D 118 -3.38 18.93 32.74
CA LEU D 118 -4.12 17.75 32.41
C LEU D 118 -3.55 16.64 33.23
N ALA D 119 -2.22 16.65 33.46
CA ALA D 119 -1.57 15.51 34.20
C ALA D 119 -2.20 15.45 35.58
N THR D 120 -2.53 16.65 36.10
CA THR D 120 -2.95 16.84 37.48
C THR D 120 -4.41 16.49 37.67
N ILE D 121 -5.25 16.91 36.74
CA ILE D 121 -6.63 16.37 36.76
C ILE D 121 -6.56 14.83 36.75
N GLU D 122 -5.65 14.26 35.97
CA GLU D 122 -5.61 12.79 35.86
C GLU D 122 -5.18 12.13 37.17
N ALA D 123 -4.13 12.70 37.79
CA ALA D 123 -3.87 12.44 39.22
C ALA D 123 -5.18 12.48 40.08
N LEU D 124 -5.88 13.61 40.25
CA LEU D 124 -7.07 13.52 41.14
C LEU D 124 -8.11 12.56 40.67
N ASP D 125 -8.36 12.47 39.35
CA ASP D 125 -9.58 11.73 38.88
C ASP D 125 -9.38 10.24 38.81
N ALA D 126 -8.19 9.80 38.45
CA ALA D 126 -7.98 8.41 38.13
C ALA D 126 -6.87 7.83 39.01
N GLY D 127 -6.29 8.70 39.83
CA GLY D 127 -5.25 8.27 40.71
C GLY D 127 -4.01 7.94 39.90
N ALA D 128 -3.74 8.64 38.82
CA ALA D 128 -2.57 8.32 37.97
C ALA D 128 -1.38 9.02 38.60
N VAL D 129 -0.26 8.34 38.82
CA VAL D 129 0.88 9.01 39.49
C VAL D 129 1.31 10.15 38.62
N TYR D 130 1.55 11.32 39.20
CA TYR D 130 1.72 12.55 38.43
C TYR D 130 2.77 12.38 37.39
N THR D 131 4.00 12.07 37.81
CA THR D 131 5.12 11.95 36.85
C THR D 131 4.83 11.04 35.65
N LEU D 132 3.94 10.05 35.82
CA LEU D 132 3.56 9.13 34.77
C LEU D 132 2.47 9.79 33.96
N ALA D 133 1.40 10.26 34.62
CA ALA D 133 0.29 11.00 33.95
C ALA D 133 0.86 12.01 32.98
N LEU D 134 1.94 12.68 33.36
CA LEU D 134 2.58 13.69 32.51
C LEU D 134 3.31 13.10 31.36
N LYS D 135 4.34 12.27 31.61
CA LYS D 135 5.10 11.56 30.54
C LYS D 135 4.20 10.66 29.61
N THR D 136 3.25 9.90 30.19
CA THR D 136 2.50 8.87 29.47
C THR D 136 0.99 9.17 29.15
N HIS D 137 0.10 9.24 30.16
CA HIS D 137 -1.34 9.57 29.86
C HIS D 137 -1.43 10.81 28.96
N VAL D 138 -0.62 11.82 29.27
CA VAL D 138 -0.79 13.11 28.61
C VAL D 138 0.06 13.11 27.35
N GLY D 139 1.38 13.12 27.55
CA GLY D 139 2.38 12.67 26.55
C GLY D 139 1.97 11.90 25.30
N MET D 140 1.68 10.62 25.45
CA MET D 140 1.09 9.83 24.36
C MET D 140 -0.20 10.48 23.82
N SER D 141 -1.09 10.96 24.66
CA SER D 141 -2.27 11.60 24.08
C SER D 141 -1.91 12.68 23.04
N ILE D 142 -0.79 13.40 23.28
CA ILE D 142 -0.36 14.46 22.37
C ILE D 142 0.20 13.88 21.10
N GLN D 143 1.16 12.98 21.23
CA GLN D 143 1.62 12.20 20.08
C GLN D 143 0.44 11.64 19.31
N THR D 144 -0.62 11.22 19.98
CA THR D 144 -1.65 10.52 19.24
C THR D 144 -2.32 11.44 18.21
N PHE D 145 -2.53 12.71 18.60
CA PHE D 145 -3.15 13.73 17.73
C PHE D 145 -2.18 14.23 16.72
N ARG D 146 -0.94 14.47 17.13
CA ARG D 146 0.08 14.74 16.11
C ARG D 146 0.22 13.65 15.06
N TYR D 147 0.29 12.39 15.48
CA TYR D 147 0.48 11.32 14.51
C TYR D 147 -0.67 11.28 13.53
N PHE D 148 -1.92 11.07 14.01
CA PHE D 148 -3.13 11.08 13.15
C PHE D 148 -3.43 12.32 12.36
N ALA D 149 -3.03 13.50 12.83
CA ALA D 149 -3.17 14.73 12.02
C ALA D 149 -2.43 14.57 10.67
N GLY D 150 -1.25 13.97 10.80
CA GLY D 150 -0.51 13.44 9.71
C GLY D 150 -1.26 12.67 8.61
N TRP D 151 -2.33 11.92 8.95
CA TRP D 151 -2.86 10.94 8.00
C TRP D 151 -3.87 11.56 7.11
N CYS D 152 -4.43 12.66 7.56
CA CYS D 152 -5.61 13.26 6.97
C CYS D 152 -5.56 13.33 5.49
N ASP D 153 -4.44 13.86 4.98
CA ASP D 153 -4.30 13.93 3.54
C ASP D 153 -3.41 12.84 2.92
N LYS D 154 -3.15 11.76 3.66
CA LYS D 154 -2.42 10.62 3.09
C LYS D 154 -3.34 9.39 3.00
N ILE D 155 -4.66 9.65 3.09
CA ILE D 155 -5.66 8.61 2.99
C ILE D 155 -6.16 8.50 1.54
N GLN D 156 -5.71 7.43 0.89
CA GLN D 156 -5.88 7.25 -0.55
C GLN D 156 -6.77 6.03 -0.95
N GLY D 157 -7.40 6.07 -2.11
CA GLY D 157 -8.18 4.90 -2.62
C GLY D 157 -7.32 4.37 -3.74
N ALA D 158 -7.96 3.84 -4.80
CA ALA D 158 -7.23 3.07 -5.79
C ALA D 158 -7.69 3.23 -7.19
N THR D 159 -6.81 2.94 -8.14
CA THR D 159 -7.27 2.72 -9.51
C THR D 159 -6.93 1.27 -9.94
N ILE D 160 -7.89 0.59 -10.59
CA ILE D 160 -7.91 -0.89 -10.63
C ILE D 160 -8.13 -1.42 -12.03
N PRO D 161 -7.39 -2.45 -12.39
CA PRO D 161 -7.44 -2.72 -13.85
C PRO D 161 -8.51 -3.77 -14.24
N ILE D 162 -9.77 -3.41 -14.19
CA ILE D 162 -10.84 -4.42 -14.43
C ILE D 162 -10.84 -4.86 -15.94
N ASN D 163 -11.36 -6.05 -16.25
CA ASN D 163 -11.69 -6.43 -17.66
C ASN D 163 -12.52 -5.43 -18.47
N GLN D 164 -11.98 -5.02 -19.62
CA GLN D 164 -12.67 -4.05 -20.49
C GLN D 164 -13.79 -4.72 -21.24
N ALA D 165 -14.94 -4.07 -21.19
CA ALA D 165 -16.16 -4.42 -21.87
C ALA D 165 -16.04 -4.03 -23.36
N ARG D 166 -15.26 -4.82 -24.11
CA ARG D 166 -14.95 -4.42 -25.50
C ARG D 166 -16.21 -4.50 -26.33
N PRO D 167 -16.34 -3.61 -27.34
CA PRO D 167 -15.28 -2.66 -27.83
C PRO D 167 -15.17 -1.36 -27.03
N ASN D 168 -15.69 -1.28 -25.79
CA ASN D 168 -15.53 -0.04 -25.07
C ASN D 168 -14.48 -0.14 -23.99
N ARG D 169 -14.38 0.87 -23.15
CA ARG D 169 -13.34 0.91 -22.14
C ARG D 169 -13.97 1.09 -20.77
N ASN D 170 -13.34 0.55 -19.73
CA ASN D 170 -13.79 0.82 -18.34
C ASN D 170 -12.65 1.44 -17.52
N LEU D 171 -13.07 2.32 -16.61
CA LEU D 171 -12.20 2.88 -15.58
C LEU D 171 -12.85 2.52 -14.24
N THR D 172 -12.04 1.96 -13.29
CA THR D 172 -12.55 1.67 -11.96
C THR D 172 -11.69 2.25 -10.89
N LEU D 173 -12.25 3.03 -9.98
CA LEU D 173 -11.48 3.61 -8.89
C LEU D 173 -12.22 3.42 -7.58
N THR D 174 -11.50 3.55 -6.47
CA THR D 174 -12.18 3.58 -5.17
C THR D 174 -11.87 4.87 -4.46
N LYS D 175 -12.87 5.41 -3.75
CA LYS D 175 -12.79 6.59 -2.90
C LYS D 175 -12.99 6.13 -1.46
C LYS D 175 -12.99 6.14 -1.46
N LYS D 176 -12.04 6.46 -0.57
CA LYS D 176 -12.23 6.22 0.87
C LYS D 176 -13.07 7.39 1.38
N GLU D 177 -14.20 7.12 2.02
CA GLU D 177 -15.08 8.20 2.51
C GLU D 177 -15.25 8.07 4.06
N PRO D 178 -15.66 9.15 4.79
CA PRO D 178 -15.91 8.89 6.23
C PRO D 178 -17.09 7.97 6.41
N VAL D 179 -17.15 7.29 7.55
CA VAL D 179 -18.39 6.58 7.90
C VAL D 179 -19.50 7.49 8.38
N GLY D 180 -19.18 8.56 9.08
CA GLY D 180 -20.22 9.49 9.56
C GLY D 180 -20.24 9.68 11.09
N VAL D 181 -21.43 9.66 11.69
CA VAL D 181 -21.55 9.81 13.17
C VAL D 181 -21.08 8.53 13.91
N CYS D 182 -20.12 8.66 14.84
CA CYS D 182 -19.57 7.52 15.57
C CYS D 182 -19.87 7.74 17.06
N GLY D 183 -20.06 6.67 17.83
CA GLY D 183 -20.06 6.75 19.30
C GLY D 183 -18.79 6.01 19.77
N ILE D 184 -18.01 6.60 20.69
CA ILE D 184 -16.89 5.82 21.21
C ILE D 184 -17.08 5.69 22.73
N VAL D 185 -16.95 4.50 23.27
CA VAL D 185 -17.16 4.34 24.69
C VAL D 185 -15.75 4.18 25.32
N ILE D 186 -15.31 5.13 26.17
CA ILE D 186 -13.91 5.07 26.75
C ILE D 186 -13.81 4.42 28.15
N PRO D 187 -12.75 3.62 28.34
CA PRO D 187 -12.46 2.94 29.65
C PRO D 187 -11.89 3.92 30.69
N TRP D 188 -11.77 3.47 31.95
CA TRP D 188 -11.26 4.34 33.02
C TRP D 188 -9.78 4.23 33.32
N ASN D 189 -9.08 3.28 32.68
CA ASN D 189 -7.71 3.04 33.06
C ASN D 189 -6.73 4.15 32.73
N TYR D 190 -6.73 4.66 31.50
CA TYR D 190 -6.03 5.92 31.15
C TYR D 190 -7.08 6.73 30.43
N PRO D 191 -7.80 7.60 31.18
CA PRO D 191 -8.96 8.18 30.55
C PRO D 191 -8.63 9.07 29.36
N LEU D 192 -7.67 9.99 29.51
CA LEU D 192 -7.45 10.95 28.42
C LEU D 192 -6.90 10.21 27.24
N MET D 193 -5.85 9.40 27.50
CA MET D 193 -5.13 8.66 26.50
C MET D 193 -6.09 7.80 25.66
N MET D 194 -6.89 6.93 26.29
CA MET D 194 -7.73 6.07 25.49
C MET D 194 -8.78 6.87 24.73
N LEU D 195 -9.27 7.99 25.28
CA LEU D 195 -10.10 8.89 24.53
C LEU D 195 -9.39 9.37 23.28
N SER D 196 -8.18 9.89 23.49
CA SER D 196 -7.30 10.35 22.41
C SER D 196 -7.10 9.24 21.34
N TRP D 197 -6.65 8.06 21.76
CA TRP D 197 -6.61 6.91 20.85
C TRP D 197 -7.81 6.80 19.87
N LYS D 198 -9.03 6.73 20.36
CA LYS D 198 -10.12 6.47 19.51
C LYS D 198 -10.60 7.75 18.86
N THR D 199 -10.57 8.87 19.58
CA THR D 199 -11.03 10.14 18.99
C THR D 199 -10.19 10.58 17.79
N ALA D 200 -8.86 10.51 17.97
CA ALA D 200 -7.96 11.09 17.00
C ALA D 200 -8.11 10.33 15.67
N ALA D 201 -8.18 9.02 15.69
CA ALA D 201 -8.33 8.34 14.42
C ALA D 201 -9.69 8.71 13.75
N CYS D 202 -10.73 8.81 14.58
CA CYS D 202 -12.13 9.00 14.15
C CYS D 202 -12.25 10.34 13.42
N LEU D 203 -11.67 11.36 14.08
CA LEU D 203 -11.68 12.69 13.52
C LEU D 203 -10.79 12.77 12.25
N ALA D 204 -9.55 12.25 12.30
CA ALA D 204 -8.66 12.21 11.14
C ALA D 204 -9.30 11.68 9.85
N ALA D 205 -10.17 10.65 9.97
CA ALA D 205 -10.90 10.10 8.86
C ALA D 205 -12.08 10.91 8.48
N GLY D 206 -12.36 12.01 9.17
CA GLY D 206 -13.43 12.96 8.75
C GLY D 206 -14.77 12.73 9.43
N ASN D 207 -14.77 11.88 10.45
CA ASN D 207 -16.00 11.65 11.18
C ASN D 207 -16.24 12.72 12.24
N THR D 208 -17.48 12.76 12.74
CA THR D 208 -17.79 13.49 13.94
C THR D 208 -18.16 12.45 15.00
N VAL D 209 -18.31 12.93 16.23
CA VAL D 209 -18.27 11.97 17.34
C VAL D 209 -19.10 12.31 18.62
N VAL D 210 -19.69 11.31 19.20
CA VAL D 210 -20.23 11.44 20.53
C VAL D 210 -19.34 10.49 21.43
N ILE D 211 -18.78 11.08 22.46
CA ILE D 211 -17.84 10.39 23.29
C ILE D 211 -18.47 10.03 24.66
N LYS D 212 -18.26 8.80 25.11
CA LYS D 212 -18.81 8.40 26.41
C LYS D 212 -17.64 8.02 27.30
N PRO D 213 -17.22 8.90 28.22
CA PRO D 213 -16.11 8.46 29.09
C PRO D 213 -16.75 7.68 30.21
N ALA D 214 -15.91 7.00 30.99
CA ALA D 214 -16.33 6.13 32.08
C ALA D 214 -16.95 6.95 33.19
N GLN D 215 -18.10 6.48 33.70
CA GLN D 215 -18.78 7.15 34.82
C GLN D 215 -17.78 7.64 35.89
N VAL D 216 -16.83 6.76 36.25
CA VAL D 216 -15.81 7.05 37.26
C VAL D 216 -14.59 7.90 36.87
N THR D 217 -14.51 8.41 35.63
CA THR D 217 -13.36 9.23 35.18
C THR D 217 -13.76 10.29 34.12
N PRO D 218 -14.66 11.21 34.48
CA PRO D 218 -15.13 12.17 33.53
C PRO D 218 -14.27 13.39 33.36
N LEU D 219 -13.24 13.59 34.19
CA LEU D 219 -12.72 14.94 34.22
C LEU D 219 -11.87 15.33 33.05
N THR D 220 -10.82 14.55 32.77
CA THR D 220 -9.92 14.90 31.67
C THR D 220 -10.68 14.93 30.34
N ALA D 221 -11.66 14.04 30.16
CA ALA D 221 -12.50 14.18 28.99
C ALA D 221 -13.13 15.61 28.89
N LEU D 222 -13.73 16.09 29.97
CA LEU D 222 -14.41 17.40 29.94
C LEU D 222 -13.47 18.55 29.74
N LYS D 223 -12.30 18.50 30.36
CA LYS D 223 -11.31 19.51 30.05
C LYS D 223 -10.86 19.45 28.58
N PHE D 224 -10.72 18.24 28.02
CA PHE D 224 -10.37 18.04 26.62
C PHE D 224 -11.44 18.72 25.78
N ALA D 225 -12.70 18.52 26.15
CA ALA D 225 -13.80 19.19 25.44
C ALA D 225 -13.55 20.71 25.44
N GLU D 226 -13.01 21.24 26.51
CA GLU D 226 -12.81 22.65 26.47
C GLU D 226 -11.67 22.94 25.51
N LEU D 227 -10.60 22.15 25.54
CA LEU D 227 -9.46 22.48 24.68
C LEU D 227 -9.73 22.43 23.17
N THR D 228 -10.76 21.66 22.80
CA THR D 228 -11.12 21.62 21.42
C THR D 228 -11.67 23.01 21.00
N LEU D 229 -12.47 23.64 21.89
CA LEU D 229 -12.81 25.07 21.74
C LEU D 229 -11.55 25.94 21.50
N LYS D 230 -10.51 25.80 22.31
CA LYS D 230 -9.34 26.65 22.09
C LYS D 230 -8.74 26.38 20.74
N ALA D 231 -8.73 25.11 20.30
CA ALA D 231 -8.13 24.72 19.00
C ALA D 231 -8.92 25.16 17.74
N GLY D 232 -10.18 25.56 17.88
CA GLY D 232 -10.98 25.93 16.72
C GLY D 232 -11.66 24.73 16.09
N ILE D 233 -11.95 23.69 16.83
CA ILE D 233 -12.55 22.56 16.19
C ILE D 233 -13.97 23.02 15.99
N PRO D 234 -14.56 22.85 14.81
CA PRO D 234 -15.97 23.34 14.73
C PRO D 234 -16.89 22.78 15.79
N LYS D 235 -17.91 23.56 16.15
CA LYS D 235 -18.93 23.10 17.12
C LYS D 235 -19.58 21.81 16.57
N GLY D 236 -19.92 20.84 17.44
CA GLY D 236 -20.65 19.63 17.01
C GLY D 236 -19.79 18.41 16.63
N VAL D 237 -18.52 18.67 16.33
CA VAL D 237 -17.62 17.63 15.92
C VAL D 237 -17.26 16.72 17.13
N VAL D 238 -17.06 17.33 18.29
CA VAL D 238 -16.80 16.62 19.51
C VAL D 238 -17.92 16.89 20.48
N ASN D 239 -18.38 15.86 21.14
CA ASN D 239 -19.47 15.99 22.07
C ASN D 239 -19.25 14.96 23.14
N ILE D 240 -19.32 15.35 24.40
CA ILE D 240 -19.05 14.38 25.45
C ILE D 240 -20.15 14.21 26.47
N LEU D 241 -20.54 12.97 26.74
CA LEU D 241 -21.63 12.68 27.64
C LEU D 241 -21.31 11.82 28.88
N PRO D 242 -20.75 12.40 29.97
CA PRO D 242 -20.52 11.72 31.26
C PRO D 242 -21.79 11.10 31.81
N GLY D 243 -21.69 10.01 32.55
CA GLY D 243 -22.90 9.35 32.99
C GLY D 243 -22.79 7.85 33.09
N SER D 244 -23.92 7.21 33.43
CA SER D 244 -23.99 5.75 33.48
C SER D 244 -23.60 5.22 32.09
N GLY D 245 -22.52 4.41 32.06
CA GLY D 245 -22.18 3.69 30.86
C GLY D 245 -23.36 2.94 30.25
N SER D 246 -24.22 2.34 31.05
CA SER D 246 -25.17 1.48 30.38
C SER D 246 -26.33 2.25 29.77
N LEU D 247 -26.59 3.46 30.22
CA LEU D 247 -27.60 4.30 29.52
C LEU D 247 -27.09 4.98 28.21
N VAL D 248 -25.99 5.75 28.29
CA VAL D 248 -25.42 6.35 27.09
C VAL D 248 -25.05 5.25 26.10
N GLY D 249 -24.25 4.29 26.58
CA GLY D 249 -23.79 3.17 25.77
C GLY D 249 -24.93 2.50 25.04
N GLN D 250 -26.00 2.21 25.79
CA GLN D 250 -27.15 1.58 25.21
C GLN D 250 -27.71 2.42 24.07
N ARG D 251 -28.05 3.66 24.37
CA ARG D 251 -28.71 4.51 23.44
C ARG D 251 -27.87 4.79 22.18
N LEU D 252 -26.60 5.19 22.34
CA LEU D 252 -25.70 5.33 21.19
C LEU D 252 -25.76 4.08 20.32
N SER D 253 -25.59 2.91 20.92
CA SER D 253 -25.57 1.75 20.05
C SER D 253 -26.94 1.38 19.43
N ASP D 254 -28.06 1.88 19.97
CA ASP D 254 -29.41 1.75 19.35
C ASP D 254 -29.73 2.80 18.29
N HIS D 255 -29.09 3.96 18.39
CA HIS D 255 -29.53 5.12 17.65
C HIS D 255 -29.44 4.91 16.11
N PRO D 256 -30.49 5.31 15.36
CA PRO D 256 -30.48 5.03 13.94
C PRO D 256 -29.57 5.95 13.14
N ASP D 257 -29.03 7.01 13.74
CA ASP D 257 -28.13 7.88 12.99
C ASP D 257 -26.65 7.70 13.35
N VAL D 258 -26.36 6.76 14.24
CA VAL D 258 -24.96 6.48 14.57
C VAL D 258 -24.65 5.34 13.65
N ARG D 259 -23.47 5.35 13.05
CA ARG D 259 -23.06 4.34 12.04
C ARG D 259 -21.86 3.45 12.44
N LYS D 260 -21.32 3.66 13.64
CA LYS D 260 -20.13 2.90 14.10
C LYS D 260 -19.99 3.11 15.55
N ILE D 261 -19.85 2.02 16.28
CA ILE D 261 -19.44 2.10 17.67
C ILE D 261 -17.99 1.61 17.80
N GLY D 262 -17.13 2.36 18.49
CA GLY D 262 -15.80 1.83 18.90
C GLY D 262 -15.91 1.60 20.40
N PHE D 263 -15.66 0.39 20.88
CA PHE D 263 -15.86 0.06 22.31
C PHE D 263 -14.68 -0.61 22.97
N THR D 264 -14.37 -0.16 24.19
CA THR D 264 -13.32 -0.81 24.99
C THR D 264 -13.84 -1.03 26.40
N GLY D 265 -13.72 -2.23 26.94
CA GLY D 265 -14.42 -2.52 28.18
C GLY D 265 -14.52 -4.00 28.45
N SER D 266 -15.54 -4.41 29.15
CA SER D 266 -15.56 -5.81 29.53
C SER D 266 -16.33 -6.68 28.51
N THR D 267 -16.00 -7.98 28.52
CA THR D 267 -16.74 -8.98 27.75
C THR D 267 -18.27 -8.80 27.80
N GLU D 268 -18.89 -8.97 28.96
CA GLU D 268 -20.39 -8.94 29.03
C GLU D 268 -21.01 -7.71 28.33
N VAL D 269 -20.44 -6.54 28.67
CA VAL D 269 -20.87 -5.26 28.12
C VAL D 269 -20.63 -5.13 26.59
N GLY D 270 -19.38 -5.37 26.14
CA GLY D 270 -19.03 -5.50 24.73
C GLY D 270 -20.00 -6.40 23.97
N LYS D 271 -20.17 -7.63 24.47
CA LYS D 271 -21.11 -8.50 23.82
C LYS D 271 -22.50 -7.85 23.56
N HIS D 272 -23.09 -7.23 24.59
N HIS D 272 -23.07 -7.22 24.57
CA HIS D 272 -24.47 -6.66 24.57
CA HIS D 272 -24.46 -6.78 24.46
C HIS D 272 -24.49 -5.52 23.58
C HIS D 272 -24.54 -5.46 23.69
N ILE D 273 -23.43 -4.72 23.62
CA ILE D 273 -23.25 -3.61 22.65
C ILE D 273 -23.29 -4.10 21.18
N MET D 274 -22.47 -5.14 20.84
CA MET D 274 -22.52 -5.74 19.49
C MET D 274 -23.95 -6.21 19.16
N LYS D 275 -24.62 -6.82 20.14
CA LYS D 275 -25.96 -7.33 19.95
C LYS D 275 -26.87 -6.19 19.60
N SER D 276 -26.66 -5.07 20.29
CA SER D 276 -27.44 -3.89 20.05
C SER D 276 -27.14 -3.29 18.68
N CYS D 277 -25.89 -3.24 18.24
CA CYS D 277 -25.60 -2.72 16.93
C CYS D 277 -26.36 -3.49 15.84
N ALA D 278 -26.43 -4.82 16.01
CA ALA D 278 -27.16 -5.69 15.08
C ALA D 278 -28.68 -5.45 15.02
N LEU D 279 -29.33 -5.42 16.17
CA LEU D 279 -30.80 -5.32 16.19
C LEU D 279 -31.38 -3.96 15.71
N SER D 280 -30.56 -2.89 15.77
CA SER D 280 -30.95 -1.58 15.23
C SER D 280 -30.82 -1.42 13.72
N ASN D 281 -29.62 -1.18 13.23
CA ASN D 281 -29.41 -0.69 11.87
C ASN D 281 -28.13 -1.28 11.24
N VAL D 282 -27.57 -2.28 11.92
CA VAL D 282 -26.32 -2.95 11.59
C VAL D 282 -25.21 -1.97 11.46
N LYS D 283 -25.11 -1.08 12.43
CA LYS D 283 -23.85 -0.32 12.59
C LYS D 283 -22.54 -1.17 12.65
N LYS D 284 -21.47 -0.67 12.07
CA LYS D 284 -20.14 -1.18 12.34
C LYS D 284 -19.72 -1.12 13.82
N VAL D 285 -19.01 -2.13 14.34
CA VAL D 285 -18.45 -2.07 15.68
C VAL D 285 -16.97 -2.53 15.83
N SER D 286 -16.21 -1.88 16.67
CA SER D 286 -14.93 -2.45 17.15
C SER D 286 -15.10 -2.71 18.64
N LEU D 287 -14.50 -3.82 19.08
CA LEU D 287 -14.52 -4.35 20.44
C LEU D 287 -13.07 -4.65 20.85
N GLU D 288 -12.70 -4.20 22.04
CA GLU D 288 -11.41 -4.50 22.68
C GLU D 288 -11.84 -4.87 24.06
N LEU D 289 -11.79 -6.17 24.37
CA LEU D 289 -12.40 -6.71 25.58
C LEU D 289 -11.43 -7.24 26.68
N GLY D 290 -10.27 -6.61 26.86
CA GLY D 290 -9.33 -7.08 27.88
C GLY D 290 -8.44 -8.23 27.42
N GLY D 291 -7.69 -8.80 28.38
CA GLY D 291 -6.64 -9.76 28.08
C GLY D 291 -6.18 -10.58 29.25
N LYS D 292 -5.63 -11.77 28.96
CA LYS D 292 -4.98 -12.63 29.95
C LYS D 292 -3.60 -12.96 29.41
N SER D 293 -2.83 -11.90 29.23
CA SER D 293 -1.63 -11.98 28.43
C SER D 293 -0.43 -12.74 29.02
N PRO D 294 0.02 -13.79 28.33
CA PRO D 294 1.08 -14.58 28.85
C PRO D 294 2.38 -13.95 28.48
N LEU D 295 3.26 -13.80 29.47
CA LEU D 295 4.70 -13.45 29.34
C LEU D 295 5.57 -14.67 29.63
N ILE D 296 6.32 -15.17 28.65
CA ILE D 296 7.16 -16.39 28.82
C ILE D 296 8.63 -16.03 29.01
N ILE D 297 9.19 -16.34 30.18
CA ILE D 297 10.59 -15.94 30.47
C ILE D 297 11.57 -17.11 30.44
N PHE D 298 12.44 -17.07 29.45
CA PHE D 298 13.40 -18.17 29.30
C PHE D 298 14.63 -17.97 30.20
N ALA D 299 15.23 -19.11 30.56
CA ALA D 299 16.47 -19.19 31.34
C ALA D 299 17.59 -18.42 30.71
N ASP D 300 17.71 -18.42 29.38
CA ASP D 300 18.85 -17.68 28.73
C ASP D 300 18.73 -16.17 28.67
N CYS D 301 17.70 -15.60 29.30
CA CYS D 301 17.39 -14.15 29.24
C CYS D 301 18.32 -13.32 30.11
N ASP D 302 18.23 -11.99 30.04
CA ASP D 302 19.07 -11.19 30.97
C ASP D 302 18.23 -11.02 32.23
N LEU D 303 18.58 -11.80 33.25
CA LEU D 303 17.78 -11.94 34.47
C LEU D 303 17.45 -10.64 35.17
N ASN D 304 18.39 -9.72 35.27
CA ASN D 304 18.02 -8.47 35.92
C ASN D 304 17.05 -7.63 35.07
N LYS D 305 17.35 -7.41 33.79
CA LYS D 305 16.37 -6.81 32.90
C LYS D 305 15.05 -7.55 32.94
N ALA D 306 15.09 -8.87 33.01
CA ALA D 306 13.87 -9.68 33.01
C ALA D 306 13.05 -9.35 34.23
N VAL D 307 13.74 -8.98 35.30
CA VAL D 307 13.03 -8.68 36.51
C VAL D 307 12.33 -7.31 36.50
N GLN D 308 13.06 -6.28 36.05
CA GLN D 308 12.57 -4.93 35.89
C GLN D 308 11.44 -4.89 34.84
N MET D 309 11.70 -5.49 33.68
CA MET D 309 10.70 -5.51 32.64
C MET D 309 9.53 -6.38 33.11
N GLY D 310 9.85 -7.43 33.87
CA GLY D 310 8.84 -8.27 34.54
C GLY D 310 7.95 -7.51 35.53
N MET D 311 8.61 -6.76 36.44
CA MET D 311 7.95 -5.86 37.38
C MET D 311 6.99 -5.03 36.58
N SER D 312 7.54 -4.19 35.70
CA SER D 312 6.73 -3.26 34.88
C SER D 312 5.60 -3.98 34.11
N SER D 313 5.87 -5.19 33.63
CA SER D 313 4.89 -5.87 32.86
C SER D 313 3.57 -6.01 33.62
N VAL D 314 3.64 -6.11 34.95
CA VAL D 314 2.44 -6.25 35.82
C VAL D 314 2.07 -4.91 36.56
N PHE D 315 3.07 -4.23 37.10
CA PHE D 315 2.77 -3.10 37.99
C PHE D 315 2.46 -1.75 37.31
N PHE D 316 2.87 -1.56 36.05
CA PHE D 316 2.71 -0.26 35.36
C PHE D 316 1.27 0.27 35.49
N ASN D 317 1.10 1.58 35.78
CA ASN D 317 -0.23 2.16 36.05
C ASN D 317 -1.07 1.27 37.03
N LYS D 318 -0.48 0.95 38.20
CA LYS D 318 -1.01 -0.02 39.16
C LYS D 318 -1.80 -1.18 38.55
N GLY D 319 -1.25 -1.71 37.44
CA GLY D 319 -1.81 -2.86 36.76
C GLY D 319 -3.10 -2.64 35.97
N GLU D 320 -3.66 -1.43 36.01
CA GLU D 320 -4.95 -1.14 35.36
C GLU D 320 -4.62 -0.77 33.89
N ASN D 321 -4.71 -1.80 33.01
CA ASN D 321 -3.95 -1.91 31.75
C ASN D 321 -4.38 -3.16 30.96
N ALA D 322 -5.11 -2.96 29.85
CA ALA D 322 -5.68 -4.13 29.18
C ALA D 322 -4.61 -5.11 28.73
N ILE D 323 -3.38 -4.63 28.53
CA ILE D 323 -2.31 -5.49 28.05
C ILE D 323 -1.36 -6.08 29.06
N ALA D 324 -1.63 -5.96 30.36
CA ALA D 324 -0.64 -6.39 31.38
C ALA D 324 -0.41 -7.87 31.32
N ALA D 325 0.81 -8.27 31.66
CA ALA D 325 1.13 -9.67 31.79
C ALA D 325 0.26 -10.33 32.92
N GLY D 326 -0.78 -11.04 32.53
CA GLY D 326 -1.58 -11.71 33.52
C GLY D 326 -1.16 -13.12 33.89
N ARG D 327 -0.13 -13.67 33.25
CA ARG D 327 0.57 -14.92 33.69
C ARG D 327 1.99 -14.72 33.30
N LEU D 328 2.92 -14.99 34.21
CA LEU D 328 4.33 -15.11 33.83
C LEU D 328 4.71 -16.58 33.92
N PHE D 329 5.13 -17.19 32.81
CA PHE D 329 5.69 -18.56 32.87
C PHE D 329 7.21 -18.51 32.99
N VAL D 330 7.80 -19.05 34.05
CA VAL D 330 9.26 -18.95 34.20
C VAL D 330 9.96 -20.33 34.15
N GLU D 331 11.10 -20.40 33.46
CA GLU D 331 11.80 -21.66 33.20
C GLU D 331 12.35 -22.21 34.54
N GLU D 332 12.09 -23.50 34.84
CA GLU D 332 12.44 -24.13 36.14
C GLU D 332 13.80 -23.65 36.64
N SER D 333 14.84 -23.77 35.82
CA SER D 333 16.18 -23.49 36.34
C SER D 333 16.32 -22.09 36.97
N ILE D 334 15.53 -21.10 36.52
CA ILE D 334 15.64 -19.75 37.10
C ILE D 334 14.40 -19.22 37.89
N HIS D 335 13.33 -20.03 37.98
CA HIS D 335 12.12 -19.64 38.73
C HIS D 335 12.36 -19.09 40.14
N ASN D 336 13.14 -19.82 40.94
CA ASN D 336 13.29 -19.55 42.37
C ASN D 336 14.12 -18.29 42.52
N GLN D 337 15.21 -18.20 41.74
CA GLN D 337 15.98 -16.96 41.70
C GLN D 337 15.17 -15.70 41.19
N PHE D 338 14.23 -15.93 40.26
CA PHE D 338 13.37 -14.84 39.77
C PHE D 338 12.47 -14.32 40.89
N VAL D 339 11.76 -15.21 41.57
CA VAL D 339 10.88 -14.78 42.64
C VAL D 339 11.67 -14.07 43.73
N GLN D 340 12.81 -14.66 44.14
CA GLN D 340 13.65 -13.97 45.17
C GLN D 340 13.90 -12.48 44.77
N LYS D 341 14.27 -12.23 43.50
CA LYS D 341 14.53 -10.87 43.02
C LYS D 341 13.29 -9.99 42.92
N VAL D 342 12.21 -10.53 42.36
CA VAL D 342 11.00 -9.73 42.18
C VAL D 342 10.61 -9.15 43.52
N VAL D 343 10.78 -9.97 44.57
CA VAL D 343 10.36 -9.65 45.93
C VAL D 343 11.15 -8.49 46.55
N GLU D 344 12.46 -8.51 46.37
CA GLU D 344 13.32 -7.42 46.77
C GLU D 344 12.86 -6.12 46.13
N GLU D 345 12.51 -6.19 44.87
CA GLU D 345 12.12 -4.98 44.16
C GLU D 345 10.76 -4.49 44.65
N VAL D 346 9.77 -5.40 44.71
CA VAL D 346 8.40 -5.09 45.19
C VAL D 346 8.50 -4.29 46.50
N GLU D 347 9.57 -4.61 47.25
CA GLU D 347 9.79 -4.08 48.60
C GLU D 347 10.34 -2.65 48.54
N LYS D 348 11.17 -2.33 47.56
CA LYS D 348 11.59 -0.95 47.41
C LYS D 348 10.52 -0.08 46.79
N MET D 349 9.34 -0.60 46.48
CA MET D 349 8.31 0.29 45.90
C MET D 349 7.77 1.34 46.88
N LYS D 350 7.99 2.62 46.60
CA LYS D 350 7.27 3.64 47.37
C LYS D 350 5.77 3.77 47.06
N ILE D 351 4.89 3.55 48.04
CA ILE D 351 3.45 3.69 47.86
C ILE D 351 2.95 5.01 48.38
N GLY D 352 2.05 5.67 47.67
CA GLY D 352 1.68 7.02 48.13
C GLY D 352 0.79 7.88 47.26
N ASN D 353 0.56 9.14 47.71
CA ASN D 353 -0.22 10.15 46.97
C ASN D 353 0.45 10.35 45.61
N PRO D 354 -0.34 10.19 44.54
CA PRO D 354 0.10 10.34 43.19
C PRO D 354 0.74 11.68 42.92
N LEU D 355 0.44 12.68 43.75
CA LEU D 355 1.07 14.00 43.57
C LEU D 355 2.47 14.13 44.10
N GLU D 356 2.94 13.18 44.89
CA GLU D 356 4.25 13.34 45.53
C GLU D 356 5.34 12.73 44.69
N ARG D 357 6.41 13.52 44.52
CA ARG D 357 7.45 13.26 43.56
C ARG D 357 8.02 11.90 43.64
N ASP D 358 8.20 11.39 44.85
CA ASP D 358 8.87 10.09 45.10
C ASP D 358 7.91 8.88 45.21
N THR D 359 6.60 9.11 45.09
CA THR D 359 5.64 8.01 44.95
C THR D 359 5.87 7.25 43.67
N ASN D 360 5.78 5.92 43.71
CA ASN D 360 5.78 5.18 42.46
C ASN D 360 4.71 4.10 42.39
N HIS D 361 3.83 4.06 43.37
CA HIS D 361 2.68 3.19 43.22
C HIS D 361 1.50 3.95 43.81
N GLY D 362 0.63 4.43 42.92
CA GLY D 362 -0.51 5.20 43.36
C GLY D 362 -1.65 4.27 43.70
N PRO D 363 -2.80 4.84 44.12
CA PRO D 363 -4.04 4.15 44.49
C PRO D 363 -4.73 3.56 43.29
N GLN D 364 -5.54 2.53 43.49
CA GLN D 364 -6.42 1.99 42.49
C GLN D 364 -7.47 3.01 42.12
N ASN D 365 -8.03 2.80 40.95
CA ASN D 365 -8.87 3.80 40.32
C ASN D 365 -10.05 4.12 41.18
N HIS D 366 -10.78 3.11 41.60
CA HIS D 366 -12.05 3.39 42.28
C HIS D 366 -12.43 2.23 43.22
N GLU D 367 -13.26 2.50 44.25
CA GLU D 367 -13.60 1.54 45.30
C GLU D 367 -14.02 0.17 44.81
N ALA D 368 -14.98 0.15 43.90
CA ALA D 368 -15.57 -1.11 43.37
C ALA D 368 -14.52 -2.02 42.80
N HIS D 369 -13.58 -1.41 42.07
CA HIS D 369 -12.48 -2.14 41.47
C HIS D 369 -11.58 -2.67 42.57
N LEU D 370 -11.16 -1.81 43.49
CA LEU D 370 -10.45 -2.22 44.71
C LEU D 370 -11.12 -3.41 45.41
N ARG D 371 -12.43 -3.36 45.58
CA ARG D 371 -13.13 -4.50 46.18
C ARG D 371 -12.93 -5.80 45.41
N LYS D 372 -13.05 -5.74 44.06
CA LYS D 372 -12.85 -6.94 43.21
C LYS D 372 -11.41 -7.47 43.35
N LEU D 373 -10.46 -6.58 43.46
CA LEU D 373 -9.10 -7.02 43.62
C LEU D 373 -8.95 -7.86 44.90
N VAL D 374 -9.60 -7.38 45.98
CA VAL D 374 -9.64 -8.10 47.29
C VAL D 374 -10.24 -9.50 47.04
N GLU D 375 -11.50 -9.56 46.59
CA GLU D 375 -12.14 -10.84 46.27
C GLU D 375 -11.24 -11.77 45.44
N TYR D 376 -10.55 -11.20 44.46
CA TYR D 376 -9.76 -11.95 43.51
C TYR D 376 -8.67 -12.67 44.25
N CYS D 377 -7.85 -11.98 45.05
CA CYS D 377 -6.79 -12.71 45.82
C CYS D 377 -7.37 -13.66 46.92
N GLN D 378 -8.55 -13.33 47.46
CA GLN D 378 -9.19 -14.32 48.33
C GLN D 378 -9.27 -15.65 47.57
N ARG D 379 -9.85 -15.66 46.37
CA ARG D 379 -9.99 -16.90 45.61
C ARG D 379 -8.63 -17.45 45.20
N GLY D 380 -7.69 -16.56 44.91
CA GLY D 380 -6.33 -17.06 44.57
C GLY D 380 -5.80 -18.00 45.65
N VAL D 381 -5.91 -17.53 46.90
CA VAL D 381 -5.56 -18.29 48.11
C VAL D 381 -6.48 -19.52 48.36
N LYS D 382 -7.78 -19.31 48.36
CA LYS D 382 -8.67 -20.43 48.57
C LYS D 382 -8.33 -21.61 47.65
N GLU D 383 -8.04 -21.33 46.37
CA GLU D 383 -7.93 -22.40 45.36
C GLU D 383 -6.55 -23.04 45.31
N GLY D 384 -5.61 -22.59 46.17
CA GLY D 384 -4.40 -23.37 46.31
C GLY D 384 -3.09 -22.68 45.95
N ALA D 385 -3.17 -21.42 45.54
CA ALA D 385 -1.98 -20.76 45.10
C ALA D 385 -1.15 -20.20 46.29
N THR D 386 0.16 -20.20 46.22
CA THR D 386 0.95 -19.64 47.30
C THR D 386 1.03 -18.10 47.19
N LEU D 387 0.40 -17.36 48.14
CA LEU D 387 0.51 -15.90 48.16
C LEU D 387 1.81 -15.36 48.81
N VAL D 388 2.84 -15.03 48.03
CA VAL D 388 4.15 -14.58 48.52
C VAL D 388 4.24 -13.22 49.21
N CYS D 389 3.35 -12.28 48.85
CA CYS D 389 3.29 -10.90 49.47
C CYS D 389 2.09 -10.16 48.93
N GLY D 390 1.52 -9.27 49.73
CA GLY D 390 0.40 -8.46 49.33
C GLY D 390 -0.90 -9.20 49.30
N GLY D 391 -1.88 -8.60 48.64
CA GLY D 391 -3.10 -9.29 48.28
C GLY D 391 -4.23 -8.66 49.02
N ASN D 392 -4.02 -7.42 49.48
CA ASN D 392 -4.90 -6.70 50.40
C ASN D 392 -4.89 -5.18 50.22
N GLN D 393 -5.95 -4.55 50.69
CA GLN D 393 -6.02 -3.11 50.75
C GLN D 393 -4.93 -2.58 51.65
N VAL D 394 -4.14 -1.63 51.18
CA VAL D 394 -3.21 -0.99 52.07
C VAL D 394 -4.00 -0.22 53.14
N PRO D 395 -3.62 -0.35 54.46
CA PRO D 395 -4.32 0.39 55.56
C PRO D 395 -3.92 1.84 55.55
N ARG D 396 -4.74 2.64 54.87
CA ARG D 396 -4.58 4.08 54.78
C ARG D 396 -5.83 4.58 54.10
N PRO D 397 -6.00 5.90 53.94
CA PRO D 397 -7.36 6.11 53.35
C PRO D 397 -7.34 6.09 51.82
N GLY D 398 -8.52 6.24 51.22
CA GLY D 398 -8.66 6.07 49.79
C GLY D 398 -8.66 4.60 49.41
N PHE D 399 -8.27 4.29 48.18
CA PHE D 399 -8.33 2.91 47.72
C PHE D 399 -7.07 2.21 47.29
N PHE D 400 -5.98 2.23 48.09
CA PHE D 400 -4.69 1.61 47.67
C PHE D 400 -4.64 0.12 47.80
N PHE D 401 -3.80 -0.54 47.01
CA PHE D 401 -3.66 -2.02 47.06
C PHE D 401 -2.24 -2.39 46.96
N GLN D 402 -1.93 -3.44 47.67
CA GLN D 402 -0.56 -3.83 47.94
C GLN D 402 0.02 -4.63 46.74
N PRO D 403 1.16 -4.17 46.18
CA PRO D 403 1.74 -5.02 45.14
C PRO D 403 1.75 -6.52 45.50
N THR D 404 1.06 -7.35 44.72
CA THR D 404 0.98 -8.79 44.97
C THR D 404 1.75 -9.73 44.03
N VAL D 405 2.27 -10.82 44.59
CA VAL D 405 2.93 -11.89 43.83
C VAL D 405 2.33 -13.22 44.29
N PHE D 406 1.71 -13.99 43.40
CA PHE D 406 1.44 -15.41 43.62
C PHE D 406 2.52 -16.30 42.92
N THR D 407 3.04 -17.36 43.54
CA THR D 407 3.68 -18.45 42.80
C THR D 407 2.83 -19.73 42.90
N ASP D 408 3.29 -20.81 42.28
CA ASP D 408 2.58 -22.09 42.23
C ASP D 408 1.18 -22.03 41.61
N VAL D 409 1.10 -21.34 40.48
CA VAL D 409 -0.21 -21.24 39.81
C VAL D 409 -0.45 -22.41 38.82
N GLU D 410 -1.48 -23.23 39.03
CA GLU D 410 -1.69 -24.37 38.14
C GLU D 410 -2.68 -23.92 37.04
N ASP D 411 -2.53 -24.49 35.84
CA ASP D 411 -3.41 -24.10 34.72
C ASP D 411 -4.93 -24.03 35.04
N HIS D 412 -5.49 -24.92 35.85
CA HIS D 412 -6.98 -24.94 36.01
C HIS D 412 -7.53 -23.81 36.90
N MET D 413 -6.64 -23.11 37.60
CA MET D 413 -7.07 -22.15 38.58
C MET D 413 -7.76 -20.88 38.02
N TYR D 414 -8.65 -20.33 38.83
CA TYR D 414 -9.34 -19.12 38.51
C TYR D 414 -8.34 -18.03 38.20
N ILE D 415 -7.28 -17.92 38.96
CA ILE D 415 -6.42 -16.77 38.75
C ILE D 415 -5.47 -17.00 37.55
N ALA D 416 -5.67 -18.12 36.87
CA ALA D 416 -4.87 -18.42 35.73
C ALA D 416 -5.70 -18.15 34.49
N LYS D 417 -6.98 -17.85 34.67
CA LYS D 417 -7.96 -17.69 33.60
C LYS D 417 -8.51 -16.31 33.60
N GLU D 418 -8.93 -15.81 34.75
CA GLU D 418 -9.61 -14.51 34.82
C GLU D 418 -8.67 -13.30 35.00
C GLU D 418 -8.51 -13.41 34.76
N GLU D 419 -8.87 -12.26 34.19
CA GLU D 419 -8.06 -11.04 34.15
C GLU D 419 -8.32 -10.28 35.43
N SER D 420 -7.25 -9.87 36.14
CA SER D 420 -7.41 -9.17 37.43
C SER D 420 -7.55 -7.67 37.18
N PHE D 421 -6.65 -7.10 36.34
CA PHE D 421 -6.65 -5.67 36.03
C PHE D 421 -6.21 -4.92 37.25
N GLY D 422 -5.48 -5.61 38.14
CA GLY D 422 -4.86 -5.03 39.34
C GLY D 422 -3.38 -5.37 39.34
N PRO D 423 -2.63 -4.97 40.38
CA PRO D 423 -1.20 -5.17 40.41
C PRO D 423 -0.79 -6.50 40.97
N ILE D 424 -1.23 -7.58 40.33
CA ILE D 424 -1.11 -8.93 40.81
C ILE D 424 -0.26 -9.82 39.85
N MET D 425 1.01 -9.96 40.24
CA MET D 425 1.88 -10.84 39.47
C MET D 425 1.57 -12.32 39.69
N ILE D 426 1.15 -13.06 38.66
CA ILE D 426 0.81 -14.46 38.78
C ILE D 426 1.74 -15.50 38.10
N ILE D 427 2.68 -16.12 38.85
CA ILE D 427 3.80 -16.96 38.30
C ILE D 427 3.63 -18.49 38.15
N SER D 428 3.92 -19.07 36.96
CA SER D 428 3.94 -20.55 36.79
C SER D 428 5.28 -21.03 36.29
N ARG D 429 5.74 -22.18 36.80
CA ARG D 429 6.92 -22.89 36.30
C ARG D 429 6.60 -23.59 34.98
N PHE D 430 7.63 -23.75 34.16
CA PHE D 430 7.67 -24.69 33.03
C PHE D 430 9.05 -25.38 32.98
N ALA D 431 9.03 -26.65 32.54
CA ALA D 431 10.20 -27.50 32.50
C ALA D 431 11.26 -26.97 31.53
N ASP D 432 12.50 -26.85 32.02
CA ASP D 432 13.69 -26.52 31.19
C ASP D 432 13.61 -27.17 29.80
N GLY D 433 13.64 -26.33 28.77
CA GLY D 433 13.70 -26.73 27.36
C GLY D 433 12.42 -27.27 26.75
N ASP D 434 11.26 -26.82 27.23
CA ASP D 434 9.96 -27.36 26.76
C ASP D 434 9.10 -26.26 26.16
N VAL D 435 9.29 -26.00 24.88
CA VAL D 435 8.73 -24.84 24.22
C VAL D 435 7.27 -24.94 23.76
N ASP D 436 6.92 -25.99 23.01
CA ASP D 436 5.56 -26.10 22.52
C ASP D 436 4.65 -26.36 23.70
N ALA D 437 5.20 -27.03 24.73
CA ALA D 437 4.39 -27.38 25.90
C ALA D 437 3.96 -26.08 26.60
N VAL D 438 4.89 -25.18 26.88
CA VAL D 438 4.46 -23.93 27.46
C VAL D 438 3.64 -23.05 26.49
N LEU D 439 4.08 -22.94 25.24
CA LEU D 439 3.26 -22.29 24.22
C LEU D 439 1.79 -22.72 24.33
N SER D 440 1.57 -24.01 24.37
CA SER D 440 0.26 -24.57 24.52
C SER D 440 -0.49 -23.97 25.70
N ARG D 441 0.15 -24.00 26.87
CA ARG D 441 -0.46 -23.45 28.08
C ARG D 441 -0.77 -21.94 27.98
N ALA D 442 0.18 -21.18 27.40
CA ALA D 442 0.03 -19.76 27.15
C ALA D 442 -1.15 -19.49 26.21
N ASN D 443 -1.51 -20.45 25.36
CA ASN D 443 -2.60 -20.20 24.37
C ASN D 443 -3.96 -20.70 24.75
N ALA D 444 -4.01 -21.45 25.86
N ALA D 444 -4.11 -21.48 25.83
CA ALA D 444 -5.21 -22.07 26.39
CA ALA D 444 -5.41 -22.19 26.08
C ALA D 444 -6.07 -21.04 27.12
C ALA D 444 -6.64 -21.31 26.39
N THR D 445 -6.43 -20.00 26.40
CA THR D 445 -7.34 -19.04 26.87
C THR D 445 -8.18 -18.49 25.69
N GLU D 446 -9.43 -18.12 26.00
CA GLU D 446 -10.21 -17.39 25.05
C GLU D 446 -9.84 -15.90 24.89
N PHE D 447 -8.92 -15.38 25.72
CA PHE D 447 -8.32 -14.05 25.46
C PHE D 447 -7.24 -14.23 24.44
N GLY D 448 -6.63 -13.11 24.03
CA GLY D 448 -5.61 -13.07 23.02
C GLY D 448 -5.33 -11.67 22.54
N LEU D 449 -4.96 -10.79 23.49
CA LEU D 449 -4.73 -9.40 23.24
C LEU D 449 -3.28 -8.99 23.22
N ALA D 450 -2.49 -9.44 24.22
CA ALA D 450 -1.00 -9.32 24.11
C ALA D 450 -0.19 -10.47 24.64
N SER D 451 1.14 -10.34 24.62
CA SER D 451 2.03 -11.38 25.10
C SER D 451 3.50 -10.94 25.04
N GLY D 452 4.38 -11.74 25.65
CA GLY D 452 5.78 -11.40 25.64
C GLY D 452 6.60 -12.66 25.81
N VAL D 453 7.86 -12.60 25.38
CA VAL D 453 8.82 -13.66 25.57
C VAL D 453 10.15 -12.93 25.90
N PHE D 454 10.83 -13.33 26.96
CA PHE D 454 12.20 -12.86 27.19
C PHE D 454 13.16 -13.96 26.87
N THR D 455 14.19 -13.64 26.09
CA THR D 455 15.14 -14.64 25.61
C THR D 455 16.21 -14.01 24.71
N ARG D 456 17.41 -14.54 24.81
CA ARG D 456 18.54 -14.13 23.99
C ARG D 456 18.66 -15.02 22.74
N ASP D 457 17.90 -16.12 22.69
CA ASP D 457 17.88 -17.03 21.51
C ASP D 457 17.00 -16.52 20.32
N ILE D 458 17.62 -15.92 19.30
CA ILE D 458 16.81 -15.44 18.17
C ILE D 458 15.80 -16.50 17.65
N ASN D 459 16.29 -17.72 17.56
CA ASN D 459 15.50 -18.83 17.11
C ASN D 459 14.28 -19.06 17.97
N LYS D 460 14.46 -19.27 19.28
CA LYS D 460 13.32 -19.27 20.24
C LYS D 460 12.38 -18.04 20.07
N ALA D 461 13.00 -16.86 20.03
CA ALA D 461 12.23 -15.64 20.00
C ALA D 461 11.26 -15.58 18.77
N LEU D 462 11.81 -15.74 17.55
CA LEU D 462 11.04 -15.76 16.34
C LEU D 462 9.97 -16.87 16.28
N TYR D 463 10.34 -18.09 16.69
CA TYR D 463 9.37 -19.22 16.72
C TYR D 463 8.28 -18.94 17.73
N VAL D 464 8.71 -18.47 18.90
CA VAL D 464 7.71 -18.19 19.96
C VAL D 464 6.65 -17.16 19.54
N SER D 465 7.09 -16.06 18.90
CA SER D 465 6.19 -15.03 18.35
C SER D 465 5.28 -15.47 17.20
N ASP D 466 5.68 -16.50 16.44
CA ASP D 466 4.74 -17.04 15.45
C ASP D 466 3.58 -17.70 16.15
N LYS D 467 3.99 -18.51 17.15
CA LYS D 467 3.11 -19.49 17.71
C LYS D 467 2.13 -18.90 18.69
N LEU D 468 2.48 -17.76 19.30
CA LEU D 468 1.59 -17.12 20.30
C LEU D 468 0.32 -16.59 19.69
N GLN D 469 -0.83 -17.12 20.10
CA GLN D 469 -2.12 -16.63 19.60
C GLN D 469 -2.51 -15.20 20.16
N ALA D 470 -1.77 -14.15 19.82
CA ALA D 470 -2.06 -12.83 20.39
C ALA D 470 -1.89 -11.64 19.43
N GLY D 471 -2.77 -10.63 19.56
CA GLY D 471 -2.62 -9.30 18.96
C GLY D 471 -1.29 -8.54 18.96
N THR D 472 -0.51 -8.63 20.03
CA THR D 472 0.81 -7.99 20.06
C THR D 472 1.75 -9.03 20.69
N VAL D 473 3.01 -9.13 20.22
CA VAL D 473 3.98 -9.95 20.92
C VAL D 473 5.15 -9.04 21.23
N PHE D 474 5.55 -8.96 22.49
CA PHE D 474 6.74 -8.17 22.78
C PHE D 474 7.92 -9.12 22.88
N ILE D 475 9.12 -8.68 22.46
CA ILE D 475 10.33 -9.52 22.55
C ILE D 475 11.43 -8.78 23.31
N ASN D 476 11.76 -9.22 24.51
CA ASN D 476 12.71 -8.48 25.40
C ASN D 476 12.34 -7.07 25.79
N THR D 477 11.03 -6.85 25.94
CA THR D 477 10.44 -5.61 26.44
C THR D 477 8.97 -5.90 26.75
N TYR D 478 8.23 -4.91 27.22
CA TYR D 478 6.80 -5.10 27.49
C TYR D 478 6.17 -3.74 27.66
N ASN D 479 4.87 -3.66 27.41
CA ASN D 479 4.13 -2.35 27.38
C ASN D 479 4.70 -1.32 26.42
N LYS D 480 5.45 -1.77 25.43
CA LYS D 480 6.05 -0.87 24.48
C LYS D 480 5.07 -0.63 23.29
N THR D 481 3.92 0.03 23.59
CA THR D 481 3.00 0.55 22.59
C THR D 481 3.62 1.80 22.00
N ASP D 482 3.14 2.14 20.82
CA ASP D 482 3.57 3.28 20.05
C ASP D 482 2.38 3.67 19.14
N VAL D 483 2.25 4.97 18.86
CA VAL D 483 1.05 5.50 18.17
C VAL D 483 0.95 5.00 16.70
N ALA D 484 2.07 4.45 16.20
CA ALA D 484 2.23 4.00 14.85
C ALA D 484 1.99 2.53 14.79
N ALA D 485 1.93 1.89 15.97
CA ALA D 485 1.82 0.43 16.01
C ALA D 485 0.41 -0.07 16.36
N PRO D 486 -0.29 -0.76 15.43
CA PRO D 486 -1.70 -1.16 15.67
C PRO D 486 -1.94 -2.10 16.86
N PHE D 487 -3.05 -1.85 17.57
CA PHE D 487 -3.33 -2.41 18.86
C PHE D 487 -4.75 -3.08 18.97
N GLY D 488 -4.85 -4.38 19.00
CA GLY D 488 -6.22 -4.96 19.09
C GLY D 488 -6.04 -6.42 19.34
N GLY D 489 -7.13 -7.08 19.66
CA GLY D 489 -7.04 -8.45 20.03
C GLY D 489 -7.64 -9.41 19.04
N PHE D 490 -7.29 -10.69 19.30
CA PHE D 490 -7.92 -11.88 18.73
C PHE D 490 -8.85 -12.64 19.68
N LYS D 491 -9.47 -13.68 19.13
CA LYS D 491 -10.56 -14.42 19.77
C LYS D 491 -11.54 -13.49 20.51
N GLN D 492 -11.71 -13.76 21.80
CA GLN D 492 -12.71 -13.07 22.59
C GLN D 492 -12.20 -11.76 23.13
N SER D 493 -10.95 -11.41 22.85
CA SER D 493 -10.51 -10.08 23.26
C SER D 493 -10.98 -9.06 22.26
N GLY D 494 -11.68 -9.46 21.21
CA GLY D 494 -12.26 -8.50 20.25
C GLY D 494 -11.86 -8.64 18.81
N PHE D 495 -12.05 -7.54 18.07
CA PHE D 495 -11.50 -7.35 16.74
C PHE D 495 -11.34 -5.87 16.50
N GLY D 496 -10.44 -5.46 15.61
CA GLY D 496 -10.39 -4.06 15.20
C GLY D 496 -9.16 -3.42 15.82
N LYS D 497 -8.51 -2.48 15.12
CA LYS D 497 -7.29 -1.86 15.76
C LYS D 497 -7.42 -0.42 16.24
N ASP D 498 -6.65 -0.11 17.27
CA ASP D 498 -6.33 1.25 17.64
C ASP D 498 -4.84 1.51 17.29
N LEU D 499 -4.56 2.76 16.93
CA LEU D 499 -3.18 3.16 16.71
C LEU D 499 -2.76 2.65 15.35
N GLY D 500 -1.79 3.33 14.76
CA GLY D 500 -1.33 2.95 13.43
C GLY D 500 -2.21 3.26 12.25
N GLU D 501 -1.70 2.99 11.06
CA GLU D 501 -2.49 3.16 9.85
C GLU D 501 -3.72 2.30 9.94
N ALA D 502 -3.58 1.06 10.39
CA ALA D 502 -4.78 0.20 10.57
C ALA D 502 -6.04 0.81 11.29
N ALA D 503 -5.81 1.65 12.28
CA ALA D 503 -6.91 2.33 12.93
C ALA D 503 -7.85 3.04 11.93
N LEU D 504 -7.29 3.65 10.91
CA LEU D 504 -8.12 4.48 10.04
C LEU D 504 -9.24 3.67 9.38
N ASN D 505 -8.90 2.42 9.13
CA ASN D 505 -9.80 1.50 8.54
C ASN D 505 -11.10 1.29 9.26
N GLU D 506 -11.08 1.27 10.58
CA GLU D 506 -12.34 1.14 11.33
C GLU D 506 -13.30 2.36 11.14
N TYR D 507 -12.84 3.47 10.58
CA TYR D 507 -13.62 4.69 10.58
C TYR D 507 -13.86 5.15 9.13
N LEU D 508 -13.38 4.35 8.16
CA LEU D 508 -13.53 4.68 6.72
C LEU D 508 -14.48 3.73 5.99
N ARG D 509 -15.21 4.19 4.97
CA ARG D 509 -15.84 3.27 4.00
C ARG D 509 -15.17 3.35 2.60
N ILE D 510 -15.38 2.32 1.79
CA ILE D 510 -14.81 2.23 0.52
C ILE D 510 -15.92 2.25 -0.50
N LYS D 511 -15.84 3.17 -1.44
CA LYS D 511 -16.88 3.32 -2.51
C LYS D 511 -16.23 2.94 -3.79
N THR D 512 -16.80 2.04 -4.59
CA THR D 512 -16.21 1.63 -5.87
C THR D 512 -16.92 2.36 -7.02
N VAL D 513 -16.17 3.05 -7.90
CA VAL D 513 -16.83 3.76 -9.02
C VAL D 513 -16.33 3.14 -10.28
N THR D 514 -17.22 2.72 -11.16
CA THR D 514 -16.87 2.04 -12.38
C THR D 514 -17.57 2.77 -13.53
N PHE D 515 -16.77 3.35 -14.43
CA PHE D 515 -17.25 4.07 -15.61
C PHE D 515 -17.13 3.14 -16.82
N GLU D 516 -17.98 3.28 -17.81
CA GLU D 516 -17.69 2.72 -19.11
C GLU D 516 -17.62 3.87 -20.09
N TYR D 517 -16.76 3.80 -21.10
CA TYR D 517 -16.67 4.90 -22.05
C TYR D 517 -16.17 4.55 -23.48
#